data_2DEB
#
_entry.id   2DEB
#
_cell.length_a   95.180
_cell.length_b   97.290
_cell.length_c   310.440
_cell.angle_alpha   90.00
_cell.angle_beta   90.00
_cell.angle_gamma   90.00
#
_symmetry.space_group_name_H-M   'C 2 2 21'
#
loop_
_entity.id
_entity.type
_entity.pdbx_description
1 polymer 'Carnitine O-palmitoyltransferase II, mitochondrial'
2 non-polymer 'COENZYME A'
3 non-polymer 'PALMITIC ACID'
4 non-polymer 'octyl beta-D-glucopyranoside'
5 water water
#
_entity_poly.entity_id   1
_entity_poly.type   'polypeptide(L)'
_entity_poly.pdbx_seq_one_letter_code
;MGSSHHHHHHSSGLVPRGSHMAVSGPDDYLQHSIVPT(MSE)HYQDSLPRLPIPKLEDT(MSE)KRYLNAQKPLLDDSQF
RRTEALCKNFETGVGKELHAHLLAQDKQNKHTSYISGPWFD(MSE)YLTARDSIVLNFNPF(MSE)AFNPDPKSEYNDQL
TRATNLTVSAVRFLKTLQAGLLEPEVFHLNPSKSDTDAFKRLIRFVPPSLSWYGAYLVNAYPLD(MSE)SQYFRLFNSTR
IPRPNRDELFTDTKARHLLVLRKGHFYVFDVLDQDGNIVNPLEIQAHLKYILSDSSPVPEFPVAYLTSENRDVWAELRQK
LIFDGNEETLKKVDSAVFCLCLDDFP(MSE)KDLIHLSHT(MSE)LHGDGTNRWFDKSFNLIVAEDGTAAVHFEHSWGDG
VAVLRFFNEVFRDSTQTPAITPQSQPAATNSSASVETLSFNLSGALKAGITAAKEKFDTTVKTLSIDSIQFQRGGKEFLK
KKQLSPDAVAQLAFQ(MSE)AFLRQYGQTVATYESCSTAAFKHGRTETIRPASIFTKRCSEAFVRDPSKHSVGELQH
(MSE)(MSE)AECSKYHGQLTKEAA(MSE)GQGFDRHLYALRYLATARGLNLPELYLDPAYQQ(MSE)NHNILSTSTLNS
PAVSLGGFAPVVPDGFGIAYAVHDDWIGCNVSSYSGRNAREFLHCVQKCLEDIFDALEGKAIKT
;
_entity_poly.pdbx_strand_id   A,B
#
loop_
_chem_comp.id
_chem_comp.type
_chem_comp.name
_chem_comp.formula
BOG D-saccharide 'octyl beta-D-glucopyranoside' 'C14 H28 O6'
COA non-polymer 'COENZYME A' 'C21 H36 N7 O16 P3 S'
PLM non-polymer 'PALMITIC ACID' 'C16 H32 O2'
#
# COMPACT_ATOMS: atom_id res chain seq x y z
N ASP A 27 25.11 -13.50 11.22
CA ASP A 27 25.01 -14.68 12.13
C ASP A 27 23.65 -15.38 11.98
N ASP A 28 23.35 -16.32 12.88
CA ASP A 28 22.12 -17.08 12.81
C ASP A 28 21.02 -16.51 13.71
N TYR A 29 21.11 -15.21 14.00
CA TYR A 29 20.11 -14.52 14.82
C TYR A 29 19.39 -13.46 14.02
N LEU A 30 18.10 -13.29 14.28
CA LEU A 30 17.30 -12.34 13.54
C LEU A 30 17.09 -11.02 14.31
N GLN A 31 17.71 -10.92 15.48
CA GLN A 31 17.73 -9.68 16.25
C GLN A 31 18.93 -9.71 17.16
N HIS A 32 19.41 -8.53 17.54
CA HIS A 32 20.64 -8.40 18.33
C HIS A 32 20.43 -7.38 19.46
N SER A 33 19.48 -7.67 20.33
CA SER A 33 19.14 -6.78 21.44
C SER A 33 20.27 -6.63 22.44
N ILE A 34 20.64 -5.38 22.76
CA ILE A 34 21.58 -5.15 23.86
C ILE A 34 20.90 -5.24 25.24
N VAL A 35 19.57 -5.09 25.27
CA VAL A 35 18.79 -5.35 26.48
C VAL A 35 18.37 -6.83 26.49
N PRO A 36 18.76 -7.59 27.53
CA PRO A 36 18.38 -9.01 27.56
C PRO A 36 16.89 -9.20 27.40
N THR A 37 16.47 -10.19 26.62
CA THR A 37 15.04 -10.39 26.36
C THR A 37 14.19 -10.32 27.64
N MSE A 38 14.68 -10.93 28.72
CA MSE A 38 13.86 -11.08 29.92
C MSE A 38 14.18 -10.03 31.00
O MSE A 38 13.85 -10.22 32.17
CB MSE A 38 14.04 -12.49 30.51
CG MSE A 38 13.70 -13.62 29.54
SE MSE A 38 11.80 -13.54 29.07
CE MSE A 38 11.18 -14.91 30.27
N HIS A 39 14.77 -8.92 30.55
CA HIS A 39 15.29 -7.88 31.45
C HIS A 39 14.26 -7.31 32.42
N TYR A 40 13.02 -7.24 31.99
CA TYR A 40 11.95 -6.57 32.76
C TYR A 40 11.11 -7.52 33.58
N GLN A 41 11.32 -8.82 33.44
CA GLN A 41 10.41 -9.78 34.01
C GLN A 41 10.32 -9.73 35.54
N ASP A 42 11.45 -9.47 36.20
CA ASP A 42 11.50 -9.52 37.67
C ASP A 42 10.74 -8.35 38.31
N SER A 43 10.60 -7.25 37.58
CA SER A 43 10.02 -6.04 38.15
C SER A 43 8.67 -5.63 37.57
N LEU A 44 8.04 -6.52 36.79
CA LEU A 44 6.70 -6.22 36.30
C LEU A 44 5.71 -6.03 37.46
N PRO A 45 4.79 -5.06 37.32
CA PRO A 45 3.83 -4.83 38.37
C PRO A 45 2.83 -5.98 38.51
N ARG A 46 2.30 -6.13 39.72
CA ARG A 46 1.34 -7.18 40.01
C ARG A 46 -0.03 -6.88 39.40
N LEU A 47 -0.70 -7.92 38.92
CA LEU A 47 -2.04 -7.76 38.32
C LEU A 47 -3.03 -7.34 39.40
N PRO A 48 -3.69 -6.19 39.23
CA PRO A 48 -4.69 -5.77 40.20
C PRO A 48 -5.91 -6.67 40.26
N ILE A 49 -6.52 -6.72 41.44
CA ILE A 49 -7.84 -7.33 41.62
C ILE A 49 -8.79 -6.17 41.91
N PRO A 50 -9.89 -6.06 41.13
CA PRO A 50 -10.83 -4.98 41.38
C PRO A 50 -11.51 -5.04 42.75
N LYS A 51 -12.06 -3.91 43.18
CA LYS A 51 -12.98 -3.88 44.31
C LYS A 51 -14.25 -4.64 43.94
N LEU A 52 -14.82 -5.40 44.86
CA LEU A 52 -15.98 -6.21 44.55
C LEU A 52 -17.16 -5.34 44.12
N GLU A 53 -17.36 -4.19 44.78
CA GLU A 53 -18.40 -3.24 44.38
C GLU A 53 -18.30 -2.82 42.92
N ASP A 54 -17.07 -2.60 42.43
CA ASP A 54 -16.88 -2.18 41.04
C ASP A 54 -17.21 -3.31 40.08
N THR A 55 -16.77 -4.51 40.42
CA THR A 55 -17.02 -5.70 39.60
C THR A 55 -18.51 -5.97 39.48
N MSE A 56 -19.26 -5.84 40.57
CA MSE A 56 -20.71 -5.99 40.48
C MSE A 56 -21.39 -4.90 39.63
O MSE A 56 -22.27 -5.21 38.85
CB MSE A 56 -21.36 -6.12 41.87
CG MSE A 56 -21.75 -7.60 42.17
SE MSE A 56 -20.26 -8.87 42.11
CE MSE A 56 -20.14 -8.89 44.04
N LYS A 57 -20.95 -3.66 39.75
CA LYS A 57 -21.50 -2.57 38.93
C LYS A 57 -21.22 -2.81 37.44
N ARG A 58 -20.00 -3.25 37.14
CA ARG A 58 -19.61 -3.50 35.75
C ARG A 58 -20.34 -4.69 35.16
N TYR A 59 -20.49 -5.75 35.94
CA TYR A 59 -21.28 -6.91 35.53
C TYR A 59 -22.70 -6.47 35.18
N LEU A 60 -23.32 -5.67 36.06
CA LEU A 60 -24.66 -5.22 35.80
C LEU A 60 -24.73 -4.29 34.60
N ASN A 61 -23.74 -3.41 34.43
CA ASN A 61 -23.68 -2.52 33.27
C ASN A 61 -23.67 -3.30 31.95
N ALA A 62 -22.93 -4.40 31.93
CA ALA A 62 -22.87 -5.27 30.77
C ALA A 62 -24.15 -6.09 30.58
N GLN A 63 -24.87 -6.34 31.66
CA GLN A 63 -26.12 -7.10 31.59
C GLN A 63 -27.28 -6.22 31.10
N LYS A 64 -27.19 -4.91 31.34
CA LYS A 64 -28.31 -4.02 31.03
C LYS A 64 -28.84 -4.15 29.59
N PRO A 65 -27.94 -4.12 28.58
CA PRO A 65 -28.42 -4.29 27.19
C PRO A 65 -28.96 -5.69 26.85
N LEU A 66 -28.64 -6.70 27.67
CA LEU A 66 -28.91 -8.09 27.35
C LEU A 66 -30.19 -8.62 27.93
N LEU A 67 -30.60 -8.06 29.05
CA LEU A 67 -31.71 -8.60 29.81
C LEU A 67 -32.92 -7.70 29.71
N ASP A 68 -34.11 -8.30 29.78
CA ASP A 68 -35.31 -7.51 29.93
C ASP A 68 -35.38 -7.00 31.38
N ASP A 69 -36.24 -6.02 31.62
CA ASP A 69 -36.33 -5.38 32.95
C ASP A 69 -36.52 -6.38 34.10
N SER A 70 -37.37 -7.39 33.90
CA SER A 70 -37.67 -8.40 34.89
C SER A 70 -36.44 -9.25 35.23
N GLN A 71 -35.75 -9.70 34.19
CA GLN A 71 -34.52 -10.49 34.34
C GLN A 71 -33.45 -9.67 35.03
N PHE A 72 -33.32 -8.42 34.63
CA PHE A 72 -32.30 -7.54 35.21
C PHE A 72 -32.54 -7.32 36.71
N ARG A 73 -33.78 -7.05 37.10
CA ARG A 73 -34.10 -6.95 38.52
C ARG A 73 -33.74 -8.19 39.31
N ARG A 74 -33.98 -9.38 38.73
CA ARG A 74 -33.60 -10.63 39.39
C ARG A 74 -32.08 -10.75 39.55
N THR A 75 -31.33 -10.44 38.50
CA THR A 75 -29.88 -10.50 38.56
C THR A 75 -29.32 -9.46 39.54
N GLU A 76 -29.93 -8.28 39.57
CA GLU A 76 -29.57 -7.21 40.49
C GLU A 76 -29.69 -7.70 41.94
N ALA A 77 -30.77 -8.42 42.22
CA ALA A 77 -31.01 -8.95 43.56
C ALA A 77 -29.97 -10.01 43.93
N LEU A 78 -29.61 -10.87 42.98
CA LEU A 78 -28.57 -11.88 43.22
C LEU A 78 -27.22 -11.22 43.45
N CYS A 79 -26.95 -10.14 42.72
CA CYS A 79 -25.69 -9.39 42.86
C CYS A 79 -25.57 -8.78 44.26
N LYS A 80 -26.67 -8.22 44.74
CA LYS A 80 -26.73 -7.66 46.09
C LYS A 80 -26.45 -8.72 47.15
N ASN A 81 -27.08 -9.87 47.03
CA ASN A 81 -26.84 -11.00 47.95
C ASN A 81 -25.40 -11.53 47.88
N PHE A 82 -24.86 -11.62 46.66
CA PHE A 82 -23.48 -12.08 46.48
C PHE A 82 -22.49 -11.15 47.14
N GLU A 83 -22.66 -9.85 46.89
CA GLU A 83 -21.72 -8.83 47.32
C GLU A 83 -21.69 -8.69 48.85
N THR A 84 -22.80 -9.02 49.51
CA THR A 84 -22.90 -8.93 50.97
C THR A 84 -22.63 -10.26 51.67
N GLY A 85 -22.63 -11.36 50.93
CA GLY A 85 -22.54 -12.69 51.52
C GLY A 85 -21.38 -13.50 51.00
N VAL A 86 -21.68 -14.58 50.29
CA VAL A 86 -20.66 -15.53 49.88
C VAL A 86 -19.58 -14.89 48.98
N GLY A 87 -19.98 -13.99 48.09
CA GLY A 87 -19.02 -13.29 47.24
C GLY A 87 -18.07 -12.43 48.02
N LYS A 88 -18.57 -11.71 49.02
CA LYS A 88 -17.70 -10.94 49.92
C LYS A 88 -16.64 -11.84 50.55
N GLU A 89 -17.06 -13.02 51.00
CA GLU A 89 -16.15 -13.95 51.63
C GLU A 89 -15.13 -14.57 50.66
N LEU A 90 -15.60 -14.98 49.48
CA LEU A 90 -14.68 -15.44 48.43
C LEU A 90 -13.66 -14.38 48.04
N HIS A 91 -14.08 -13.14 47.98
CA HIS A 91 -13.20 -12.05 47.58
C HIS A 91 -12.12 -11.82 48.64
N ALA A 92 -12.54 -11.81 49.90
CA ALA A 92 -11.61 -11.70 51.00
C ALA A 92 -10.55 -12.77 50.87
N HIS A 93 -10.99 -14.01 50.63
CA HIS A 93 -10.07 -15.12 50.49
C HIS A 93 -9.19 -15.04 49.23
N LEU A 94 -9.76 -14.57 48.12
CA LEU A 94 -9.00 -14.36 46.90
C LEU A 94 -7.86 -13.37 47.10
N LEU A 95 -8.14 -12.27 47.79
CA LEU A 95 -7.12 -11.24 48.07
C LEU A 95 -6.02 -11.77 48.96
N ALA A 96 -6.41 -12.51 50.00
CA ALA A 96 -5.44 -13.11 50.91
C ALA A 96 -4.52 -14.07 50.18
N GLN A 97 -5.13 -14.93 49.35
CA GLN A 97 -4.38 -15.88 48.53
C GLN A 97 -3.42 -15.17 47.59
N ASP A 98 -3.89 -14.07 47.00
CA ASP A 98 -3.04 -13.30 46.11
C ASP A 98 -1.81 -12.77 46.84
N LYS A 99 -2.02 -12.26 48.05
CA LYS A 99 -0.92 -11.70 48.86
C LYS A 99 0.12 -12.76 49.29
N GLN A 100 -0.30 -14.02 49.32
CA GLN A 100 0.60 -15.14 49.62
C GLN A 100 1.28 -15.68 48.36
N ASN A 101 0.82 -15.24 47.20
CA ASN A 101 1.34 -15.72 45.92
C ASN A 101 1.75 -14.56 45.01
N LYS A 102 2.56 -13.66 45.55
CA LYS A 102 2.97 -12.43 44.85
C LYS A 102 3.90 -12.65 43.65
N HIS A 103 4.41 -13.86 43.52
CA HIS A 103 5.26 -14.24 42.40
C HIS A 103 4.49 -14.45 41.11
N THR A 104 3.16 -14.49 41.21
CA THR A 104 2.32 -14.75 40.04
C THR A 104 1.10 -13.83 40.06
N SER A 105 0.14 -14.09 39.18
CA SER A 105 -1.13 -13.36 39.17
C SER A 105 -2.26 -14.25 39.64
N TYR A 106 -3.37 -13.63 40.06
CA TYR A 106 -4.48 -14.38 40.61
C TYR A 106 -5.20 -15.17 39.54
N ILE A 107 -5.00 -14.75 38.29
CA ILE A 107 -5.78 -15.29 37.18
C ILE A 107 -5.09 -16.38 36.35
N SER A 108 -3.76 -16.39 36.34
CA SER A 108 -3.05 -17.24 35.36
C SER A 108 -3.32 -18.73 35.56
N GLY A 109 -3.22 -19.20 36.81
CA GLY A 109 -3.50 -20.58 37.12
C GLY A 109 -4.92 -21.00 36.76
N PRO A 110 -5.92 -20.29 37.30
CA PRO A 110 -7.32 -20.56 36.96
C PRO A 110 -7.58 -20.58 35.46
N TRP A 111 -6.93 -19.68 34.73
CA TRP A 111 -7.13 -19.60 33.27
C TRP A 111 -6.53 -20.82 32.56
N PHE A 112 -5.26 -21.13 32.82
CA PHE A 112 -4.65 -22.36 32.27
C PHE A 112 -5.52 -23.57 32.59
N ASP A 113 -6.01 -23.65 33.83
CA ASP A 113 -6.77 -24.80 34.30
C ASP A 113 -8.02 -24.98 33.48
N MSE A 114 -8.73 -23.89 33.20
CA MSE A 114 -9.94 -24.00 32.42
C MSE A 114 -9.72 -24.67 31.08
O MSE A 114 -10.44 -25.59 30.71
CB MSE A 114 -10.54 -22.63 32.15
CG MSE A 114 -11.87 -22.77 31.45
SE MSE A 114 -12.89 -21.16 31.63
CE MSE A 114 -11.91 -20.24 30.68
N TYR A 115 -8.70 -24.20 30.35
CA TYR A 115 -8.49 -24.69 29.01
C TYR A 115 -7.83 -26.07 29.00
N LEU A 116 -6.97 -26.34 29.97
CA LEU A 116 -6.36 -27.68 30.03
C LEU A 116 -7.35 -28.74 30.53
N THR A 117 -8.34 -28.35 31.32
CA THR A 117 -9.36 -29.29 31.79
C THR A 117 -10.46 -29.53 30.76
N ALA A 118 -10.71 -28.56 29.90
CA ALA A 118 -11.74 -28.68 28.86
C ALA A 118 -11.55 -29.96 28.05
N ARG A 119 -12.61 -30.74 27.87
CA ARG A 119 -12.51 -32.03 27.19
C ARG A 119 -12.89 -31.97 25.71
N ASP A 120 -13.45 -30.85 25.27
CA ASP A 120 -13.83 -30.69 23.87
C ASP A 120 -12.61 -30.77 22.93
N SER A 121 -12.84 -31.19 21.70
CA SER A 121 -11.82 -31.13 20.67
C SER A 121 -11.20 -29.74 20.62
N ILE A 122 -9.89 -29.66 20.46
CA ILE A 122 -9.25 -28.35 20.32
C ILE A 122 -9.49 -27.74 18.95
N VAL A 123 -9.81 -28.57 17.96
CA VAL A 123 -10.06 -28.11 16.60
C VAL A 123 -11.40 -27.38 16.61
N LEU A 124 -11.44 -26.21 15.99
CA LEU A 124 -12.62 -25.33 15.93
C LEU A 124 -12.92 -24.68 17.28
N ASN A 125 -13.06 -25.46 18.35
CA ASN A 125 -13.45 -24.86 19.62
C ASN A 125 -12.42 -23.86 20.11
N PHE A 126 -11.14 -24.13 19.88
CA PHE A 126 -10.08 -23.33 20.49
C PHE A 126 -8.96 -22.85 19.56
N ASN A 127 -8.43 -23.73 18.71
CA ASN A 127 -7.26 -23.38 17.89
C ASN A 127 -7.63 -22.43 16.76
N PRO A 128 -6.99 -21.26 16.70
CA PRO A 128 -7.23 -20.36 15.59
C PRO A 128 -6.07 -20.37 14.58
N PHE A 129 -6.13 -19.53 13.56
CA PHE A 129 -5.00 -19.36 12.66
C PHE A 129 -4.76 -17.89 12.32
N MSE A 130 -3.53 -17.58 11.91
CA MSE A 130 -3.24 -16.33 11.23
C MSE A 130 -2.41 -16.68 9.98
O MSE A 130 -1.48 -17.46 10.07
CB MSE A 130 -2.51 -15.34 12.15
CG MSE A 130 -1.83 -15.96 13.35
SE MSE A 130 -1.00 -14.51 14.35
CE MSE A 130 -0.13 -14.61 14.04
N ALA A 131 -2.79 -16.13 8.84
CA ALA A 131 -2.12 -16.40 7.57
C ALA A 131 -1.17 -15.27 7.22
N PHE A 132 0.00 -15.64 6.69
CA PHE A 132 0.96 -14.65 6.21
C PHE A 132 0.52 -14.01 4.91
N ASN A 133 0.91 -12.75 4.76
CA ASN A 133 0.94 -12.13 3.44
C ASN A 133 1.96 -12.89 2.60
N PRO A 134 1.82 -12.82 1.28
CA PRO A 134 2.86 -13.47 0.49
C PRO A 134 4.20 -12.76 0.62
N ASP A 135 5.29 -13.42 0.24
CA ASP A 135 6.52 -12.68 0.02
C ASP A 135 6.22 -11.70 -1.13
N PRO A 136 6.53 -10.40 -0.93
CA PRO A 136 6.28 -9.41 -1.99
C PRO A 136 7.03 -9.67 -3.30
N LYS A 137 8.07 -10.51 -3.26
CA LYS A 137 8.74 -10.96 -4.48
C LYS A 137 8.09 -12.25 -4.94
N SER A 138 7.42 -12.20 -6.08
CA SER A 138 6.60 -13.31 -6.56
C SER A 138 7.27 -14.68 -6.50
N GLU A 139 8.50 -14.78 -7.00
CA GLU A 139 9.13 -16.09 -7.18
C GLU A 139 9.51 -16.77 -5.87
N TYR A 140 9.59 -15.99 -4.79
CA TYR A 140 9.90 -16.53 -3.47
C TYR A 140 8.72 -17.26 -2.84
N ASN A 141 7.57 -17.24 -3.50
CA ASN A 141 6.40 -17.99 -3.04
C ASN A 141 6.33 -19.43 -3.58
N ASP A 142 7.37 -19.88 -4.28
CA ASP A 142 7.55 -21.31 -4.57
C ASP A 142 7.48 -22.10 -3.26
N GLN A 143 6.78 -23.23 -3.25
CA GLN A 143 6.57 -23.98 -2.00
C GLN A 143 7.85 -24.42 -1.30
N LEU A 144 8.76 -25.04 -2.04
CA LEU A 144 10.00 -25.49 -1.43
C LEU A 144 10.81 -24.31 -0.92
N THR A 145 10.86 -23.25 -1.71
CA THR A 145 11.63 -22.07 -1.36
C THR A 145 11.08 -21.47 -0.07
N ARG A 146 9.78 -21.26 -0.06
CA ARG A 146 9.15 -20.60 1.09
C ARG A 146 9.15 -21.45 2.33
N ALA A 147 8.90 -22.75 2.18
CA ALA A 147 8.99 -23.64 3.32
C ALA A 147 10.37 -23.64 3.96
N THR A 148 11.40 -23.65 3.12
CA THR A 148 12.77 -23.55 3.60
C THR A 148 13.00 -22.22 4.31
N ASN A 149 12.60 -21.12 3.69
CA ASN A 149 12.86 -19.81 4.28
C ASN A 149 12.11 -19.55 5.56
N LEU A 150 10.85 -19.97 5.61
CA LEU A 150 10.06 -19.81 6.84
C LEU A 150 10.62 -20.69 7.95
N THR A 151 11.00 -21.92 7.62
CA THR A 151 11.60 -22.82 8.60
C THR A 151 12.91 -22.27 9.17
N VAL A 152 13.81 -21.80 8.31
CA VAL A 152 15.07 -21.25 8.77
C VAL A 152 14.82 -20.02 9.65
N SER A 153 13.92 -19.13 9.23
CA SER A 153 13.56 -17.95 10.03
C SER A 153 13.00 -18.32 11.40
N ALA A 154 12.15 -19.34 11.42
CA ALA A 154 11.60 -19.86 12.69
C ALA A 154 12.71 -20.37 13.62
N VAL A 155 13.66 -21.11 13.06
CA VAL A 155 14.77 -21.63 13.87
C VAL A 155 15.71 -20.49 14.33
N ARG A 156 15.92 -19.48 13.47
CA ARG A 156 16.62 -18.24 13.85
C ARG A 156 15.89 -17.57 15.03
N PHE A 157 14.57 -17.54 14.99
CA PHE A 157 13.81 -16.94 16.08
C PHE A 157 14.08 -17.69 17.40
N LEU A 158 14.02 -19.02 17.33
CA LEU A 158 14.30 -19.90 18.46
C LEU A 158 15.67 -19.56 19.07
N LYS A 159 16.71 -19.50 18.24
CA LYS A 159 18.04 -19.20 18.72
C LYS A 159 18.14 -17.79 19.33
N THR A 160 17.51 -16.83 18.67
CA THR A 160 17.51 -15.44 19.15
C THR A 160 16.82 -15.33 20.53
N LEU A 161 15.69 -16.00 20.69
CA LEU A 161 14.99 -16.04 21.97
C LEU A 161 15.88 -16.69 23.04
N GLN A 162 16.49 -17.83 22.69
CA GLN A 162 17.26 -18.58 23.67
C GLN A 162 18.56 -17.86 24.03
N ALA A 163 19.07 -17.05 23.13
CA ALA A 163 20.28 -16.23 23.36
C ALA A 163 20.00 -14.99 24.19
N GLY A 164 18.73 -14.66 24.41
CA GLY A 164 18.39 -13.39 25.03
C GLY A 164 18.61 -12.19 24.13
N LEU A 165 18.68 -12.44 22.81
CA LEU A 165 18.91 -11.42 21.80
C LEU A 165 17.62 -10.89 21.17
N LEU A 166 16.49 -11.48 21.53
CA LEU A 166 15.20 -10.93 21.09
C LEU A 166 14.90 -9.69 21.90
N GLU A 167 14.52 -8.58 21.25
CA GLU A 167 14.19 -7.37 22.02
C GLU A 167 13.02 -7.66 22.95
N PRO A 168 13.08 -7.19 24.20
CA PRO A 168 11.93 -7.32 25.08
C PRO A 168 10.64 -6.78 24.46
N GLU A 169 9.54 -7.45 24.77
CA GLU A 169 8.24 -7.01 24.35
C GLU A 169 7.87 -5.82 25.21
N VAL A 170 7.57 -4.70 24.57
CA VAL A 170 7.29 -3.46 25.26
C VAL A 170 6.23 -2.69 24.49
N PHE A 171 5.21 -2.21 25.20
CA PHE A 171 4.22 -1.32 24.62
C PHE A 171 4.63 0.11 24.93
N HIS A 172 4.86 0.90 23.87
CA HIS A 172 5.29 2.29 24.03
C HIS A 172 4.13 3.24 23.77
N LEU A 173 4.01 4.26 24.60
CA LEU A 173 3.07 5.35 24.32
C LEU A 173 3.77 6.39 23.43
N ASN A 174 5.07 6.58 23.65
CA ASN A 174 5.88 7.45 22.82
C ASN A 174 7.15 6.73 22.34
N PRO A 175 7.03 5.97 21.24
CA PRO A 175 8.17 5.23 20.66
C PRO A 175 9.39 6.11 20.42
N SER A 176 9.13 7.37 20.04
CA SER A 176 10.18 8.34 19.72
C SER A 176 11.20 8.56 20.83
N LYS A 177 10.76 8.54 22.08
CA LYS A 177 11.66 8.72 23.23
C LYS A 177 12.13 7.40 23.84
N SER A 178 11.22 6.43 23.92
CA SER A 178 11.46 5.21 24.69
C SER A 178 11.96 4.03 23.86
N ASP A 179 11.59 3.97 22.58
CA ASP A 179 12.02 2.89 21.69
C ASP A 179 13.22 3.35 20.88
N THR A 180 14.30 3.69 21.58
CA THR A 180 15.50 4.28 20.98
C THR A 180 16.75 3.61 21.50
N ASP A 181 17.82 3.65 20.70
CA ASP A 181 19.12 3.17 21.14
C ASP A 181 19.58 3.89 22.40
N ALA A 182 19.33 5.20 22.46
CA ALA A 182 19.67 5.99 23.65
C ALA A 182 19.09 5.37 24.92
N PHE A 183 17.78 5.09 24.90
CA PHE A 183 17.14 4.48 26.06
C PHE A 183 17.68 3.09 26.35
N LYS A 184 17.79 2.27 25.31
CA LYS A 184 18.25 0.89 25.45
C LYS A 184 19.67 0.80 26.02
N ARG A 185 20.55 1.72 25.61
CA ARG A 185 21.91 1.79 26.13
C ARG A 185 21.96 2.02 27.64
N LEU A 186 20.95 2.71 28.18
CA LEU A 186 20.89 3.00 29.61
C LEU A 186 20.19 1.93 30.41
N ILE A 187 19.03 1.48 29.93
CA ILE A 187 18.21 0.56 30.70
C ILE A 187 18.90 -0.79 30.93
N ARG A 188 19.80 -1.17 30.03
CA ARG A 188 20.53 -2.42 30.18
C ARG A 188 21.40 -2.46 31.44
N PHE A 189 21.78 -1.28 31.96
CA PHE A 189 22.56 -1.17 33.20
C PHE A 189 21.72 -1.18 34.48
N VAL A 190 20.40 -0.99 34.34
CA VAL A 190 19.50 -0.98 35.49
C VAL A 190 19.20 -2.42 35.89
N PRO A 191 19.42 -2.77 37.17
CA PRO A 191 19.17 -4.15 37.57
C PRO A 191 17.73 -4.58 37.26
N PRO A 192 17.53 -5.85 36.88
CA PRO A 192 16.15 -6.34 36.68
C PRO A 192 15.16 -6.07 37.82
N SER A 193 15.62 -5.87 39.05
CA SER A 193 14.73 -5.50 40.15
C SER A 193 14.13 -4.10 40.01
N LEU A 194 14.75 -3.25 39.20
CA LEU A 194 14.30 -1.87 39.00
C LEU A 194 14.02 -1.50 37.54
N SER A 195 14.27 -2.42 36.61
CA SER A 195 14.20 -2.11 35.19
C SER A 195 12.84 -1.60 34.74
N TRP A 196 11.78 -2.24 35.22
CA TRP A 196 10.43 -1.81 34.86
C TRP A 196 10.22 -0.32 35.16
N TYR A 197 10.70 0.12 36.32
CA TYR A 197 10.53 1.52 36.71
C TYR A 197 11.19 2.47 35.72
N GLY A 198 12.33 2.09 35.17
CA GLY A 198 13.01 2.88 34.14
C GLY A 198 12.19 3.03 32.88
N ALA A 199 11.52 1.96 32.46
CA ALA A 199 10.64 2.04 31.30
C ALA A 199 9.40 2.88 31.62
N TYR A 200 8.84 2.67 32.81
CA TYR A 200 7.66 3.41 33.26
C TYR A 200 7.94 4.91 33.18
N LEU A 201 9.14 5.31 33.57
CA LEU A 201 9.56 6.72 33.56
C LEU A 201 9.47 7.36 32.18
N VAL A 202 9.66 6.56 31.11
CA VAL A 202 9.53 7.06 29.74
C VAL A 202 8.20 6.64 29.07
N ASN A 203 7.19 6.34 29.87
CA ASN A 203 5.86 5.96 29.37
C ASN A 203 5.85 4.72 28.49
N ALA A 204 6.72 3.77 28.83
CA ALA A 204 6.76 2.48 28.13
C ALA A 204 6.41 1.38 29.13
N TYR A 205 5.72 0.36 28.65
CA TYR A 205 5.21 -0.71 29.50
C TYR A 205 5.68 -2.08 29.01
N PRO A 206 6.76 -2.60 29.63
CA PRO A 206 7.22 -3.94 29.32
C PRO A 206 6.15 -4.98 29.56
N LEU A 207 6.13 -6.05 28.76
CA LEU A 207 5.12 -7.07 28.91
C LEU A 207 5.71 -8.36 29.45
N ASP A 208 4.85 -9.15 30.04
CA ASP A 208 5.18 -10.49 30.49
C ASP A 208 5.61 -11.34 29.30
N MSE A 209 6.63 -12.16 29.49
CA MSE A 209 7.14 -13.03 28.43
C MSE A 209 7.35 -14.46 28.92
O MSE A 209 8.04 -15.28 28.27
CB MSE A 209 8.43 -12.43 27.84
CG MSE A 209 8.23 -11.13 27.08
SE MSE A 209 9.92 -10.47 26.45
CE MSE A 209 9.99 -11.58 24.84
N SER A 210 6.69 -14.79 30.04
CA SER A 210 6.87 -16.10 30.69
C SER A 210 6.33 -17.25 29.84
N GLN A 211 5.48 -16.94 28.87
CA GLN A 211 4.86 -17.97 28.01
C GLN A 211 5.71 -18.31 26.78
N TYR A 212 6.70 -17.47 26.48
CA TYR A 212 7.32 -17.48 25.17
C TYR A 212 8.07 -18.76 24.89
N PHE A 213 8.63 -19.36 25.93
CA PHE A 213 9.42 -20.57 25.74
C PHE A 213 8.63 -21.72 25.15
N ARG A 214 7.32 -21.75 25.42
CA ARG A 214 6.44 -22.83 24.93
C ARG A 214 6.15 -22.69 23.43
N LEU A 215 6.71 -21.68 22.77
CA LEU A 215 6.64 -21.63 21.31
C LEU A 215 7.30 -22.86 20.69
N PHE A 216 8.39 -23.31 21.31
CA PHE A 216 9.20 -24.34 20.70
C PHE A 216 9.36 -25.60 21.55
N ASN A 217 9.55 -26.71 20.86
CA ASN A 217 9.79 -28.00 21.50
C ASN A 217 8.69 -28.38 22.45
N SER A 218 7.46 -28.02 22.12
CA SER A 218 6.37 -28.04 23.08
C SER A 218 5.08 -28.56 22.46
N THR A 219 4.30 -29.22 23.29
CA THR A 219 3.05 -29.80 22.86
C THR A 219 2.11 -29.97 24.04
N ARG A 220 0.85 -30.16 23.71
CA ARG A 220 -0.17 -30.47 24.69
C ARG A 220 -0.41 -31.97 24.68
N ILE A 221 -0.27 -32.63 25.84
CA ILE A 221 -0.49 -34.06 25.95
C ILE A 221 -1.87 -34.34 26.57
N PRO A 222 -2.70 -35.15 25.90
CA PRO A 222 -4.00 -35.47 26.45
C PRO A 222 -3.85 -36.37 27.67
N ARG A 223 -4.52 -36.03 28.76
CA ARG A 223 -4.49 -36.83 29.99
C ARG A 223 -5.87 -36.81 30.59
N PRO A 224 -6.17 -37.79 31.45
CA PRO A 224 -7.41 -37.68 32.23
C PRO A 224 -7.43 -36.42 33.10
N ASN A 225 -8.63 -35.86 33.30
CA ASN A 225 -8.88 -34.74 34.21
C ASN A 225 -8.38 -33.40 33.66
N ARG A 226 -7.09 -33.33 33.36
CA ARG A 226 -6.46 -32.13 32.89
C ARG A 226 -5.26 -32.50 32.03
N ASP A 227 -5.14 -31.87 30.86
CA ASP A 227 -4.03 -32.12 29.98
C ASP A 227 -2.73 -31.52 30.51
N GLU A 228 -1.61 -32.03 29.98
CA GLU A 228 -0.26 -31.58 30.34
C GLU A 228 0.36 -30.72 29.23
N LEU A 229 1.07 -29.66 29.61
CA LEU A 229 1.92 -28.93 28.70
C LEU A 229 3.34 -29.47 28.83
N PHE A 230 3.85 -30.04 27.74
CA PHE A 230 5.15 -30.69 27.68
C PHE A 230 6.14 -29.86 26.89
N THR A 231 7.38 -29.80 27.39
CA THR A 231 8.48 -29.18 26.67
C THR A 231 9.73 -30.04 26.80
N ASP A 232 10.49 -30.17 25.71
CA ASP A 232 11.82 -30.77 25.76
C ASP A 232 12.80 -29.90 24.98
N THR A 233 13.43 -28.97 25.69
CA THR A 233 14.30 -28.00 25.06
C THR A 233 15.61 -28.60 24.49
N LYS A 234 15.94 -29.84 24.84
CA LYS A 234 17.13 -30.50 24.28
C LYS A 234 16.96 -30.95 22.84
N ALA A 235 15.73 -31.04 22.37
CA ALA A 235 15.47 -31.60 21.05
C ALA A 235 15.88 -30.62 19.95
N ARG A 236 16.39 -31.16 18.85
CA ARG A 236 17.02 -30.36 17.78
C ARG A 236 16.39 -30.58 16.41
N HIS A 237 15.29 -31.34 16.37
CA HIS A 237 14.67 -31.76 15.12
C HIS A 237 13.34 -31.08 14.86
N LEU A 238 13.03 -30.94 13.57
CA LEU A 238 11.74 -30.50 13.06
C LEU A 238 10.87 -31.70 12.80
N LEU A 239 9.56 -31.54 12.97
CA LEU A 239 8.57 -32.51 12.54
C LEU A 239 7.92 -31.95 11.29
N VAL A 240 7.79 -32.77 10.24
CA VAL A 240 7.13 -32.36 9.00
C VAL A 240 6.05 -33.36 8.69
N LEU A 241 4.85 -32.88 8.36
CA LEU A 241 3.73 -33.70 7.91
C LEU A 241 3.48 -33.43 6.45
N ARG A 242 3.38 -34.50 5.66
CA ARG A 242 2.97 -34.40 4.28
C ARG A 242 2.18 -35.64 3.94
N LYS A 243 1.01 -35.44 3.37
CA LYS A 243 0.09 -36.53 3.03
C LYS A 243 -0.19 -37.45 4.23
N GLY A 244 -0.15 -36.89 5.45
CA GLY A 244 -0.43 -37.66 6.63
C GLY A 244 0.72 -38.49 7.14
N HIS A 245 1.86 -38.44 6.45
CA HIS A 245 3.10 -39.10 6.89
C HIS A 245 3.92 -38.15 7.74
N PHE A 246 4.63 -38.71 8.72
CA PHE A 246 5.41 -37.95 9.69
C PHE A 246 6.90 -38.13 9.41
N TYR A 247 7.62 -37.01 9.34
CA TYR A 247 9.07 -37.01 9.10
C TYR A 247 9.78 -36.16 10.13
N VAL A 248 10.97 -36.58 10.55
CA VAL A 248 11.80 -35.75 11.42
C VAL A 248 13.22 -35.65 10.89
N PHE A 249 13.80 -34.46 11.01
CA PHE A 249 15.21 -34.26 10.71
C PHE A 249 15.73 -33.09 11.54
N ASP A 250 17.03 -33.09 11.80
CA ASP A 250 17.64 -32.05 12.61
C ASP A 250 17.70 -30.74 11.85
N VAL A 251 17.31 -29.66 12.54
CA VAL A 251 17.50 -28.30 12.05
C VAL A 251 18.56 -27.52 12.88
N LEU A 252 18.99 -28.11 13.99
CA LEU A 252 20.13 -27.63 14.77
C LEU A 252 21.12 -28.78 14.87
N ASP A 253 22.40 -28.48 14.65
CA ASP A 253 23.43 -29.52 14.69
C ASP A 253 23.88 -29.79 16.13
N GLN A 254 24.79 -30.74 16.32
CA GLN A 254 25.18 -31.17 17.67
C GLN A 254 25.87 -30.06 18.48
N ASP A 255 26.32 -29.03 17.80
CA ASP A 255 26.95 -27.87 18.45
C ASP A 255 26.00 -26.71 18.70
N GLY A 256 24.76 -26.84 18.23
CA GLY A 256 23.74 -25.82 18.47
C GLY A 256 23.59 -24.84 17.34
N ASN A 257 24.33 -25.03 16.24
CA ASN A 257 24.26 -24.13 15.11
C ASN A 257 23.16 -24.58 14.13
N ILE A 258 22.60 -23.65 13.35
CA ILE A 258 21.55 -24.03 12.40
C ILE A 258 22.18 -24.91 11.32
N VAL A 259 21.46 -25.96 10.96
CA VAL A 259 21.85 -26.80 9.84
C VAL A 259 21.87 -25.98 8.56
N ASN A 260 22.85 -26.24 7.71
CA ASN A 260 22.99 -25.56 6.42
C ASN A 260 21.62 -25.44 5.75
N PRO A 261 21.17 -24.22 5.45
CA PRO A 261 19.87 -24.08 4.77
C PRO A 261 19.71 -24.90 3.48
N LEU A 262 20.81 -25.12 2.76
CA LEU A 262 20.76 -25.94 1.55
C LEU A 262 20.54 -27.42 1.84
N GLU A 263 20.94 -27.87 3.03
CA GLU A 263 20.62 -29.23 3.47
C GLU A 263 19.16 -29.30 3.91
N ILE A 264 18.71 -28.28 4.64
CA ILE A 264 17.27 -28.24 4.99
C ILE A 264 16.44 -28.29 3.70
N GLN A 265 16.81 -27.48 2.70
CA GLN A 265 16.16 -27.50 1.40
C GLN A 265 16.12 -28.90 0.80
N ALA A 266 17.27 -29.59 0.83
CA ALA A 266 17.33 -30.96 0.31
C ALA A 266 16.35 -31.89 1.03
N HIS A 267 16.27 -31.75 2.36
CA HIS A 267 15.40 -32.61 3.16
C HIS A 267 13.93 -32.35 2.87
N LEU A 268 13.56 -31.07 2.73
CA LEU A 268 12.19 -30.74 2.38
C LEU A 268 11.87 -31.21 0.95
N LYS A 269 12.83 -31.10 0.04
CA LYS A 269 12.62 -31.58 -1.34
C LYS A 269 12.45 -33.09 -1.36
N TYR A 270 13.18 -33.79 -0.52
CA TYR A 270 13.01 -35.24 -0.33
C TYR A 270 11.61 -35.59 0.13
N ILE A 271 11.11 -34.85 1.09
CA ILE A 271 9.77 -35.07 1.59
C ILE A 271 8.73 -34.76 0.48
N LEU A 272 8.91 -33.65 -0.22
CA LEU A 272 8.00 -33.26 -1.30
C LEU A 272 7.99 -34.24 -2.48
N SER A 273 9.10 -34.96 -2.65
CA SER A 273 9.27 -35.91 -3.74
C SER A 273 8.73 -37.28 -3.40
N ASP A 274 8.44 -37.54 -2.12
CA ASP A 274 7.97 -38.87 -1.74
C ASP A 274 6.66 -39.23 -2.43
N SER A 275 6.55 -40.46 -2.92
CA SER A 275 5.39 -40.86 -3.70
C SER A 275 4.41 -41.78 -2.98
N SER A 276 4.58 -41.99 -1.68
CA SER A 276 3.62 -42.79 -0.90
C SER A 276 2.26 -42.10 -0.80
N PRO A 277 1.16 -42.84 -1.00
CA PRO A 277 -0.14 -42.23 -0.84
C PRO A 277 -0.46 -42.00 0.64
N VAL A 278 -1.53 -41.26 0.88
CA VAL A 278 -2.02 -41.05 2.24
C VAL A 278 -2.22 -42.39 2.95
N PRO A 279 -1.78 -42.51 4.22
CA PRO A 279 -1.93 -43.77 4.94
C PRO A 279 -3.38 -44.21 5.07
N GLU A 280 -3.58 -45.51 5.21
CA GLU A 280 -4.90 -46.04 5.46
C GLU A 280 -5.50 -45.47 6.75
N PHE A 281 -4.66 -45.26 7.76
CA PHE A 281 -5.10 -44.75 9.05
C PHE A 281 -4.19 -43.60 9.48
N PRO A 282 -4.46 -42.38 8.98
CA PRO A 282 -3.62 -41.22 9.31
C PRO A 282 -3.71 -40.88 10.80
N VAL A 283 -2.57 -40.95 11.48
CA VAL A 283 -2.54 -40.86 12.93
C VAL A 283 -2.94 -39.45 13.41
N ALA A 284 -2.70 -38.44 12.59
CA ALA A 284 -2.96 -37.06 13.02
C ALA A 284 -4.42 -36.81 13.37
N TYR A 285 -5.33 -37.60 12.82
CA TYR A 285 -6.75 -37.47 13.15
C TYR A 285 -6.98 -37.52 14.65
N LEU A 286 -6.20 -38.32 15.36
CA LEU A 286 -6.40 -38.49 16.80
C LEU A 286 -6.29 -37.20 17.58
N THR A 287 -5.49 -36.25 17.10
CA THR A 287 -5.31 -34.99 17.83
C THR A 287 -6.56 -34.10 17.76
N SER A 288 -7.55 -34.49 16.95
CA SER A 288 -8.80 -33.72 16.83
C SER A 288 -9.90 -34.27 17.73
N GLU A 289 -9.63 -35.35 18.46
CA GLU A 289 -10.66 -35.99 19.26
C GLU A 289 -10.96 -35.27 20.55
N ASN A 290 -12.08 -35.65 21.16
CA ASN A 290 -12.35 -35.35 22.54
C ASN A 290 -11.13 -35.75 23.37
N ARG A 291 -10.80 -34.94 24.38
CA ARG A 291 -9.53 -35.10 25.07
C ARG A 291 -9.45 -36.36 25.93
N ASP A 292 -10.60 -36.84 26.43
CA ASP A 292 -10.63 -38.11 27.17
C ASP A 292 -10.45 -39.29 26.23
N VAL A 293 -11.08 -39.21 25.06
CA VAL A 293 -10.97 -40.25 24.05
C VAL A 293 -9.49 -40.32 23.61
N TRP A 294 -8.91 -39.18 23.31
CA TRP A 294 -7.52 -39.13 22.83
C TRP A 294 -6.56 -39.49 23.98
N ALA A 295 -6.84 -39.06 25.21
CA ALA A 295 -5.99 -39.48 26.33
C ALA A 295 -5.89 -41.00 26.43
N GLU A 296 -7.02 -41.68 26.30
CA GLU A 296 -7.02 -43.15 26.33
C GLU A 296 -6.29 -43.78 25.14
N LEU A 297 -6.54 -43.28 23.94
CA LEU A 297 -5.90 -43.83 22.75
C LEU A 297 -4.39 -43.59 22.75
N ARG A 298 -3.93 -42.46 23.26
CA ARG A 298 -2.50 -42.21 23.39
C ARG A 298 -1.88 -43.21 24.37
N GLN A 299 -2.57 -43.50 25.46
CA GLN A 299 -2.07 -44.50 26.41
C GLN A 299 -1.95 -45.85 25.71
N LYS A 300 -2.93 -46.20 24.89
CA LYS A 300 -2.88 -47.46 24.13
C LYS A 300 -1.72 -47.46 23.13
N LEU A 301 -1.46 -46.31 22.48
CA LEU A 301 -0.27 -46.21 21.64
C LEU A 301 1.01 -46.52 22.43
N ILE A 302 1.09 -46.02 23.66
CA ILE A 302 2.23 -46.27 24.54
C ILE A 302 2.33 -47.77 24.85
N PHE A 303 1.20 -48.37 25.20
CA PHE A 303 1.17 -49.81 25.51
C PHE A 303 1.62 -50.67 24.35
N ASP A 304 1.35 -50.20 23.14
CA ASP A 304 1.73 -50.89 21.93
C ASP A 304 3.11 -50.52 21.39
N GLY A 305 3.94 -49.91 22.23
CA GLY A 305 5.35 -49.70 21.93
C GLY A 305 5.71 -48.40 21.22
N ASN A 306 4.81 -47.43 21.22
CA ASN A 306 5.04 -46.20 20.46
C ASN A 306 5.56 -44.99 21.24
N GLU A 307 5.98 -45.18 22.49
CA GLU A 307 6.45 -44.01 23.27
C GLU A 307 7.60 -43.25 22.61
N GLU A 308 8.58 -43.97 22.08
CA GLU A 308 9.77 -43.31 21.49
C GLU A 308 9.36 -42.46 20.29
N THR A 309 8.47 -42.99 19.48
CA THR A 309 7.95 -42.28 18.30
C THR A 309 7.14 -41.06 18.74
N LEU A 310 6.28 -41.24 19.72
CA LEU A 310 5.49 -40.11 20.25
C LEU A 310 6.38 -39.04 20.81
N LYS A 311 7.48 -39.42 21.46
CA LYS A 311 8.40 -38.44 22.03
C LYS A 311 9.06 -37.59 20.93
N LYS A 312 9.37 -38.20 19.78
CA LYS A 312 9.92 -37.43 18.65
C LYS A 312 8.90 -36.42 18.13
N VAL A 313 7.63 -36.82 18.09
CA VAL A 313 6.57 -35.89 17.67
C VAL A 313 6.44 -34.77 18.69
N ASP A 314 6.33 -35.13 19.95
CA ASP A 314 6.06 -34.16 21.02
C ASP A 314 7.16 -33.11 21.14
N SER A 315 8.42 -33.52 20.97
CA SER A 315 9.55 -32.64 21.30
C SER A 315 10.10 -31.84 20.12
N ALA A 316 9.58 -32.07 18.92
CA ALA A 316 10.08 -31.36 17.75
C ALA A 316 9.98 -29.84 17.94
N VAL A 317 10.85 -29.10 17.28
CA VAL A 317 10.90 -27.65 17.48
C VAL A 317 9.53 -27.03 17.22
N PHE A 318 8.88 -27.49 16.16
CA PHE A 318 7.47 -27.21 15.84
C PHE A 318 7.04 -28.20 14.77
N CYS A 319 5.83 -28.06 14.22
CA CYS A 319 5.35 -28.96 13.16
C CYS A 319 5.19 -28.15 11.89
N LEU A 320 5.89 -28.56 10.83
CA LEU A 320 5.75 -27.94 9.51
C LEU A 320 4.86 -28.83 8.67
N CYS A 321 3.78 -28.26 8.12
CA CYS A 321 2.84 -29.04 7.33
C CYS A 321 2.88 -28.62 5.89
N LEU A 322 3.20 -29.56 5.00
CA LEU A 322 3.27 -29.29 3.57
C LEU A 322 2.04 -29.83 2.86
N ASP A 323 1.16 -28.92 2.43
CA ASP A 323 -0.07 -29.28 1.73
C ASP A 323 0.21 -29.31 0.24
N ASP A 324 -0.45 -30.22 -0.48
CA ASP A 324 -0.06 -30.47 -1.88
C ASP A 324 -1.01 -29.84 -2.90
N PHE A 325 -1.82 -28.89 -2.44
CA PHE A 325 -2.75 -28.19 -3.30
C PHE A 325 -2.61 -26.68 -3.10
N PRO A 326 -2.96 -25.89 -4.11
CA PRO A 326 -2.96 -24.44 -4.00
C PRO A 326 -4.28 -23.93 -3.38
N MSE A 327 -4.33 -22.67 -2.99
CA MSE A 327 -5.54 -22.09 -2.42
C MSE A 327 -6.46 -21.62 -3.54
O MSE A 327 -6.04 -20.84 -4.40
CB MSE A 327 -5.19 -20.93 -1.49
CG MSE A 327 -4.23 -21.30 -0.35
SE MSE A 327 -4.93 -22.64 0.91
CE MSE A 327 -4.22 -24.25 0.01
N LYS A 328 -7.69 -22.09 -3.53
CA LYS A 328 -8.68 -21.74 -4.55
C LYS A 328 -9.20 -20.31 -4.37
N ASP A 329 -9.46 -19.96 -3.11
CA ASP A 329 -9.95 -18.63 -2.74
C ASP A 329 -9.81 -18.45 -1.23
N LEU A 330 -10.24 -17.31 -0.68
CA LEU A 330 -10.12 -17.06 0.75
C LEU A 330 -10.93 -18.01 1.63
N ILE A 331 -12.06 -18.51 1.13
CA ILE A 331 -12.86 -19.47 1.86
C ILE A 331 -12.08 -20.75 2.03
N HIS A 332 -11.54 -21.24 0.91
CA HIS A 332 -10.71 -22.45 0.95
C HIS A 332 -9.48 -22.27 1.83
N LEU A 333 -8.83 -21.12 1.71
CA LEU A 333 -7.69 -20.80 2.57
C LEU A 333 -8.08 -20.92 4.04
N SER A 334 -9.20 -20.32 4.41
CA SER A 334 -9.60 -20.28 5.80
C SER A 334 -9.86 -21.68 6.34
N HIS A 335 -10.64 -22.47 5.62
CA HIS A 335 -10.86 -23.86 5.99
C HIS A 335 -9.55 -24.64 6.11
N THR A 336 -8.66 -24.46 5.14
CA THR A 336 -7.41 -25.19 5.12
C THR A 336 -6.58 -24.87 6.35
N MSE A 337 -6.47 -23.58 6.70
CA MSE A 337 -5.61 -23.16 7.80
C MSE A 337 -6.28 -23.38 9.16
O MSE A 337 -5.60 -23.65 10.13
CB MSE A 337 -5.19 -21.70 7.68
CG MSE A 337 -4.38 -21.36 6.42
SE MSE A 337 -3.08 -22.77 5.92
CE MSE A 337 -2.19 -21.88 4.48
N LEU A 338 -7.61 -23.32 9.20
CA LEU A 338 -8.33 -23.53 10.46
C LEU A 338 -8.42 -25.00 10.85
N HIS A 339 -8.60 -25.89 9.88
CA HIS A 339 -8.76 -27.30 10.19
C HIS A 339 -8.17 -28.29 9.21
N GLY A 340 -8.11 -27.96 7.93
CA GLY A 340 -7.70 -28.92 6.89
C GLY A 340 -8.60 -30.12 6.80
N ASP A 341 -8.08 -31.21 6.24
CA ASP A 341 -8.89 -32.42 6.10
C ASP A 341 -8.69 -33.44 7.19
N GLY A 342 -7.90 -33.10 8.19
CA GLY A 342 -7.78 -33.93 9.36
C GLY A 342 -6.54 -34.80 9.34
N THR A 343 -5.87 -34.90 8.20
CA THR A 343 -4.71 -35.80 8.06
C THR A 343 -3.34 -35.16 8.30
N ASN A 344 -3.24 -33.83 8.15
CA ASN A 344 -1.93 -33.22 7.93
C ASN A 344 -1.63 -32.04 8.88
N ARG A 345 -2.22 -32.10 10.07
CA ARG A 345 -1.91 -31.18 11.15
C ARG A 345 -1.78 -31.94 12.44
N TRP A 346 -0.78 -31.59 13.26
CA TRP A 346 -0.66 -32.20 14.58
C TRP A 346 -1.20 -31.15 15.54
N PHE A 347 -2.50 -31.21 15.78
CA PHE A 347 -3.24 -30.11 16.42
C PHE A 347 -2.72 -29.77 17.80
N ASP A 348 -2.19 -30.77 18.53
CA ASP A 348 -1.63 -30.58 19.88
C ASP A 348 -0.34 -29.75 19.97
N LYS A 349 0.39 -29.61 18.86
CA LYS A 349 1.68 -28.95 18.89
C LYS A 349 1.50 -27.48 19.25
N SER A 350 2.51 -26.88 19.89
CA SER A 350 2.45 -25.44 20.19
C SER A 350 1.95 -24.64 18.98
N PHE A 351 2.54 -24.91 17.82
CA PHE A 351 1.97 -24.42 16.56
C PHE A 351 2.36 -25.32 15.40
N ASN A 352 1.55 -25.23 14.35
CA ASN A 352 1.78 -25.82 13.03
C ASN A 352 2.04 -24.69 12.06
N LEU A 353 3.18 -24.75 11.37
CA LEU A 353 3.48 -23.81 10.30
C LEU A 353 3.11 -24.52 9.01
N ILE A 354 2.14 -23.95 8.30
CA ILE A 354 1.56 -24.64 7.13
C ILE A 354 1.98 -23.90 5.87
N VAL A 355 2.46 -24.62 4.86
CA VAL A 355 2.83 -24.04 3.56
C VAL A 355 2.17 -24.85 2.44
N ALA A 356 1.30 -24.21 1.67
CA ALA A 356 0.57 -24.85 0.59
C ALA A 356 1.38 -24.84 -0.72
N GLU A 357 0.83 -25.46 -1.77
CA GLU A 357 1.58 -25.65 -3.02
C GLU A 357 1.90 -24.35 -3.74
N ASP A 358 1.09 -23.32 -3.50
CA ASP A 358 1.29 -22.00 -4.09
C ASP A 358 2.04 -21.05 -3.13
N GLY A 359 2.63 -21.63 -2.09
CA GLY A 359 3.41 -20.89 -1.12
C GLY A 359 2.60 -20.13 -0.08
N THR A 360 1.28 -20.25 -0.13
CA THR A 360 0.43 -19.63 0.91
C THR A 360 0.80 -20.27 2.23
N ALA A 361 1.05 -19.46 3.24
CA ALA A 361 1.54 -19.95 4.52
C ALA A 361 0.73 -19.37 5.67
N ALA A 362 0.71 -20.09 6.77
CA ALA A 362 0.00 -19.66 7.96
C ALA A 362 0.53 -20.37 9.19
N VAL A 363 0.19 -19.80 10.35
CA VAL A 363 0.42 -20.43 11.66
C VAL A 363 -0.92 -20.76 12.27
N HIS A 364 -1.15 -22.06 12.46
CA HIS A 364 -2.27 -22.61 13.20
C HIS A 364 -1.70 -22.95 14.55
N PHE A 365 -2.34 -22.53 15.65
CA PHE A 365 -1.72 -22.78 16.96
C PHE A 365 -2.68 -23.25 18.01
N GLU A 366 -2.11 -23.98 18.97
CA GLU A 366 -2.84 -24.56 20.08
C GLU A 366 -3.01 -23.48 21.13
N HIS A 367 -4.23 -23.24 21.60
CA HIS A 367 -4.44 -22.04 22.40
C HIS A 367 -4.14 -22.15 23.89
N SER A 368 -4.08 -23.37 24.43
CA SER A 368 -3.98 -23.50 25.87
C SER A 368 -2.69 -22.99 26.49
N TRP A 369 -1.59 -22.93 25.73
CA TRP A 369 -0.28 -22.67 26.34
C TRP A 369 -0.01 -21.20 26.57
N GLY A 370 -0.88 -20.32 26.05
CA GLY A 370 -0.67 -18.90 26.25
C GLY A 370 -1.71 -18.06 25.54
N ASP A 371 -1.48 -16.76 25.54
CA ASP A 371 -2.49 -15.84 25.08
C ASP A 371 -2.29 -15.39 23.64
N GLY A 372 -1.26 -15.93 22.98
CA GLY A 372 -1.06 -15.62 21.57
C GLY A 372 -0.12 -14.45 21.27
N VAL A 373 0.25 -13.67 22.28
CA VAL A 373 1.19 -12.56 22.06
C VAL A 373 2.53 -13.11 21.56
N ALA A 374 2.99 -14.20 22.16
CA ALA A 374 4.20 -14.89 21.74
C ALA A 374 4.10 -15.33 20.28
N VAL A 375 2.92 -15.82 19.89
CA VAL A 375 2.69 -16.29 18.54
C VAL A 375 2.76 -15.11 17.56
N LEU A 376 2.15 -13.98 17.92
CA LEU A 376 2.15 -12.82 17.05
C LEU A 376 3.56 -12.27 16.90
N ARG A 377 4.31 -12.21 17.99
CA ARG A 377 5.72 -11.79 17.92
C ARG A 377 6.53 -12.68 16.98
N PHE A 378 6.41 -13.99 17.17
CA PHE A 378 7.06 -14.97 16.31
C PHE A 378 6.69 -14.74 14.84
N PHE A 379 5.40 -14.64 14.58
CA PHE A 379 4.87 -14.48 13.24
C PHE A 379 5.45 -13.23 12.57
N ASN A 380 5.42 -12.11 13.29
CA ASN A 380 5.91 -10.85 12.77
C ASN A 380 7.41 -10.91 12.45
N GLU A 381 8.19 -11.46 13.39
CA GLU A 381 9.64 -11.54 13.18
C GLU A 381 9.99 -12.50 12.03
N VAL A 382 9.30 -13.63 11.96
CA VAL A 382 9.52 -14.62 10.91
C VAL A 382 9.14 -14.07 9.53
N PHE A 383 8.02 -13.36 9.42
CA PHE A 383 7.69 -12.70 8.17
C PHE A 383 8.76 -11.71 7.76
N ARG A 384 9.22 -10.87 8.67
CA ARG A 384 10.26 -9.88 8.35
C ARG A 384 11.56 -10.55 7.91
N ASP A 385 12.05 -11.51 8.70
CA ASP A 385 13.31 -12.17 8.41
C ASP A 385 13.24 -12.95 7.12
N SER A 386 12.17 -13.71 6.93
CA SER A 386 12.10 -14.59 5.78
C SER A 386 11.96 -13.85 4.45
N THR A 387 11.40 -12.64 4.49
CA THR A 387 11.16 -11.86 3.27
C THR A 387 12.28 -10.85 3.03
N GLN A 388 12.91 -10.34 4.10
CA GLN A 388 13.99 -9.35 3.94
C GLN A 388 15.39 -9.96 3.84
N THR A 389 15.61 -11.08 4.50
CA THR A 389 16.90 -11.79 4.43
C THR A 389 16.61 -13.29 4.33
N PRO A 390 15.97 -13.69 3.23
CA PRO A 390 15.74 -15.10 3.03
C PRO A 390 17.02 -15.93 3.01
N ALA A 391 16.94 -17.14 3.55
CA ALA A 391 18.08 -18.05 3.61
C ALA A 391 18.50 -18.57 2.23
N ILE A 392 17.51 -18.85 1.39
CA ILE A 392 17.74 -19.38 0.05
C ILE A 392 16.86 -18.64 -0.96
N THR A 393 17.21 -18.80 -2.24
CA THR A 393 16.46 -18.19 -3.32
C THR A 393 15.78 -19.29 -4.13
N PRO A 394 14.86 -18.92 -5.04
CA PRO A 394 14.23 -19.92 -5.89
C PRO A 394 15.20 -20.64 -6.83
N GLN A 395 16.41 -20.13 -6.99
CA GLN A 395 17.46 -20.80 -7.79
C GLN A 395 18.46 -21.59 -6.97
N SER A 396 18.33 -21.56 -5.65
CA SER A 396 19.24 -22.29 -4.79
C SER A 396 19.23 -23.78 -5.11
N GLN A 397 20.42 -24.37 -5.08
CA GLN A 397 20.58 -25.79 -5.38
C GLN A 397 20.68 -26.56 -4.08
N PRO A 398 19.73 -27.51 -3.84
CA PRO A 398 19.82 -28.34 -2.66
C PRO A 398 21.18 -29.01 -2.50
N ALA A 399 21.67 -29.10 -1.28
CA ALA A 399 22.93 -29.80 -1.00
C ALA A 399 22.79 -31.25 -1.42
N ALA A 400 23.92 -31.84 -1.82
CA ALA A 400 23.91 -33.24 -2.21
C ALA A 400 24.05 -34.07 -0.95
N THR A 401 22.95 -34.22 -0.22
CA THR A 401 22.96 -34.84 1.10
C THR A 401 22.17 -36.14 1.11
N ASN A 402 22.50 -37.03 2.06
CA ASN A 402 21.84 -38.33 2.20
C ASN A 402 20.56 -38.23 3.02
N SER A 403 19.55 -37.55 2.47
CA SER A 403 18.28 -37.36 3.18
C SER A 403 17.63 -38.68 3.59
N SER A 404 17.88 -39.77 2.84
CA SER A 404 17.32 -41.05 3.24
C SER A 404 17.83 -41.50 4.61
N ALA A 405 19.00 -41.01 5.00
CA ALA A 405 19.57 -41.30 6.32
C ALA A 405 19.18 -40.22 7.34
N SER A 406 19.20 -38.96 6.90
CA SER A 406 19.03 -37.80 7.78
C SER A 406 17.59 -37.50 8.12
N VAL A 407 16.67 -37.97 7.28
CA VAL A 407 15.24 -37.80 7.50
C VAL A 407 14.67 -39.14 7.90
N GLU A 408 14.14 -39.22 9.11
CA GLU A 408 13.45 -40.42 9.57
C GLU A 408 11.97 -40.31 9.27
N THR A 409 11.42 -41.32 8.61
CA THR A 409 9.99 -41.43 8.44
C THR A 409 9.47 -42.22 9.64
N LEU A 410 8.63 -41.59 10.47
CA LEU A 410 8.13 -42.24 11.68
C LEU A 410 7.11 -43.33 11.32
N SER A 411 7.13 -44.37 12.14
CA SER A 411 6.27 -45.53 11.97
C SER A 411 5.54 -45.79 13.28
N PHE A 412 4.21 -45.79 13.23
CA PHE A 412 3.37 -46.13 14.39
C PHE A 412 2.88 -47.57 14.26
N ASN A 413 2.94 -48.30 15.37
CA ASN A 413 2.39 -49.64 15.47
C ASN A 413 0.95 -49.52 15.98
N LEU A 414 0.00 -49.72 15.06
CA LEU A 414 -1.41 -49.54 15.34
C LEU A 414 -2.15 -50.86 15.54
N SER A 415 -2.75 -51.00 16.70
CA SER A 415 -3.65 -52.10 17.01
C SER A 415 -5.01 -51.94 16.35
N GLY A 416 -5.83 -52.98 16.42
CA GLY A 416 -7.21 -52.91 15.95
C GLY A 416 -7.97 -51.77 16.61
N ALA A 417 -7.77 -51.61 17.92
CA ALA A 417 -8.43 -50.55 18.67
C ALA A 417 -7.99 -49.18 18.16
N LEU A 418 -6.70 -49.02 17.88
CA LEU A 418 -6.23 -47.72 17.38
C LEU A 418 -6.80 -47.42 16.00
N LYS A 419 -6.81 -48.42 15.12
CA LYS A 419 -7.35 -48.23 13.77
C LYS A 419 -8.82 -47.81 13.83
N ALA A 420 -9.60 -48.50 14.65
CA ALA A 420 -10.99 -48.14 14.91
C ALA A 420 -11.10 -46.74 15.49
N GLY A 421 -10.16 -46.37 16.35
CA GLY A 421 -10.12 -45.05 16.97
C GLY A 421 -9.87 -43.96 15.94
N ILE A 422 -8.96 -44.22 15.03
CA ILE A 422 -8.67 -43.28 13.94
C ILE A 422 -9.89 -43.15 13.03
N THR A 423 -10.53 -44.27 12.72
CA THR A 423 -11.71 -44.23 11.88
C THR A 423 -12.81 -43.39 12.56
N ALA A 424 -13.02 -43.60 13.85
CA ALA A 424 -14.01 -42.85 14.60
C ALA A 424 -13.64 -41.38 14.67
N ALA A 425 -12.34 -41.09 14.82
CA ALA A 425 -11.87 -39.70 14.87
C ALA A 425 -12.15 -39.00 13.54
N LYS A 426 -11.86 -39.69 12.45
CA LYS A 426 -12.11 -39.15 11.10
C LYS A 426 -13.60 -38.86 10.90
N GLU A 427 -14.47 -39.78 11.30
CA GLU A 427 -15.92 -39.57 11.14
C GLU A 427 -16.40 -38.34 11.93
N LYS A 428 -15.89 -38.19 13.13
CA LYS A 428 -16.27 -37.07 13.99
C LYS A 428 -15.80 -35.76 13.38
N PHE A 429 -14.55 -35.75 12.94
CA PHE A 429 -13.95 -34.60 12.29
C PHE A 429 -14.73 -34.20 11.05
N ASP A 430 -14.95 -35.16 10.14
CA ASP A 430 -15.65 -34.85 8.89
C ASP A 430 -17.07 -34.33 9.14
N THR A 431 -17.77 -34.93 10.11
CA THR A 431 -19.14 -34.53 10.44
C THR A 431 -19.18 -33.11 11.00
N THR A 432 -18.24 -32.79 11.87
CA THR A 432 -18.15 -31.45 12.43
C THR A 432 -17.81 -30.40 11.38
N VAL A 433 -16.76 -30.65 10.60
CA VAL A 433 -16.31 -29.67 9.60
C VAL A 433 -17.41 -29.33 8.61
N LYS A 434 -18.25 -30.32 8.27
CA LYS A 434 -19.36 -30.13 7.33
C LYS A 434 -20.33 -29.05 7.79
N THR A 435 -20.36 -28.78 9.08
CA THR A 435 -21.30 -27.81 9.66
C THR A 435 -20.77 -26.40 9.64
N LEU A 436 -19.50 -26.22 9.28
CA LEU A 436 -18.82 -24.94 9.39
C LEU A 436 -18.82 -24.19 8.08
N SER A 437 -19.23 -22.93 8.13
CA SER A 437 -19.13 -22.05 7.01
C SER A 437 -18.27 -20.87 7.39
N ILE A 438 -17.55 -20.34 6.43
CA ILE A 438 -16.69 -19.17 6.61
C ILE A 438 -16.82 -18.31 5.37
N ASP A 439 -16.81 -17.00 5.53
CA ASP A 439 -16.74 -16.11 4.36
C ASP A 439 -16.21 -14.78 4.85
N SER A 440 -15.88 -13.89 3.91
CA SER A 440 -15.27 -12.63 4.27
C SER A 440 -15.81 -11.48 3.46
N ILE A 441 -15.56 -10.29 3.98
CA ILE A 441 -15.74 -9.05 3.22
C ILE A 441 -14.52 -8.16 3.35
N GLN A 442 -14.37 -7.28 2.37
CA GLN A 442 -13.35 -6.25 2.36
C GLN A 442 -14.06 -4.97 2.05
N PHE A 443 -14.33 -4.19 3.10
CA PHE A 443 -15.05 -2.92 2.99
C PHE A 443 -14.05 -1.86 2.54
N GLN A 444 -14.27 -1.33 1.33
CA GLN A 444 -13.24 -0.53 0.64
C GLN A 444 -13.38 0.98 0.82
N ARG A 445 -14.48 1.42 1.43
CA ARG A 445 -14.77 2.86 1.48
C ARG A 445 -13.84 3.67 2.37
N GLY A 446 -13.28 3.03 3.40
CA GLY A 446 -12.34 3.67 4.28
C GLY A 446 -12.07 2.80 5.50
N GLY A 447 -11.20 3.30 6.37
CA GLY A 447 -10.79 2.59 7.58
C GLY A 447 -10.27 3.52 8.64
N LYS A 448 -9.09 3.21 9.19
CA LYS A 448 -8.54 3.95 10.32
C LYS A 448 -8.41 5.44 10.03
N GLU A 449 -7.92 5.80 8.85
CA GLU A 449 -7.60 7.22 8.58
C GLU A 449 -8.87 8.07 8.68
N PHE A 450 -9.91 7.66 7.98
CA PHE A 450 -11.21 8.34 7.98
C PHE A 450 -11.77 8.41 9.39
N LEU A 451 -11.76 7.29 10.10
CA LEU A 451 -12.39 7.24 11.41
C LEU A 451 -11.67 8.11 12.45
N LYS A 452 -10.34 8.13 12.40
CA LYS A 452 -9.54 8.96 13.31
C LYS A 452 -9.79 10.43 13.03
N LYS A 453 -9.94 10.80 11.77
CA LYS A 453 -10.30 12.19 11.41
C LYS A 453 -11.66 12.60 11.98
N LYS A 454 -12.56 11.62 12.12
CA LYS A 454 -13.87 11.86 12.73
C LYS A 454 -13.87 11.73 14.27
N GLN A 455 -12.66 11.64 14.84
CA GLN A 455 -12.44 11.55 16.29
C GLN A 455 -13.05 10.31 16.92
N LEU A 456 -13.06 9.21 16.18
CA LEU A 456 -13.62 7.95 16.66
C LEU A 456 -12.54 6.90 16.78
N SER A 457 -12.75 5.95 17.70
CA SER A 457 -11.91 4.75 17.81
C SER A 457 -12.30 3.76 16.71
N PRO A 458 -11.37 3.43 15.79
CA PRO A 458 -11.71 2.46 14.76
C PRO A 458 -12.19 1.11 15.32
N ASP A 459 -11.60 0.66 16.41
CA ASP A 459 -12.00 -0.61 17.01
C ASP A 459 -13.44 -0.51 17.48
N ALA A 460 -13.78 0.62 18.09
CA ALA A 460 -15.15 0.83 18.55
C ALA A 460 -16.17 0.82 17.42
N VAL A 461 -15.79 1.41 16.29
CA VAL A 461 -16.69 1.47 15.12
C VAL A 461 -16.92 0.07 14.53
N ALA A 462 -15.85 -0.71 14.43
CA ALA A 462 -16.01 -2.10 13.99
C ALA A 462 -16.96 -2.86 14.91
N GLN A 463 -16.75 -2.74 16.22
CA GLN A 463 -17.62 -3.42 17.17
C GLN A 463 -19.06 -2.94 17.08
N LEU A 464 -19.26 -1.63 16.92
CA LEU A 464 -20.61 -1.09 16.69
C LEU A 464 -21.27 -1.73 15.47
N ALA A 465 -20.51 -1.88 14.38
CA ALA A 465 -21.05 -2.46 13.16
C ALA A 465 -21.53 -3.89 13.40
N PHE A 466 -20.81 -4.66 14.23
CA PHE A 466 -21.22 -6.04 14.49
C PHE A 466 -22.52 -6.08 15.30
N GLN A 467 -22.65 -5.16 16.27
CA GLN A 467 -23.87 -5.04 17.08
C GLN A 467 -25.05 -4.69 16.17
N MSE A 468 -24.83 -3.70 15.32
CA MSE A 468 -25.84 -3.19 14.40
C MSE A 468 -26.27 -4.29 13.40
O MSE A 468 -27.47 -4.54 13.20
CB MSE A 468 -25.35 -1.93 13.71
CG MSE A 468 -26.41 -1.11 13.01
SE MSE A 468 -25.61 0.41 12.09
CE MSE A 468 -24.73 1.19 13.56
N ALA A 469 -25.28 -4.99 12.86
CA ALA A 469 -25.55 -6.08 11.92
C ALA A 469 -26.36 -7.20 12.57
N PHE A 470 -25.99 -7.58 13.78
CA PHE A 470 -26.74 -8.62 14.46
C PHE A 470 -28.18 -8.19 14.76
N LEU A 471 -28.37 -6.93 15.11
CA LEU A 471 -29.73 -6.41 15.27
C LEU A 471 -30.53 -6.48 13.97
N ARG A 472 -29.90 -6.10 12.86
CA ARG A 472 -30.53 -6.13 11.53
C ARG A 472 -30.92 -7.55 11.19
N GLN A 473 -30.01 -8.48 11.46
CA GLN A 473 -30.22 -9.87 11.02
C GLN A 473 -31.18 -10.65 11.92
N TYR A 474 -31.04 -10.53 13.23
CA TYR A 474 -31.72 -11.37 14.19
C TYR A 474 -32.63 -10.63 15.17
N GLY A 475 -32.56 -9.31 15.16
CA GLY A 475 -33.41 -8.47 16.00
C GLY A 475 -33.15 -8.56 17.49
N GLN A 476 -31.91 -8.88 17.86
CA GLN A 476 -31.55 -9.10 19.25
C GLN A 476 -30.23 -8.42 19.56
N THR A 477 -30.00 -8.23 20.85
CA THR A 477 -28.72 -7.82 21.41
C THR A 477 -28.21 -9.02 22.21
N VAL A 478 -27.00 -9.47 21.90
CA VAL A 478 -26.48 -10.70 22.47
C VAL A 478 -25.10 -10.55 23.08
N ALA A 479 -24.75 -11.54 23.89
CA ALA A 479 -23.47 -11.57 24.59
C ALA A 479 -22.33 -11.52 23.56
N THR A 480 -21.40 -10.57 23.77
CA THR A 480 -20.33 -10.23 22.84
C THR A 480 -19.00 -10.17 23.60
N TYR A 481 -17.97 -10.72 22.97
CA TYR A 481 -16.66 -10.91 23.61
C TYR A 481 -15.61 -10.28 22.74
N GLU A 482 -14.74 -9.47 23.36
CA GLU A 482 -13.50 -8.99 22.76
C GLU A 482 -12.40 -9.08 23.80
N SER A 483 -11.24 -9.58 23.41
CA SER A 483 -10.13 -9.78 24.34
C SER A 483 -9.26 -8.55 24.45
N CYS A 484 -8.67 -8.35 25.62
CA CYS A 484 -7.68 -7.32 25.85
C CYS A 484 -6.53 -7.94 26.63
N SER A 485 -5.30 -7.63 26.27
CA SER A 485 -4.15 -8.14 26.99
C SER A 485 -3.96 -7.47 28.34
N THR A 486 -3.71 -8.26 29.37
CA THR A 486 -3.25 -7.75 30.67
C THR A 486 -1.77 -8.11 30.90
N ALA A 487 -1.04 -8.28 29.80
CA ALA A 487 0.37 -8.69 29.88
C ALA A 487 1.30 -7.58 30.36
N ALA A 488 0.79 -6.38 30.60
CA ALA A 488 1.61 -5.36 31.25
C ALA A 488 1.94 -5.71 32.69
N PHE A 489 1.26 -6.72 33.23
CA PHE A 489 1.43 -7.18 34.60
C PHE A 489 2.11 -8.54 34.66
N LYS A 490 2.76 -8.80 35.80
CA LYS A 490 3.40 -10.09 36.04
C LYS A 490 2.43 -11.22 35.89
N HIS A 491 2.75 -12.16 34.98
CA HIS A 491 1.90 -13.30 34.70
C HIS A 491 0.48 -12.85 34.29
N GLY A 492 0.42 -11.68 33.66
CA GLY A 492 -0.82 -11.18 33.14
C GLY A 492 -1.27 -12.01 31.96
N ARG A 493 -2.58 -11.99 31.74
CA ARG A 493 -3.23 -12.85 30.76
C ARG A 493 -4.08 -11.98 29.83
N THR A 494 -5.39 -12.16 29.85
CA THR A 494 -6.30 -11.30 29.11
C THR A 494 -7.45 -10.93 30.03
N GLU A 495 -8.19 -9.91 29.60
CA GLU A 495 -9.45 -9.53 30.23
C GLU A 495 -10.48 -9.38 29.12
N THR A 496 -11.75 -9.57 29.43
CA THR A 496 -12.80 -9.40 28.44
C THR A 496 -13.29 -7.96 28.38
N ILE A 497 -13.21 -7.35 27.19
CA ILE A 497 -13.94 -6.12 26.88
C ILE A 497 -15.32 -6.56 26.42
N ARG A 498 -16.35 -5.93 26.96
CA ARG A 498 -17.75 -6.26 26.62
C ARG A 498 -18.27 -5.15 25.70
N PRO A 499 -18.20 -5.35 24.38
CA PRO A 499 -18.59 -4.26 23.48
C PRO A 499 -20.09 -3.96 23.37
N ALA A 500 -20.94 -4.92 23.73
CA ALA A 500 -22.39 -4.75 23.69
C ALA A 500 -22.78 -3.90 24.90
N SER A 501 -23.06 -2.63 24.65
CA SER A 501 -23.29 -1.66 25.72
C SER A 501 -24.64 -0.98 25.59
N ILE A 502 -25.02 -0.26 26.63
CA ILE A 502 -26.23 0.56 26.56
C ILE A 502 -26.13 1.48 25.33
N PHE A 503 -24.95 2.03 25.09
CA PHE A 503 -24.73 2.95 23.98
C PHE A 503 -24.77 2.28 22.60
N THR A 504 -24.15 1.12 22.44
CA THR A 504 -24.24 0.47 21.13
C THR A 504 -25.67 -0.02 20.86
N LYS A 505 -26.38 -0.43 21.89
CA LYS A 505 -27.76 -0.85 21.72
C LYS A 505 -28.63 0.32 21.26
N ARG A 506 -28.44 1.47 21.91
CA ARG A 506 -29.11 2.70 21.52
C ARG A 506 -28.81 3.12 20.08
N CYS A 507 -27.53 3.13 19.72
CA CYS A 507 -27.12 3.55 18.39
C CYS A 507 -27.65 2.56 17.34
N SER A 508 -27.55 1.26 17.63
CA SER A 508 -28.06 0.25 16.69
C SER A 508 -29.55 0.37 16.46
N GLU A 509 -30.32 0.57 17.53
CA GLU A 509 -31.76 0.77 17.44
C GLU A 509 -32.07 1.99 16.58
N ALA A 510 -31.32 3.08 16.75
CA ALA A 510 -31.52 4.29 15.94
C ALA A 510 -31.31 4.03 14.45
N PHE A 511 -30.20 3.38 14.10
CA PHE A 511 -29.88 3.14 12.68
C PHE A 511 -30.82 2.13 12.05
N VAL A 512 -31.12 1.05 12.77
CA VAL A 512 -31.86 -0.08 12.19
C VAL A 512 -33.37 0.08 12.27
N ARG A 513 -33.86 0.46 13.44
CA ARG A 513 -35.31 0.48 13.67
C ARG A 513 -35.96 1.85 13.49
N ASP A 514 -35.27 2.94 13.81
CA ASP A 514 -35.89 4.26 13.68
C ASP A 514 -34.99 5.29 12.96
N PRO A 515 -34.49 4.93 11.77
CA PRO A 515 -33.56 5.81 11.06
C PRO A 515 -34.13 7.19 10.71
N SER A 516 -35.44 7.27 10.48
CA SER A 516 -36.08 8.55 10.14
C SER A 516 -36.32 9.45 11.37
N LYS A 517 -36.20 8.89 12.57
CA LYS A 517 -36.46 9.65 13.81
C LYS A 517 -35.31 10.53 14.29
N HIS A 518 -34.11 10.36 13.70
CA HIS A 518 -32.91 11.04 14.21
C HIS A 518 -32.21 11.83 13.13
N SER A 519 -31.69 12.99 13.51
CA SER A 519 -30.89 13.79 12.63
C SER A 519 -29.49 13.20 12.51
N VAL A 520 -28.79 13.57 11.44
CA VAL A 520 -27.42 13.08 11.27
C VAL A 520 -26.54 13.50 12.45
N GLY A 521 -26.76 14.69 12.99
CA GLY A 521 -26.05 15.14 14.18
C GLY A 521 -26.32 14.28 15.39
N GLU A 522 -27.57 13.86 15.55
CA GLU A 522 -27.94 12.96 16.64
C GLU A 522 -27.29 11.59 16.50
N LEU A 523 -27.24 11.06 15.28
CA LEU A 523 -26.54 9.80 15.02
C LEU A 523 -25.05 9.94 15.31
N GLN A 524 -24.47 11.06 14.92
CA GLN A 524 -23.05 11.32 15.18
C GLN A 524 -22.72 11.33 16.66
N HIS A 525 -23.54 12.02 17.45
CA HIS A 525 -23.36 12.03 18.89
C HIS A 525 -23.46 10.62 19.49
N MSE A 526 -24.45 9.85 19.05
CA MSE A 526 -24.57 8.46 19.51
C MSE A 526 -23.32 7.63 19.18
O MSE A 526 -22.87 6.83 20.01
CB MSE A 526 -25.80 7.81 18.90
CG MSE A 526 -27.09 8.31 19.45
SE MSE A 526 -28.58 7.32 18.66
CE MSE A 526 -29.42 8.76 17.67
N MSE A 527 -22.77 7.79 17.99
CA MSE A 527 -21.54 7.08 17.64
C MSE A 527 -20.35 7.52 18.47
O MSE A 527 -19.53 6.70 18.91
CB MSE A 527 -21.24 7.22 16.15
CG MSE A 527 -22.26 6.50 15.27
SE MSE A 527 -21.76 6.53 13.37
CE MSE A 527 -22.25 8.37 12.96
N ALA A 528 -20.24 8.83 18.70
CA ALA A 528 -19.21 9.38 19.57
C ALA A 528 -19.30 8.79 20.98
N GLU A 529 -20.53 8.66 21.49
CA GLU A 529 -20.74 8.04 22.80
C GLU A 529 -20.34 6.58 22.83
N CYS A 530 -20.72 5.83 21.79
CA CYS A 530 -20.31 4.43 21.68
C CYS A 530 -18.80 4.32 21.77
N SER A 531 -18.12 5.17 21.02
CA SER A 531 -16.66 5.16 20.93
C SER A 531 -16.00 5.49 22.26
N LYS A 532 -16.49 6.53 22.92
CA LYS A 532 -15.99 6.92 24.23
C LYS A 532 -16.09 5.78 25.22
N TYR A 533 -17.25 5.15 25.27
CA TYR A 533 -17.49 4.08 26.23
C TYR A 533 -16.66 2.86 25.92
N HIS A 534 -16.53 2.52 24.64
CA HIS A 534 -15.69 1.40 24.24
C HIS A 534 -14.23 1.64 24.64
N GLY A 535 -13.73 2.86 24.41
CA GLY A 535 -12.42 3.29 24.87
C GLY A 535 -12.26 3.15 26.36
N GLN A 536 -13.27 3.54 27.11
CA GLN A 536 -13.20 3.44 28.57
C GLN A 536 -13.08 1.98 29.01
N LEU A 537 -13.89 1.11 28.42
CA LEU A 537 -13.86 -0.32 28.74
C LEU A 537 -12.51 -0.93 28.35
N THR A 538 -11.96 -0.51 27.22
CA THR A 538 -10.67 -0.98 26.74
C THR A 538 -9.55 -0.61 27.71
N LYS A 539 -9.53 0.65 28.12
CA LYS A 539 -8.52 1.12 29.05
C LYS A 539 -8.64 0.38 30.37
N GLU A 540 -9.88 0.25 30.85
CA GLU A 540 -10.15 -0.47 32.09
C GLU A 540 -9.69 -1.91 32.01
N ALA A 541 -10.01 -2.59 30.93
CA ALA A 541 -9.68 -4.01 30.82
C ALA A 541 -8.16 -4.22 30.83
N ALA A 542 -7.42 -3.36 30.15
CA ALA A 542 -5.94 -3.43 30.11
C ALA A 542 -5.31 -3.27 31.49
N MSE A 543 -6.04 -2.60 32.38
CA MSE A 543 -5.63 -2.42 33.78
C MSE A 543 -6.17 -3.48 34.74
O MSE A 543 -6.03 -3.39 35.97
CB MSE A 543 -6.05 -1.02 34.26
CG MSE A 543 -5.34 0.08 33.52
SE MSE A 543 -3.40 0.13 33.85
CE MSE A 543 -3.42 0.38 35.80
N GLY A 544 -6.81 -4.52 34.20
CA GLY A 544 -7.37 -5.57 35.02
C GLY A 544 -8.69 -5.20 35.68
N GLN A 545 -9.33 -4.16 35.15
CA GLN A 545 -10.58 -3.66 35.71
C GLN A 545 -11.81 -3.98 34.85
N GLY A 546 -11.75 -5.09 34.13
CA GLY A 546 -12.97 -5.75 33.67
C GLY A 546 -13.60 -6.47 34.84
N PHE A 547 -14.73 -7.13 34.59
CA PHE A 547 -15.39 -7.93 35.62
C PHE A 547 -15.30 -9.44 35.41
N ASP A 548 -15.08 -9.87 34.17
CA ASP A 548 -15.14 -11.27 33.83
C ASP A 548 -14.10 -12.11 34.56
N ARG A 549 -12.84 -11.70 34.56
CA ARG A 549 -11.80 -12.52 35.20
C ARG A 549 -12.03 -12.58 36.70
N HIS A 550 -12.39 -11.46 37.31
CA HIS A 550 -12.64 -11.42 38.77
C HIS A 550 -13.74 -12.40 39.14
N LEU A 551 -14.87 -12.31 38.46
CA LEU A 551 -15.97 -13.23 38.74
C LEU A 551 -15.62 -14.69 38.49
N TYR A 552 -14.83 -14.96 37.44
CA TYR A 552 -14.37 -16.31 37.18
C TYR A 552 -13.46 -16.80 38.31
N ALA A 553 -12.54 -15.95 38.75
CA ALA A 553 -11.62 -16.35 39.82
C ALA A 553 -12.35 -16.69 41.11
N LEU A 554 -13.41 -15.95 41.40
CA LEU A 554 -14.19 -16.20 42.62
C LEU A 554 -14.95 -17.53 42.53
N ARG A 555 -15.50 -17.81 41.35
CA ARG A 555 -16.12 -19.10 41.07
C ARG A 555 -15.13 -20.26 41.19
N TYR A 556 -13.96 -20.08 40.60
CA TYR A 556 -12.93 -21.08 40.61
C TYR A 556 -12.50 -21.37 42.04
N LEU A 557 -12.38 -20.32 42.83
CA LEU A 557 -12.00 -20.46 44.22
C LEU A 557 -13.03 -21.27 45.00
N ALA A 558 -14.31 -20.97 44.83
CA ALA A 558 -15.38 -21.70 45.50
C ALA A 558 -15.31 -23.17 45.17
N THR A 559 -15.13 -23.48 43.89
CA THR A 559 -15.08 -24.86 43.44
C THR A 559 -13.84 -25.58 43.97
N ALA A 560 -12.71 -24.90 43.90
CA ALA A 560 -11.43 -25.45 44.34
C ALA A 560 -11.44 -25.80 45.83
N ARG A 561 -12.15 -25.00 46.62
CA ARG A 561 -12.29 -25.23 48.05
C ARG A 561 -13.39 -26.24 48.38
N GLY A 562 -14.02 -26.81 47.37
CA GLY A 562 -15.02 -27.85 47.57
C GLY A 562 -16.39 -27.35 47.98
N LEU A 563 -16.73 -26.11 47.59
CA LEU A 563 -18.04 -25.54 47.90
C LEU A 563 -19.03 -25.67 46.74
N ASN A 564 -20.32 -25.66 47.06
CA ASN A 564 -21.37 -25.54 46.05
C ASN A 564 -21.26 -24.21 45.34
N LEU A 565 -21.61 -24.21 44.05
CA LEU A 565 -21.54 -23.03 43.23
C LEU A 565 -22.52 -22.00 43.77
N PRO A 566 -22.04 -20.77 44.07
CA PRO A 566 -22.95 -19.70 44.51
C PRO A 566 -24.08 -19.39 43.52
N GLU A 567 -25.21 -18.92 44.06
CA GLU A 567 -26.41 -18.65 43.25
C GLU A 567 -26.19 -17.66 42.12
N LEU A 568 -25.25 -16.73 42.30
CA LEU A 568 -24.90 -15.77 41.25
C LEU A 568 -24.62 -16.51 39.94
N TYR A 569 -23.92 -17.62 40.04
CA TYR A 569 -23.42 -18.32 38.86
C TYR A 569 -24.46 -19.30 38.28
N LEU A 570 -25.52 -19.56 39.02
CA LEU A 570 -26.62 -20.40 38.54
C LEU A 570 -27.72 -19.59 37.84
N ASP A 571 -27.64 -18.27 37.97
CA ASP A 571 -28.49 -17.32 37.24
C ASP A 571 -28.36 -17.64 35.75
N PRO A 572 -29.50 -17.85 35.05
CA PRO A 572 -29.40 -17.96 33.60
C PRO A 572 -28.70 -16.78 32.92
N ALA A 573 -28.77 -15.60 33.51
CA ALA A 573 -28.10 -14.42 32.98
C ALA A 573 -26.59 -14.58 33.01
N TYR A 574 -26.05 -15.25 34.02
CA TYR A 574 -24.60 -15.47 34.07
C TYR A 574 -24.21 -16.46 32.97
N GLN A 575 -24.99 -17.50 32.79
CA GLN A 575 -24.71 -18.46 31.72
C GLN A 575 -24.81 -17.75 30.36
N GLN A 576 -25.79 -16.87 30.21
CA GLN A 576 -26.00 -16.16 28.95
C GLN A 576 -24.85 -15.20 28.65
N MSE A 577 -24.35 -14.51 29.67
CA MSE A 577 -23.19 -13.61 29.54
C MSE A 577 -21.96 -14.34 29.01
O MSE A 577 -21.10 -13.73 28.36
CB MSE A 577 -22.90 -12.94 30.90
CG MSE A 577 -21.74 -11.98 30.95
SE MSE A 577 -21.85 -10.46 29.79
CE MSE A 577 -23.05 -9.45 30.84
N ASN A 578 -21.86 -15.63 29.31
CA ASN A 578 -20.69 -16.39 28.98
C ASN A 578 -20.93 -17.39 27.85
N HIS A 579 -22.04 -17.19 27.15
CA HIS A 579 -22.38 -17.93 25.94
C HIS A 579 -22.23 -16.94 24.80
N ASN A 580 -21.02 -16.81 24.30
CA ASN A 580 -20.66 -15.66 23.48
C ASN A 580 -21.02 -15.84 22.03
N ILE A 581 -22.23 -15.41 21.70
CA ILE A 581 -22.73 -15.49 20.33
C ILE A 581 -21.88 -14.67 19.36
N LEU A 582 -21.51 -13.45 19.76
CA LEU A 582 -20.57 -12.65 18.97
C LEU A 582 -19.21 -12.71 19.61
N SER A 583 -18.34 -13.56 19.07
CA SER A 583 -17.00 -13.73 19.59
C SER A 583 -16.07 -13.11 18.57
N THR A 584 -15.28 -12.11 18.98
CA THR A 584 -14.54 -11.27 18.06
C THR A 584 -13.07 -11.27 18.41
N SER A 585 -12.25 -11.01 17.42
CA SER A 585 -10.79 -10.95 17.59
C SER A 585 -10.14 -10.17 16.46
N THR A 586 -9.13 -9.38 16.80
CA THR A 586 -8.42 -8.60 15.80
C THR A 586 -6.93 -8.68 15.99
N LEU A 587 -6.20 -8.36 14.92
CA LEU A 587 -4.75 -8.26 14.87
C LEU A 587 -4.43 -7.05 14.03
N ASN A 588 -3.37 -6.35 14.40
CA ASN A 588 -2.85 -5.25 13.60
C ASN A 588 -1.39 -5.56 13.28
N SER A 589 -1.14 -6.06 12.07
CA SER A 589 0.22 -6.42 11.64
C SER A 589 0.39 -6.43 10.12
N PRO A 590 1.49 -5.87 9.62
CA PRO A 590 1.71 -5.92 8.17
C PRO A 590 2.03 -7.34 7.66
N ALA A 591 2.31 -8.27 8.57
CA ALA A 591 2.59 -9.65 8.15
C ALA A 591 1.33 -10.45 7.93
N VAL A 592 0.21 -10.00 8.48
CA VAL A 592 -1.00 -10.83 8.51
C VAL A 592 -1.92 -10.49 7.35
N SER A 593 -2.20 -11.49 6.51
CA SER A 593 -3.15 -11.31 5.43
C SER A 593 -4.57 -11.38 5.98
N LEU A 594 -4.84 -12.43 6.74
CA LEU A 594 -6.10 -12.58 7.46
C LEU A 594 -5.92 -13.66 8.52
N GLY A 595 -6.87 -13.71 9.44
CA GLY A 595 -6.90 -14.72 10.49
C GLY A 595 -8.31 -15.28 10.55
N GLY A 596 -8.51 -16.28 11.40
CA GLY A 596 -9.80 -16.91 11.50
C GLY A 596 -9.92 -17.84 12.68
N PHE A 597 -11.15 -18.02 13.11
CA PHE A 597 -11.47 -18.94 14.17
C PHE A 597 -12.94 -19.29 14.08
N ALA A 598 -13.28 -20.46 14.60
CA ALA A 598 -14.63 -20.93 14.58
C ALA A 598 -15.43 -20.28 15.69
N PRO A 599 -16.78 -20.36 15.65
CA PRO A 599 -17.57 -19.86 16.75
C PRO A 599 -17.24 -20.62 18.04
N VAL A 600 -17.45 -19.97 19.19
CA VAL A 600 -17.19 -20.60 20.48
C VAL A 600 -18.42 -21.27 21.07
N VAL A 601 -19.57 -21.05 20.43
CA VAL A 601 -20.81 -21.74 20.80
C VAL A 601 -21.53 -22.19 19.52
N PRO A 602 -22.42 -23.19 19.61
CA PRO A 602 -23.07 -23.71 18.40
C PRO A 602 -23.87 -22.69 17.59
N ASP A 603 -24.49 -21.73 18.26
CA ASP A 603 -25.28 -20.68 17.59
C ASP A 603 -24.52 -19.36 17.60
N GLY A 604 -23.20 -19.43 17.47
CA GLY A 604 -22.37 -18.26 17.44
C GLY A 604 -21.74 -17.93 16.09
N PHE A 605 -21.12 -16.75 16.04
CA PHE A 605 -20.22 -16.35 14.99
C PHE A 605 -18.81 -16.22 15.55
N GLY A 606 -17.83 -16.55 14.72
CA GLY A 606 -16.44 -16.24 15.04
C GLY A 606 -15.97 -15.15 14.10
N ILE A 607 -15.82 -13.93 14.63
CA ILE A 607 -15.59 -12.74 13.82
C ILE A 607 -14.13 -12.29 13.96
N ALA A 608 -13.34 -12.60 12.95
CA ALA A 608 -11.99 -12.05 12.84
C ALA A 608 -12.07 -10.78 12.04
N TYR A 609 -11.54 -9.69 12.57
CA TYR A 609 -11.58 -8.43 11.85
C TYR A 609 -10.28 -7.65 11.93
N ALA A 610 -10.12 -6.72 11.00
CA ALA A 610 -9.04 -5.79 11.08
C ALA A 610 -9.42 -4.50 10.40
N VAL A 611 -9.15 -3.40 11.09
CA VAL A 611 -9.34 -2.09 10.50
C VAL A 611 -7.99 -1.60 10.00
N HIS A 612 -7.83 -1.56 8.68
CA HIS A 612 -6.62 -1.10 8.03
C HIS A 612 -6.77 0.39 7.78
N ASP A 613 -5.74 1.03 7.25
CA ASP A 613 -5.79 2.49 7.05
C ASP A 613 -6.94 2.94 6.15
N ASP A 614 -7.15 2.21 5.06
CA ASP A 614 -8.09 2.63 4.03
C ASP A 614 -9.23 1.65 3.79
N TRP A 615 -9.30 0.56 4.56
CA TRP A 615 -10.33 -0.45 4.37
C TRP A 615 -10.51 -1.27 5.63
N ILE A 616 -11.57 -2.06 5.67
CA ILE A 616 -11.87 -2.92 6.82
C ILE A 616 -12.15 -4.35 6.35
N GLY A 617 -11.46 -5.31 6.97
CA GLY A 617 -11.62 -6.73 6.63
C GLY A 617 -12.30 -7.52 7.72
N CYS A 618 -13.18 -8.47 7.33
CA CYS A 618 -13.92 -9.28 8.26
C CYS A 618 -13.97 -10.69 7.71
N ASN A 619 -13.57 -11.66 8.53
CA ASN A 619 -13.61 -13.09 8.14
C ASN A 619 -14.45 -13.78 9.20
N VAL A 620 -15.63 -14.23 8.82
CA VAL A 620 -16.64 -14.67 9.79
C VAL A 620 -17.03 -16.11 9.58
N SER A 621 -17.02 -16.87 10.66
CA SER A 621 -17.42 -18.27 10.67
C SER A 621 -18.76 -18.46 11.35
N SER A 622 -19.44 -19.54 11.00
CA SER A 622 -20.71 -19.89 11.57
C SER A 622 -20.88 -21.40 11.49
N TYR A 623 -21.70 -21.96 12.36
CA TYR A 623 -22.18 -23.32 12.22
C TYR A 623 -23.57 -23.28 11.61
N SER A 624 -24.28 -24.40 11.54
CA SER A 624 -25.58 -24.47 10.89
C SER A 624 -26.61 -23.49 11.43
N GLY A 625 -26.54 -23.22 12.73
CA GLY A 625 -27.54 -22.40 13.41
C GLY A 625 -27.52 -20.91 13.14
N ARG A 626 -26.48 -20.42 12.47
CA ARG A 626 -26.38 -19.02 12.07
C ARG A 626 -25.99 -18.94 10.60
N ASN A 627 -26.07 -17.74 10.04
CA ASN A 627 -25.85 -17.54 8.62
C ASN A 627 -24.78 -16.46 8.43
N ALA A 628 -23.55 -16.90 8.16
CA ALA A 628 -22.41 -16.01 8.04
C ALA A 628 -22.53 -15.09 6.83
N ARG A 629 -23.04 -15.61 5.72
CA ARG A 629 -23.16 -14.80 4.51
C ARG A 629 -24.10 -13.62 4.73
N GLU A 630 -25.27 -13.90 5.30
CA GLU A 630 -26.23 -12.85 5.60
C GLU A 630 -25.66 -11.87 6.62
N PHE A 631 -24.99 -12.39 7.64
CA PHE A 631 -24.34 -11.53 8.62
C PHE A 631 -23.38 -10.54 7.97
N LEU A 632 -22.55 -11.04 7.06
CA LEU A 632 -21.57 -10.24 6.34
C LEU A 632 -22.23 -9.19 5.45
N HIS A 633 -23.33 -9.55 4.77
CA HIS A 633 -24.10 -8.56 4.02
C HIS A 633 -24.59 -7.45 4.96
N CYS A 634 -25.02 -7.84 6.16
CA CYS A 634 -25.48 -6.86 7.16
C CYS A 634 -24.33 -5.98 7.66
N VAL A 635 -23.17 -6.58 7.91
CA VAL A 635 -22.01 -5.78 8.35
C VAL A 635 -21.62 -4.74 7.30
N GLN A 636 -21.57 -5.16 6.04
CA GLN A 636 -21.32 -4.27 4.92
C GLN A 636 -22.28 -3.08 4.92
N LYS A 637 -23.57 -3.38 5.00
CA LYS A 637 -24.60 -2.34 4.99
C LYS A 637 -24.46 -1.40 6.18
N CYS A 638 -24.23 -1.97 7.35
CA CYS A 638 -24.04 -1.16 8.56
C CYS A 638 -22.84 -0.23 8.46
N LEU A 639 -21.72 -0.73 7.94
CA LEU A 639 -20.54 0.11 7.70
C LEU A 639 -20.86 1.21 6.68
N GLU A 640 -21.65 0.89 5.66
CA GLU A 640 -22.09 1.91 4.70
C GLU A 640 -22.88 3.01 5.41
N ASP A 641 -23.83 2.62 6.24
CA ASP A 641 -24.66 3.59 6.97
C ASP A 641 -23.87 4.44 7.95
N ILE A 642 -22.96 3.81 8.69
CA ILE A 642 -22.07 4.52 9.62
C ILE A 642 -21.24 5.56 8.88
N PHE A 643 -20.64 5.16 7.75
CA PHE A 643 -19.80 6.07 6.98
C PHE A 643 -20.65 7.19 6.37
N ASP A 644 -21.82 6.84 5.85
CA ASP A 644 -22.76 7.87 5.35
C ASP A 644 -23.03 8.90 6.44
N ALA A 645 -23.43 8.43 7.62
CA ALA A 645 -23.78 9.32 8.73
C ALA A 645 -22.60 10.19 9.12
N LEU A 646 -21.41 9.61 9.15
CA LEU A 646 -20.20 10.39 9.47
C LEU A 646 -19.91 11.47 8.42
N GLU A 647 -20.23 11.18 7.17
CA GLU A 647 -20.07 12.15 6.07
C GLU A 647 -21.20 13.19 6.01
N GLY A 648 -22.20 13.06 6.88
CA GLY A 648 -23.30 14.01 6.93
C GLY A 648 -24.45 13.67 6.00
N LYS A 649 -24.40 12.49 5.37
CA LYS A 649 -25.42 12.07 4.43
C LYS A 649 -26.61 11.44 5.15
N ALA A 650 -27.82 11.65 4.62
CA ALA A 650 -29.00 10.98 5.15
C ALA A 650 -28.83 9.50 4.85
N ILE A 651 -29.12 8.64 5.81
CA ILE A 651 -28.85 7.22 5.57
C ILE A 651 -29.90 6.63 4.65
N LYS A 652 -29.46 5.65 3.87
CA LYS A 652 -30.27 5.03 2.82
C LYS A 652 -31.14 3.94 3.41
N THR A 653 -32.45 4.04 3.16
CA THR A 653 -33.45 3.09 3.64
C THR A 653 -33.72 2.03 2.58
N ASP B 27 12.15 47.99 -18.06
CA ASP B 27 12.83 46.71 -18.41
C ASP B 27 11.97 45.51 -18.02
N ASP B 28 10.92 45.23 -18.79
CA ASP B 28 9.94 44.20 -18.40
C ASP B 28 10.11 42.85 -19.13
N TYR B 29 11.30 42.63 -19.68
CA TYR B 29 11.61 41.38 -20.38
C TYR B 29 12.69 40.63 -19.61
N LEU B 30 12.59 39.31 -19.60
CA LEU B 30 13.53 38.49 -18.81
C LEU B 30 14.67 37.92 -19.65
N GLN B 31 14.68 38.27 -20.93
CA GLN B 31 15.74 37.92 -21.84
C GLN B 31 15.75 38.94 -22.96
N HIS B 32 16.90 39.12 -23.62
CA HIS B 32 17.03 40.13 -24.67
C HIS B 32 17.75 39.58 -25.90
N SER B 33 17.17 38.53 -26.47
CA SER B 33 17.80 37.85 -27.60
C SER B 33 17.96 38.76 -28.81
N ILE B 34 19.15 38.77 -29.39
CA ILE B 34 19.33 39.49 -30.67
C ILE B 34 18.85 38.62 -31.84
N VAL B 35 18.74 37.31 -31.63
CA VAL B 35 18.14 36.41 -32.63
C VAL B 35 16.64 36.30 -32.29
N PRO B 36 15.75 36.67 -33.23
CA PRO B 36 14.33 36.59 -32.89
C PRO B 36 13.97 35.17 -32.49
N THR B 37 13.07 35.04 -31.51
CA THR B 37 12.73 33.74 -30.97
C THR B 37 12.40 32.73 -32.04
N MSE B 38 11.62 33.13 -33.04
CA MSE B 38 11.14 32.20 -34.07
C MSE B 38 12.01 32.15 -35.33
O MSE B 38 11.57 31.64 -36.36
CB MSE B 38 9.70 32.54 -34.45
CG MSE B 38 8.73 32.48 -33.28
SE MSE B 38 8.64 30.74 -32.44
CE MSE B 38 7.63 31.18 -30.87
N HIS B 39 13.26 32.61 -35.22
CA HIS B 39 14.15 32.77 -36.36
C HIS B 39 14.40 31.49 -37.18
N TYR B 40 14.39 30.34 -36.52
CA TYR B 40 14.67 29.08 -37.22
C TYR B 40 13.43 28.34 -37.70
N GLN B 41 12.25 28.81 -37.36
CA GLN B 41 11.05 27.98 -37.55
C GLN B 41 10.77 27.68 -39.01
N ASP B 42 10.98 28.65 -39.89
CA ASP B 42 10.68 28.44 -41.33
C ASP B 42 11.57 27.41 -42.02
N SER B 43 12.78 27.18 -41.50
CA SER B 43 13.76 26.34 -42.15
C SER B 43 14.06 25.02 -41.40
N LEU B 44 13.28 24.72 -40.37
CA LEU B 44 13.44 23.45 -39.67
C LEU B 44 13.26 22.30 -40.66
N PRO B 45 14.04 21.22 -40.48
CA PRO B 45 13.89 20.05 -41.33
C PRO B 45 12.60 19.32 -41.08
N ARG B 46 12.08 18.66 -42.11
CA ARG B 46 10.81 17.95 -41.96
C ARG B 46 11.05 16.64 -41.22
N LEU B 47 10.05 16.24 -40.46
CA LEU B 47 10.14 15.01 -39.65
C LEU B 47 10.19 13.79 -40.58
N PRO B 48 11.27 12.99 -40.48
CA PRO B 48 11.37 11.76 -41.29
C PRO B 48 10.30 10.76 -40.94
N ILE B 49 9.86 9.98 -41.94
CA ILE B 49 9.08 8.79 -41.73
C ILE B 49 10.02 7.61 -42.04
N PRO B 50 10.11 6.66 -41.12
CA PRO B 50 11.01 5.52 -41.36
C PRO B 50 10.57 4.69 -42.55
N LYS B 51 11.51 3.93 -43.11
CA LYS B 51 11.18 2.86 -44.03
C LYS B 51 10.34 1.82 -43.27
N LEU B 52 9.32 1.27 -43.92
CA LEU B 52 8.46 0.28 -43.25
C LEU B 52 9.25 -0.95 -42.83
N GLU B 53 10.22 -1.40 -43.65
CA GLU B 53 11.06 -2.53 -43.29
C GLU B 53 11.77 -2.33 -41.95
N ASP B 54 12.24 -1.12 -41.71
CA ASP B 54 12.94 -0.78 -40.46
C ASP B 54 11.96 -0.77 -39.29
N THR B 55 10.81 -0.13 -39.48
CA THR B 55 9.80 -0.12 -38.44
C THR B 55 9.37 -1.51 -38.02
N MSE B 56 9.21 -2.41 -38.96
CA MSE B 56 8.80 -3.76 -38.63
C MSE B 56 9.87 -4.49 -37.83
O MSE B 56 9.56 -5.13 -36.82
CB MSE B 56 8.46 -4.51 -39.92
CG MSE B 56 7.44 -3.70 -40.78
SE MSE B 56 5.80 -3.05 -39.81
CE MSE B 56 5.55 -4.81 -39.84
N LYS B 57 11.13 -4.35 -38.24
CA LYS B 57 12.23 -4.97 -37.52
C LYS B 57 12.32 -4.40 -36.10
N ARG B 58 12.16 -3.09 -35.97
CA ARG B 58 12.24 -2.46 -34.64
C ARG B 58 11.11 -2.87 -33.71
N TYR B 59 9.91 -2.98 -34.24
CA TYR B 59 8.75 -3.47 -33.51
C TYR B 59 9.05 -4.87 -33.00
N LEU B 60 9.53 -5.73 -33.88
CA LEU B 60 9.86 -7.08 -33.47
C LEU B 60 10.98 -7.14 -32.45
N ASN B 61 11.98 -6.27 -32.60
CA ASN B 61 13.07 -6.21 -31.64
C ASN B 61 12.57 -5.89 -30.24
N ALA B 62 11.63 -4.95 -30.16
CA ALA B 62 11.01 -4.58 -28.88
C ALA B 62 10.06 -5.64 -28.32
N GLN B 63 9.44 -6.43 -29.21
CA GLN B 63 8.56 -7.52 -28.78
C GLN B 63 9.34 -8.71 -28.23
N LYS B 64 10.56 -8.92 -28.73
CA LYS B 64 11.33 -10.12 -28.39
C LYS B 64 11.42 -10.40 -26.88
N PRO B 65 11.79 -9.39 -26.06
CA PRO B 65 11.82 -9.67 -24.62
C PRO B 65 10.48 -9.85 -23.93
N LEU B 66 9.39 -9.47 -24.59
CA LEU B 66 8.06 -9.45 -23.99
C LEU B 66 7.21 -10.69 -24.24
N LEU B 67 7.46 -11.34 -25.37
CA LEU B 67 6.61 -12.42 -25.85
C LEU B 67 7.24 -13.78 -25.65
N ASP B 68 6.41 -14.78 -25.40
CA ASP B 68 6.90 -16.15 -25.49
C ASP B 68 7.10 -16.55 -26.96
N ASP B 69 7.75 -17.68 -27.20
CA ASP B 69 8.13 -18.03 -28.55
C ASP B 69 6.93 -18.15 -29.49
N SER B 70 5.84 -18.74 -29.01
CA SER B 70 4.63 -18.95 -29.81
C SER B 70 3.96 -17.63 -30.17
N GLN B 71 3.89 -16.75 -29.18
CA GLN B 71 3.34 -15.40 -29.38
C GLN B 71 4.19 -14.61 -30.37
N PHE B 72 5.50 -14.69 -30.23
CA PHE B 72 6.42 -14.00 -31.13
C PHE B 72 6.28 -14.50 -32.56
N ARG B 73 6.18 -15.82 -32.76
CA ARG B 73 6.00 -16.32 -34.11
C ARG B 73 4.68 -15.84 -34.73
N ARG B 74 3.61 -15.77 -33.95
CA ARG B 74 2.35 -15.23 -34.43
C ARG B 74 2.53 -13.76 -34.86
N THR B 75 3.16 -12.96 -34.01
CA THR B 75 3.39 -11.55 -34.32
C THR B 75 4.28 -11.40 -35.55
N GLU B 76 5.31 -12.24 -35.67
CA GLU B 76 6.19 -12.23 -36.85
C GLU B 76 5.39 -12.43 -38.14
N ALA B 77 4.47 -13.37 -38.13
CA ALA B 77 3.65 -13.66 -39.30
C ALA B 77 2.74 -12.49 -39.65
N LEU B 78 2.16 -11.86 -38.62
CA LEU B 78 1.32 -10.68 -38.85
C LEU B 78 2.13 -9.54 -39.43
N CYS B 79 3.35 -9.35 -38.93
CA CYS B 79 4.23 -8.29 -39.44
C CYS B 79 4.58 -8.50 -40.92
N LYS B 80 4.90 -9.75 -41.28
CA LYS B 80 5.19 -10.09 -42.68
C LYS B 80 4.01 -9.75 -43.59
N ASN B 81 2.81 -10.15 -43.18
CA ASN B 81 1.61 -9.86 -43.95
C ASN B 81 1.32 -8.36 -44.07
N PHE B 82 1.54 -7.64 -42.97
CA PHE B 82 1.32 -6.20 -42.94
C PHE B 82 2.27 -5.51 -43.90
N GLU B 83 3.55 -5.89 -43.84
CA GLU B 83 4.59 -5.21 -44.60
C GLU B 83 4.45 -5.42 -46.10
N THR B 84 3.88 -6.55 -46.50
CA THR B 84 3.71 -6.87 -47.93
C THR B 84 2.35 -6.47 -48.47
N GLY B 85 1.42 -6.13 -47.58
CA GLY B 85 0.05 -5.89 -47.95
C GLY B 85 -0.46 -4.54 -47.49
N VAL B 86 -1.41 -4.56 -46.55
CA VAL B 86 -2.14 -3.36 -46.19
C VAL B 86 -1.21 -2.30 -45.61
N GLY B 87 -0.21 -2.72 -44.85
CA GLY B 87 0.74 -1.79 -44.26
C GLY B 87 1.57 -1.07 -45.31
N LYS B 88 1.99 -1.81 -46.34
CA LYS B 88 2.71 -1.21 -47.45
C LYS B 88 1.90 -0.10 -48.10
N GLU B 89 0.60 -0.33 -48.30
CA GLU B 89 -0.26 0.65 -48.92
C GLU B 89 -0.58 1.83 -48.00
N LEU B 90 -0.83 1.56 -46.72
CA LEU B 90 -1.00 2.63 -45.75
C LEU B 90 0.23 3.52 -45.72
N HIS B 91 1.41 2.90 -45.77
CA HIS B 91 2.66 3.63 -45.78
C HIS B 91 2.79 4.52 -47.04
N ALA B 92 2.52 3.96 -48.20
CA ALA B 92 2.51 4.75 -49.42
C ALA B 92 1.59 5.96 -49.31
N HIS B 93 0.38 5.74 -48.80
CA HIS B 93 -0.57 6.83 -48.68
C HIS B 93 -0.12 7.87 -47.65
N LEU B 94 0.44 7.39 -46.54
CA LEU B 94 0.98 8.28 -45.51
C LEU B 94 2.05 9.19 -46.07
N LEU B 95 2.90 8.62 -46.93
CA LEU B 95 3.98 9.38 -47.54
C LEU B 95 3.45 10.37 -48.57
N ALA B 96 2.45 9.96 -49.35
CA ALA B 96 1.85 10.88 -50.32
C ALA B 96 1.21 12.05 -49.59
N GLN B 97 0.49 11.76 -48.51
CA GLN B 97 -0.14 12.78 -47.69
C GLN B 97 0.89 13.71 -47.10
N ASP B 98 2.00 13.16 -46.62
CA ASP B 98 3.06 13.96 -46.02
C ASP B 98 3.62 14.96 -47.03
N LYS B 99 3.81 14.50 -48.27
CA LYS B 99 4.36 15.35 -49.32
C LYS B 99 3.37 16.44 -49.75
N GLN B 100 2.09 16.24 -49.50
CA GLN B 100 1.08 17.26 -49.76
C GLN B 100 0.92 18.22 -48.58
N ASN B 101 1.58 17.92 -47.46
CA ASN B 101 1.43 18.70 -46.23
C ASN B 101 2.79 18.99 -45.62
N LYS B 102 3.67 19.58 -46.43
CA LYS B 102 5.06 19.78 -46.06
C LYS B 102 5.24 20.88 -45.00
N HIS B 103 4.17 21.61 -44.72
CA HIS B 103 4.17 22.68 -43.73
C HIS B 103 4.12 22.13 -42.30
N THR B 104 3.81 20.85 -42.16
CA THR B 104 3.64 20.22 -40.85
C THR B 104 4.38 18.88 -40.82
N SER B 105 4.13 18.08 -39.79
CA SER B 105 4.71 16.73 -39.68
C SER B 105 3.59 15.74 -39.80
N TYR B 106 3.93 14.49 -40.14
CA TYR B 106 2.94 13.44 -40.28
C TYR B 106 2.27 13.05 -38.96
N ILE B 107 2.96 13.30 -37.86
CA ILE B 107 2.54 12.82 -36.54
C ILE B 107 1.77 13.84 -35.72
N SER B 108 1.92 15.13 -36.00
CA SER B 108 1.38 16.11 -35.05
C SER B 108 -0.14 16.07 -34.93
N GLY B 109 -0.85 16.03 -36.05
CA GLY B 109 -2.30 16.03 -36.01
C GLY B 109 -2.83 14.78 -35.33
N PRO B 110 -2.41 13.60 -35.80
CA PRO B 110 -2.80 12.37 -35.13
C PRO B 110 -2.51 12.31 -33.62
N TRP B 111 -1.41 12.91 -33.19
CA TRP B 111 -1.03 12.90 -31.78
C TRP B 111 -1.95 13.81 -31.00
N PHE B 112 -2.19 15.02 -31.48
CA PHE B 112 -3.18 15.88 -30.84
C PHE B 112 -4.52 15.18 -30.74
N ASP B 113 -4.92 14.49 -31.81
CA ASP B 113 -6.24 13.91 -31.91
C ASP B 113 -6.42 12.84 -30.87
N MSE B 114 -5.38 12.05 -30.66
CA MSE B 114 -5.49 10.95 -29.72
C MSE B 114 -5.83 11.49 -28.35
O MSE B 114 -6.75 11.01 -27.70
CB MSE B 114 -4.21 10.17 -29.61
CG MSE B 114 -4.39 9.01 -28.67
SE MSE B 114 -2.99 7.74 -28.88
CE MSE B 114 -1.76 8.79 -28.31
N TYR B 115 -5.07 12.49 -27.91
CA TYR B 115 -5.25 13.01 -26.57
C TYR B 115 -6.52 13.85 -26.42
N LEU B 116 -6.88 14.61 -27.45
CA LEU B 116 -8.11 15.39 -27.39
C LEU B 116 -9.37 14.52 -27.51
N THR B 117 -9.26 13.36 -28.16
CA THR B 117 -10.39 12.46 -28.29
C THR B 117 -10.58 11.60 -27.04
N ALA B 118 -9.51 11.36 -26.30
CA ALA B 118 -9.56 10.53 -25.10
C ALA B 118 -10.58 11.09 -24.13
N ARG B 119 -11.42 10.22 -23.58
CA ARG B 119 -12.53 10.63 -22.73
C ARG B 119 -12.23 10.50 -21.24
N ASP B 120 -11.11 9.87 -20.90
CA ASP B 120 -10.75 9.68 -19.51
C ASP B 120 -10.49 11.02 -18.83
N SER B 121 -10.73 11.06 -17.52
CA SER B 121 -10.29 12.21 -16.73
C SER B 121 -8.84 12.56 -17.05
N ILE B 122 -8.53 13.85 -17.11
CA ILE B 122 -7.14 14.28 -17.32
C ILE B 122 -6.29 14.21 -16.06
N VAL B 123 -6.93 14.19 -14.91
CA VAL B 123 -6.27 14.06 -13.63
C VAL B 123 -5.78 12.62 -13.52
N LEU B 124 -4.51 12.51 -13.14
CA LEU B 124 -3.76 11.25 -12.98
C LEU B 124 -3.44 10.60 -14.33
N ASN B 125 -4.45 10.40 -15.16
CA ASN B 125 -4.19 9.75 -16.44
C ASN B 125 -3.18 10.48 -17.30
N PHE B 126 -3.21 11.83 -17.28
CA PHE B 126 -2.42 12.61 -18.23
C PHE B 126 -1.59 13.73 -17.59
N ASN B 127 -2.20 14.56 -16.76
CA ASN B 127 -1.52 15.76 -16.26
C ASN B 127 -0.45 15.42 -15.24
N PRO B 128 0.80 15.84 -15.50
CA PRO B 128 1.88 15.65 -14.55
C PRO B 128 2.21 16.94 -13.81
N PHE B 129 3.21 16.91 -12.94
CA PHE B 129 3.78 18.12 -12.37
C PHE B 129 5.30 18.12 -12.31
N MSE B 130 5.85 19.33 -12.23
CA MSE B 130 7.26 19.57 -11.90
C MSE B 130 7.26 20.64 -10.79
O MSE B 130 6.54 21.65 -10.92
CB MSE B 130 8.10 19.98 -13.12
CG MSE B 130 7.58 21.12 -13.97
SE MSE B 130 8.74 21.46 -15.51
CE MSE B 130 8.27 19.97 -16.54
N ALA B 131 8.03 20.38 -9.74
CA ALA B 131 8.08 21.28 -8.57
C ALA B 131 9.39 22.05 -8.58
N PHE B 132 9.30 23.32 -8.23
CA PHE B 132 10.47 24.19 -8.15
C PHE B 132 11.31 23.88 -6.92
N ASN B 133 12.62 24.03 -7.04
CA ASN B 133 13.43 24.25 -5.86
C ASN B 133 13.00 25.54 -5.19
N PRO B 134 13.30 25.67 -3.88
CA PRO B 134 12.96 26.92 -3.20
C PRO B 134 13.84 28.07 -3.67
N ASP B 135 13.44 29.30 -3.38
CA ASP B 135 14.34 30.42 -3.56
C ASP B 135 15.47 30.17 -2.54
N PRO B 136 16.74 30.26 -3.00
CA PRO B 136 17.83 30.04 -2.06
C PRO B 136 17.85 31.04 -0.89
N LYS B 137 17.23 32.20 -1.06
CA LYS B 137 17.05 33.15 0.05
C LYS B 137 15.78 32.81 0.85
N SER B 138 15.95 32.48 2.13
CA SER B 138 14.89 31.90 2.94
C SER B 138 13.60 32.72 2.93
N GLU B 139 13.72 34.02 3.18
CA GLU B 139 12.54 34.87 3.36
C GLU B 139 11.78 35.09 2.07
N TYR B 140 12.41 34.81 0.92
CA TYR B 140 11.71 34.96 -0.36
C TYR B 140 10.75 33.80 -0.63
N ASN B 141 10.72 32.83 0.27
CA ASN B 141 9.73 31.75 0.20
C ASN B 141 8.43 32.02 0.98
N ASP B 142 8.29 33.23 1.54
CA ASP B 142 7.00 33.69 2.05
C ASP B 142 5.97 33.51 0.94
N GLN B 143 4.77 33.04 1.25
CA GLN B 143 3.82 32.70 0.20
C GLN B 143 3.44 33.91 -0.65
N LEU B 144 3.14 35.04 -0.02
CA LEU B 144 2.72 36.23 -0.75
C LEU B 144 3.86 36.72 -1.63
N THR B 145 5.05 36.77 -1.04
CA THR B 145 6.24 37.23 -1.76
C THR B 145 6.48 36.37 -2.98
N ARG B 146 6.49 35.07 -2.76
CA ARG B 146 6.81 34.17 -3.84
C ARG B 146 5.72 34.07 -4.88
N ALA B 147 4.46 34.09 -4.46
CA ALA B 147 3.39 34.11 -5.45
C ALA B 147 3.49 35.36 -6.33
N THR B 148 3.80 36.51 -5.74
CA THR B 148 3.96 37.72 -6.54
C THR B 148 5.12 37.59 -7.52
N ASN B 149 6.27 37.15 -7.03
CA ASN B 149 7.48 37.08 -7.85
C ASN B 149 7.36 36.04 -8.96
N LEU B 150 6.80 34.88 -8.66
CA LEU B 150 6.56 33.90 -9.70
C LEU B 150 5.55 34.41 -10.72
N THR B 151 4.48 35.07 -10.27
CA THR B 151 3.50 35.61 -11.20
C THR B 151 4.12 36.65 -12.13
N VAL B 152 4.88 37.59 -11.57
CA VAL B 152 5.49 38.63 -12.37
C VAL B 152 6.49 38.03 -13.37
N SER B 153 7.28 37.07 -12.92
CA SER B 153 8.20 36.40 -13.82
C SER B 153 7.49 35.66 -14.94
N ALA B 154 6.38 35.01 -14.63
CA ALA B 154 5.57 34.33 -15.65
C ALA B 154 5.06 35.31 -16.70
N VAL B 155 4.63 36.49 -16.26
CA VAL B 155 4.14 37.51 -17.18
C VAL B 155 5.30 38.12 -17.98
N ARG B 156 6.45 38.32 -17.34
CA ARG B 156 7.67 38.68 -18.07
C ARG B 156 8.01 37.67 -19.15
N PHE B 157 7.89 36.39 -18.85
CA PHE B 157 8.12 35.35 -19.88
C PHE B 157 7.14 35.54 -21.05
N LEU B 158 5.85 35.66 -20.73
CA LEU B 158 4.83 35.87 -21.73
C LEU B 158 5.23 37.01 -22.67
N LYS B 159 5.59 38.15 -22.08
CA LYS B 159 5.96 39.32 -22.89
C LYS B 159 7.20 39.08 -23.72
N THR B 160 8.18 38.41 -23.11
CA THR B 160 9.46 38.14 -23.73
C THR B 160 9.29 37.23 -24.94
N LEU B 161 8.46 36.20 -24.76
CA LEU B 161 8.06 35.31 -25.87
C LEU B 161 7.39 36.10 -27.01
N GLN B 162 6.39 36.92 -26.68
CA GLN B 162 5.68 37.68 -27.71
C GLN B 162 6.61 38.66 -28.43
N ALA B 163 7.56 39.25 -27.70
CA ALA B 163 8.49 40.25 -28.24
C ALA B 163 9.52 39.63 -29.18
N GLY B 164 9.63 38.30 -29.19
CA GLY B 164 10.72 37.66 -29.91
C GLY B 164 12.07 37.82 -29.24
N LEU B 165 12.07 38.14 -27.94
CA LEU B 165 13.30 38.37 -27.16
C LEU B 165 13.71 37.14 -26.37
N LEU B 166 12.90 36.09 -26.38
CA LEU B 166 13.29 34.83 -25.78
C LEU B 166 14.27 34.16 -26.74
N GLU B 167 15.41 33.69 -26.25
CA GLU B 167 16.37 33.03 -27.13
C GLU B 167 15.72 31.84 -27.76
N PRO B 168 15.95 31.61 -29.07
CA PRO B 168 15.47 30.37 -29.66
C PRO B 168 15.90 29.12 -28.88
N GLU B 169 14.99 28.14 -28.86
CA GLU B 169 15.28 26.84 -28.30
C GLU B 169 16.23 26.15 -29.24
N VAL B 170 17.39 25.75 -28.74
CA VAL B 170 18.41 25.11 -29.58
C VAL B 170 19.16 24.05 -28.78
N PHE B 171 19.32 22.87 -29.37
CA PHE B 171 20.13 21.83 -28.77
C PHE B 171 21.54 21.88 -29.39
N HIS B 172 22.54 22.10 -28.55
CA HIS B 172 23.93 22.23 -29.02
C HIS B 172 24.75 20.99 -28.73
N LEU B 173 25.41 20.43 -29.74
CA LEU B 173 26.34 19.33 -29.51
C LEU B 173 27.62 19.87 -28.86
N ASN B 174 28.04 21.07 -29.27
CA ASN B 174 29.18 21.76 -28.63
C ASN B 174 28.84 23.22 -28.34
N PRO B 175 28.19 23.48 -27.19
CA PRO B 175 27.74 24.81 -26.76
C PRO B 175 28.83 25.89 -26.78
N SER B 176 30.07 25.49 -26.47
CA SER B 176 31.19 26.44 -26.44
C SER B 176 31.49 27.03 -27.82
N LYS B 177 31.08 26.34 -28.88
CA LYS B 177 31.29 26.79 -30.25
C LYS B 177 30.09 27.54 -30.83
N SER B 178 28.89 27.03 -30.55
CA SER B 178 27.65 27.50 -31.20
C SER B 178 26.74 28.35 -30.30
N ASP B 179 26.83 28.18 -28.99
CA ASP B 179 26.04 28.99 -28.05
C ASP B 179 26.90 30.18 -27.63
N THR B 180 27.26 31.01 -28.61
CA THR B 180 28.16 32.16 -28.40
C THR B 180 27.56 33.41 -29.01
N ASP B 181 27.92 34.56 -28.45
CA ASP B 181 27.51 35.84 -29.01
C ASP B 181 28.01 36.00 -30.44
N ALA B 182 29.22 35.50 -30.72
CA ALA B 182 29.78 35.63 -32.05
C ALA B 182 28.89 34.95 -33.09
N PHE B 183 28.38 33.77 -32.77
CA PHE B 183 27.46 33.06 -33.67
C PHE B 183 26.13 33.80 -33.79
N LYS B 184 25.59 34.24 -32.65
CA LYS B 184 24.29 34.90 -32.64
C LYS B 184 24.31 36.18 -33.49
N ARG B 185 25.42 36.93 -33.42
CA ARG B 185 25.57 38.17 -34.17
C ARG B 185 25.57 37.94 -35.68
N LEU B 186 26.01 36.75 -36.12
CA LEU B 186 25.99 36.40 -37.54
C LEU B 186 24.67 35.81 -37.99
N ILE B 187 24.18 34.81 -37.26
CA ILE B 187 22.99 34.08 -37.69
C ILE B 187 21.75 34.96 -37.80
N ARG B 188 21.72 36.06 -37.03
CA ARG B 188 20.55 36.94 -37.07
C ARG B 188 20.36 37.64 -38.42
N PHE B 189 21.42 37.65 -39.25
CA PHE B 189 21.36 38.24 -40.58
C PHE B 189 21.03 37.21 -41.66
N VAL B 190 21.02 35.93 -41.30
CA VAL B 190 20.64 34.89 -42.24
C VAL B 190 19.13 34.85 -42.23
N PRO B 191 18.50 34.90 -43.41
CA PRO B 191 17.04 34.95 -43.44
C PRO B 191 16.44 33.65 -42.89
N PRO B 192 15.23 33.71 -42.31
CA PRO B 192 14.58 32.52 -41.76
C PRO B 192 14.49 31.33 -42.74
N SER B 193 14.41 31.61 -44.04
CA SER B 193 14.39 30.54 -45.03
C SER B 193 15.66 29.69 -45.05
N LEU B 194 16.77 30.24 -44.54
CA LEU B 194 18.08 29.57 -44.54
C LEU B 194 18.75 29.41 -43.17
N SER B 195 18.17 30.00 -42.11
CA SER B 195 18.86 30.07 -40.82
C SER B 195 19.17 28.71 -40.18
N TRP B 196 18.27 27.74 -40.31
CA TRP B 196 18.51 26.42 -39.75
C TRP B 196 19.85 25.84 -40.20
N TYR B 197 20.16 26.03 -41.48
CA TYR B 197 21.38 25.49 -42.06
C TYR B 197 22.63 26.08 -41.40
N GLY B 198 22.58 27.37 -41.06
CA GLY B 198 23.69 28.00 -40.34
C GLY B 198 23.96 27.35 -39.00
N ALA B 199 22.89 27.10 -38.24
CA ALA B 199 23.02 26.35 -36.99
C ALA B 199 23.54 24.92 -37.22
N TYR B 200 22.95 24.21 -38.17
CA TYR B 200 23.37 22.83 -38.48
C TYR B 200 24.88 22.75 -38.75
N LEU B 201 25.40 23.76 -39.45
CA LEU B 201 26.82 23.78 -39.80
C LEU B 201 27.76 24.01 -38.62
N VAL B 202 27.23 24.40 -37.47
CA VAL B 202 28.02 24.45 -36.23
C VAL B 202 27.54 23.40 -35.21
N ASN B 203 26.87 22.37 -35.72
CA ASN B 203 26.41 21.26 -34.90
C ASN B 203 25.41 21.70 -33.83
N ALA B 204 24.55 22.64 -34.19
CA ALA B 204 23.45 23.07 -33.32
C ALA B 204 22.14 22.80 -34.02
N TYR B 205 21.12 22.46 -33.23
CA TYR B 205 19.86 21.95 -33.76
C TYR B 205 18.70 22.74 -33.13
N PRO B 206 18.28 23.80 -33.84
CA PRO B 206 17.09 24.52 -33.38
C PRO B 206 15.89 23.63 -33.28
N LEU B 207 15.04 23.97 -32.31
CA LEU B 207 13.83 23.22 -32.06
C LEU B 207 12.56 23.95 -32.48
N ASP B 208 11.57 23.16 -32.85
CA ASP B 208 10.21 23.64 -33.08
C ASP B 208 9.69 24.36 -31.85
N MSE B 209 9.01 25.48 -32.08
CA MSE B 209 8.43 26.25 -30.98
C MSE B 209 6.98 26.65 -31.27
O MSE B 209 6.44 27.57 -30.65
CB MSE B 209 9.27 27.49 -30.71
CG MSE B 209 10.69 27.21 -30.26
SE MSE B 209 11.76 28.82 -29.99
CE MSE B 209 10.98 29.33 -28.32
N SER B 210 6.33 25.92 -32.16
CA SER B 210 4.96 26.22 -32.58
C SER B 210 3.93 26.00 -31.49
N GLN B 211 4.31 25.28 -30.44
CA GLN B 211 3.42 25.04 -29.31
C GLN B 211 3.47 26.11 -28.23
N TYR B 212 4.51 26.95 -28.23
CA TYR B 212 4.81 27.75 -27.05
C TYR B 212 3.72 28.76 -26.75
N PHE B 213 3.04 29.26 -27.77
CA PHE B 213 2.00 30.27 -27.54
C PHE B 213 0.90 29.74 -26.64
N ARG B 214 0.66 28.44 -26.67
CA ARG B 214 -0.40 27.84 -25.85
C ARG B 214 -0.05 27.72 -24.38
N LEU B 215 1.15 28.16 -23.97
CA LEU B 215 1.41 28.37 -22.54
C LEU B 215 0.41 29.32 -21.90
N PHE B 216 0.02 30.35 -22.64
CA PHE B 216 -0.76 31.44 -22.08
C PHE B 216 -2.11 31.69 -22.71
N ASN B 217 -3.02 32.19 -21.88
CA ASN B 217 -4.37 32.54 -22.32
C ASN B 217 -5.09 31.36 -22.94
N SER B 218 -4.76 30.15 -22.48
CA SER B 218 -5.19 28.94 -23.16
C SER B 218 -5.73 27.90 -22.21
N THR B 219 -6.63 27.08 -22.74
CA THR B 219 -7.29 26.03 -21.97
C THR B 219 -7.83 24.97 -22.91
N ARG B 220 -8.22 23.84 -22.34
CA ARG B 220 -8.85 22.75 -23.05
C ARG B 220 -10.33 22.77 -22.72
N ILE B 221 -11.16 22.78 -23.74
CA ILE B 221 -12.60 22.85 -23.55
C ILE B 221 -13.19 21.46 -23.81
N PRO B 222 -13.95 20.91 -22.85
CA PRO B 222 -14.57 19.61 -23.08
C PRO B 222 -15.68 19.70 -24.12
N ARG B 223 -15.63 18.83 -25.13
CA ARG B 223 -16.65 18.81 -26.17
C ARG B 223 -16.96 17.36 -26.50
N PRO B 224 -18.14 17.09 -27.06
CA PRO B 224 -18.38 15.73 -27.57
C PRO B 224 -17.37 15.35 -28.64
N ASN B 225 -17.04 14.07 -28.70
CA ASN B 225 -16.17 13.49 -29.72
C ASN B 225 -14.70 13.84 -29.52
N ARG B 226 -14.41 15.13 -29.42
CA ARG B 226 -13.04 15.62 -29.37
C ARG B 226 -13.04 16.99 -28.73
N ASP B 227 -12.22 17.15 -27.71
CA ASP B 227 -12.07 18.44 -27.05
C ASP B 227 -11.42 19.49 -27.93
N GLU B 228 -11.61 20.75 -27.54
CA GLU B 228 -11.12 21.93 -28.24
C GLU B 228 -9.97 22.56 -27.48
N LEU B 229 -8.93 22.99 -28.18
CA LEU B 229 -7.91 23.86 -27.58
C LEU B 229 -8.28 25.31 -27.87
N PHE B 230 -8.43 26.09 -26.80
CA PHE B 230 -8.91 27.46 -26.88
C PHE B 230 -7.78 28.39 -26.47
N THR B 231 -7.61 29.49 -27.21
CA THR B 231 -6.67 30.56 -26.83
C THR B 231 -7.36 31.90 -27.07
N ASP B 232 -7.22 32.83 -26.12
CA ASP B 232 -7.64 34.22 -26.33
C ASP B 232 -6.47 35.16 -26.06
N THR B 233 -5.76 35.54 -27.12
CA THR B 233 -4.57 36.38 -26.99
C THR B 233 -4.87 37.79 -26.49
N LYS B 234 -6.13 38.21 -26.54
CA LYS B 234 -6.49 39.57 -26.12
C LYS B 234 -6.58 39.72 -24.61
N ALA B 235 -6.74 38.62 -23.88
CA ALA B 235 -6.98 38.69 -22.43
C ALA B 235 -5.76 39.12 -21.64
N ARG B 236 -6.01 39.88 -20.57
CA ARG B 236 -4.97 40.50 -19.79
C ARG B 236 -4.97 40.14 -18.32
N HIS B 237 -5.86 39.24 -17.93
CA HIS B 237 -6.08 38.92 -16.53
C HIS B 237 -5.54 37.56 -16.12
N LEU B 238 -5.20 37.48 -14.84
CA LEU B 238 -4.84 36.25 -14.16
C LEU B 238 -6.06 35.63 -13.51
N LEU B 239 -6.13 34.29 -13.46
CA LEU B 239 -7.12 33.61 -12.67
C LEU B 239 -6.42 33.08 -11.43
N VAL B 240 -7.02 33.30 -10.26
CA VAL B 240 -6.45 32.79 -9.02
C VAL B 240 -7.48 31.94 -8.32
N LEU B 241 -7.08 30.73 -7.93
CA LEU B 241 -7.90 29.86 -7.09
C LEU B 241 -7.40 29.89 -5.66
N ARG B 242 -8.33 30.17 -4.75
CA ARG B 242 -8.03 30.17 -3.32
C ARG B 242 -9.23 29.61 -2.59
N LYS B 243 -9.00 28.55 -1.82
CA LYS B 243 -10.07 27.82 -1.13
C LYS B 243 -11.26 27.47 -2.04
N GLY B 244 -10.98 27.19 -3.31
CA GLY B 244 -12.02 26.80 -4.27
C GLY B 244 -12.82 27.95 -4.86
N HIS B 245 -12.50 29.19 -4.46
CA HIS B 245 -13.09 30.39 -5.04
C HIS B 245 -12.20 30.89 -6.17
N PHE B 246 -12.84 31.57 -7.13
CA PHE B 246 -12.19 32.01 -8.37
C PHE B 246 -12.10 33.54 -8.36
N TYR B 247 -10.90 34.07 -8.58
CA TYR B 247 -10.68 35.52 -8.62
C TYR B 247 -9.98 35.88 -9.92
N VAL B 248 -10.34 37.01 -10.51
CA VAL B 248 -9.59 37.51 -11.68
C VAL B 248 -9.19 38.94 -11.48
N PHE B 249 -7.99 39.27 -11.96
CA PHE B 249 -7.49 40.67 -11.97
C PHE B 249 -6.45 40.84 -13.06
N ASP B 250 -6.32 42.07 -13.55
CA ASP B 250 -5.40 42.32 -14.65
C ASP B 250 -3.97 42.25 -14.18
N VAL B 251 -3.16 41.54 -14.95
CA VAL B 251 -1.71 41.59 -14.76
C VAL B 251 -0.99 42.32 -15.91
N LEU B 252 -1.71 42.60 -17.00
CA LEU B 252 -1.24 43.48 -18.06
C LEU B 252 -2.24 44.62 -18.16
N ASP B 253 -1.76 45.86 -18.32
CA ASP B 253 -2.65 47.01 -18.41
C ASP B 253 -3.18 47.21 -19.85
N GLN B 254 -3.93 48.28 -20.10
CA GLN B 254 -4.59 48.46 -21.40
C GLN B 254 -3.62 48.63 -22.57
N ASP B 255 -2.38 48.98 -22.26
CA ASP B 255 -1.31 49.13 -23.25
C ASP B 255 -0.49 47.86 -23.47
N GLY B 256 -0.69 46.85 -22.62
CA GLY B 256 0.08 45.61 -22.68
C GLY B 256 1.32 45.58 -21.80
N ASN B 257 1.48 46.57 -20.91
CA ASN B 257 2.60 46.58 -19.99
C ASN B 257 2.21 45.88 -18.68
N ILE B 258 3.20 45.35 -17.99
CA ILE B 258 2.93 44.64 -16.74
C ILE B 258 2.38 45.62 -15.69
N VAL B 259 1.35 45.19 -15.00
CA VAL B 259 0.79 45.94 -13.89
C VAL B 259 1.82 46.06 -12.78
N ASN B 260 1.86 47.22 -12.12
CA ASN B 260 2.75 47.46 -10.99
C ASN B 260 2.82 46.24 -10.09
N PRO B 261 4.02 45.62 -9.94
CA PRO B 261 4.13 44.47 -9.05
C PRO B 261 3.63 44.69 -7.63
N LEU B 262 3.71 45.93 -7.15
CA LEU B 262 3.16 46.25 -5.82
C LEU B 262 1.63 46.26 -5.79
N GLU B 263 0.99 46.47 -6.94
CA GLU B 263 -0.46 46.32 -7.05
C GLU B 263 -0.80 44.83 -7.11
N ILE B 264 -0.05 44.07 -7.88
CA ILE B 264 -0.23 42.62 -7.92
C ILE B 264 -0.10 42.06 -6.51
N GLN B 265 0.90 42.51 -5.76
CA GLN B 265 1.09 42.06 -4.38
C GLN B 265 -0.14 42.40 -3.52
N ALA B 266 -0.68 43.60 -3.67
CA ALA B 266 -1.89 43.98 -2.94
C ALA B 266 -3.06 43.06 -3.25
N HIS B 267 -3.24 42.73 -4.53
CA HIS B 267 -4.33 41.89 -4.93
C HIS B 267 -4.19 40.47 -4.41
N LEU B 268 -2.98 39.93 -4.48
CA LEU B 268 -2.72 38.60 -3.91
C LEU B 268 -2.87 38.57 -2.40
N LYS B 269 -2.51 39.68 -1.72
CA LYS B 269 -2.65 39.77 -0.28
C LYS B 269 -4.13 39.75 0.11
N TYR B 270 -4.93 40.47 -0.64
CA TYR B 270 -6.38 40.50 -0.51
C TYR B 270 -6.93 39.08 -0.62
N ILE B 271 -6.54 38.37 -1.68
CA ILE B 271 -7.05 37.02 -1.88
C ILE B 271 -6.59 36.10 -0.74
N LEU B 272 -5.32 36.18 -0.36
CA LEU B 272 -4.80 35.29 0.69
C LEU B 272 -5.48 35.51 2.04
N SER B 273 -5.83 36.75 2.31
CA SER B 273 -6.39 37.12 3.59
C SER B 273 -7.90 36.94 3.64
N ASP B 274 -8.54 36.75 2.49
CA ASP B 274 -10.00 36.68 2.45
C ASP B 274 -10.53 35.63 3.41
N SER B 275 -11.56 36.01 4.17
CA SER B 275 -12.12 35.17 5.22
C SER B 275 -13.24 34.21 4.80
N SER B 276 -13.56 34.14 3.50
CA SER B 276 -14.63 33.27 3.02
C SER B 276 -14.31 31.81 3.26
N PRO B 277 -15.31 31.05 3.73
CA PRO B 277 -15.11 29.61 3.78
C PRO B 277 -15.17 28.98 2.40
N VAL B 278 -14.69 27.75 2.29
CA VAL B 278 -14.78 26.98 1.05
C VAL B 278 -16.23 26.93 0.55
N PRO B 279 -16.44 26.97 -0.77
CA PRO B 279 -17.80 26.86 -1.29
C PRO B 279 -18.43 25.52 -1.02
N GLU B 280 -19.75 25.52 -0.90
CA GLU B 280 -20.50 24.28 -0.75
C GLU B 280 -20.30 23.34 -1.96
N PHE B 281 -20.16 23.92 -3.15
CA PHE B 281 -20.02 23.16 -4.39
C PHE B 281 -18.89 23.75 -5.23
N PRO B 282 -17.64 23.37 -4.92
CA PRO B 282 -16.47 23.87 -5.63
C PRO B 282 -16.51 23.47 -7.10
N VAL B 283 -16.60 24.46 -7.97
CA VAL B 283 -16.80 24.23 -9.38
C VAL B 283 -15.59 23.54 -10.02
N ALA B 284 -14.39 23.75 -9.47
CA ALA B 284 -13.17 23.13 -10.03
C ALA B 284 -13.25 21.61 -10.13
N TYR B 285 -14.01 20.97 -9.25
CA TYR B 285 -14.19 19.51 -9.33
C TYR B 285 -14.57 19.04 -10.72
N LEU B 286 -15.33 19.86 -11.45
CA LEU B 286 -15.82 19.48 -12.76
C LEU B 286 -14.73 19.17 -13.78
N THR B 287 -13.57 19.83 -13.66
CA THR B 287 -12.48 19.65 -14.60
C THR B 287 -11.77 18.32 -14.40
N SER B 288 -12.12 17.60 -13.33
CA SER B 288 -11.57 16.24 -13.10
C SER B 288 -12.44 15.14 -13.67
N GLU B 289 -13.59 15.48 -14.25
CA GLU B 289 -14.52 14.45 -14.73
C GLU B 289 -14.11 13.79 -16.04
N ASN B 290 -14.77 12.68 -16.32
CA ASN B 290 -14.80 12.12 -17.65
C ASN B 290 -15.17 13.25 -18.61
N ARG B 291 -14.54 13.27 -19.78
CA ARG B 291 -14.65 14.41 -20.70
C ARG B 291 -16.04 14.53 -21.32
N ASP B 292 -16.74 13.42 -21.53
CA ASP B 292 -18.16 13.48 -21.97
C ASP B 292 -19.09 14.02 -20.88
N VAL B 293 -18.88 13.60 -19.63
CA VAL B 293 -19.66 14.10 -18.52
C VAL B 293 -19.47 15.60 -18.38
N TRP B 294 -18.22 16.03 -18.38
CA TRP B 294 -17.90 17.46 -18.22
C TRP B 294 -18.34 18.26 -19.47
N ALA B 295 -18.25 17.65 -20.65
CA ALA B 295 -18.73 18.34 -21.85
C ALA B 295 -20.18 18.74 -21.68
N GLU B 296 -20.98 17.79 -21.18
CA GLU B 296 -22.41 18.00 -20.98
C GLU B 296 -22.69 19.01 -19.87
N LEU B 297 -21.98 18.89 -18.76
CA LEU B 297 -22.18 19.83 -17.66
C LEU B 297 -21.75 21.23 -18.03
N ARG B 298 -20.70 21.36 -18.83
CA ARG B 298 -20.27 22.69 -19.25
C ARG B 298 -21.35 23.33 -20.12
N GLN B 299 -21.97 22.55 -21.00
CA GLN B 299 -23.04 23.07 -21.84
C GLN B 299 -24.24 23.50 -21.00
N LYS B 300 -24.55 22.73 -19.95
CA LYS B 300 -25.61 23.13 -19.00
C LYS B 300 -25.27 24.44 -18.32
N LEU B 301 -24.00 24.61 -17.93
CA LEU B 301 -23.55 25.88 -17.36
C LEU B 301 -23.81 27.03 -18.32
N ILE B 302 -23.61 26.77 -19.61
CA ILE B 302 -23.82 27.78 -20.63
C ILE B 302 -25.31 28.07 -20.83
N PHE B 303 -26.13 27.03 -20.85
CA PHE B 303 -27.60 27.22 -20.90
C PHE B 303 -28.10 28.05 -19.73
N ASP B 304 -27.45 27.92 -18.57
CA ASP B 304 -27.82 28.66 -17.38
C ASP B 304 -27.10 30.02 -17.24
N GLY B 305 -26.51 30.50 -18.33
CA GLY B 305 -26.04 31.87 -18.42
C GLY B 305 -24.62 32.14 -17.98
N ASN B 306 -23.80 31.09 -17.86
CA ASN B 306 -22.45 31.23 -17.33
C ASN B 306 -21.37 31.44 -18.40
N GLU B 307 -21.74 31.66 -19.66
CA GLU B 307 -20.73 31.73 -20.71
C GLU B 307 -19.67 32.80 -20.46
N GLU B 308 -20.07 33.99 -20.00
CA GLU B 308 -19.10 35.08 -19.77
C GLU B 308 -18.10 34.73 -18.65
N THR B 309 -18.62 34.13 -17.58
CA THR B 309 -17.80 33.68 -16.46
C THR B 309 -16.83 32.59 -16.91
N LEU B 310 -17.33 31.61 -17.65
CA LEU B 310 -16.45 30.59 -18.18
C LEU B 310 -15.37 31.16 -19.09
N LYS B 311 -15.72 32.14 -19.92
CA LYS B 311 -14.74 32.80 -20.77
C LYS B 311 -13.62 33.46 -19.96
N LYS B 312 -13.96 34.07 -18.83
CA LYS B 312 -12.94 34.67 -17.94
C LYS B 312 -11.98 33.61 -17.41
N VAL B 313 -12.50 32.43 -17.08
CA VAL B 313 -11.66 31.32 -16.65
C VAL B 313 -10.79 30.84 -17.80
N ASP B 314 -11.41 30.57 -18.95
CA ASP B 314 -10.75 29.98 -20.10
C ASP B 314 -9.59 30.83 -20.61
N SER B 315 -9.79 32.14 -20.64
CA SER B 315 -8.87 33.07 -21.31
C SER B 315 -7.78 33.64 -20.42
N ALA B 316 -7.78 33.33 -19.13
CA ALA B 316 -6.83 33.96 -18.22
C ALA B 316 -5.39 33.59 -18.61
N VAL B 317 -4.43 34.44 -18.28
CA VAL B 317 -3.05 34.18 -18.72
C VAL B 317 -2.58 32.78 -18.31
N PHE B 318 -2.89 32.40 -17.08
CA PHE B 318 -2.73 31.06 -16.53
C PHE B 318 -3.55 31.01 -15.23
N CYS B 319 -3.49 29.91 -14.50
CA CYS B 319 -4.21 29.81 -13.23
C CYS B 319 -3.18 29.74 -12.11
N LEU B 320 -3.28 30.65 -11.16
CA LEU B 320 -2.44 30.64 -9.98
C LEU B 320 -3.22 30.03 -8.84
N CYS B 321 -2.69 28.98 -8.22
CA CYS B 321 -3.40 28.28 -7.16
C CYS B 321 -2.70 28.53 -5.85
N LEU B 322 -3.41 29.14 -4.91
CA LEU B 322 -2.79 29.48 -3.64
C LEU B 322 -3.32 28.55 -2.57
N ASP B 323 -2.53 27.55 -2.18
CA ASP B 323 -2.99 26.57 -1.22
C ASP B 323 -2.83 27.11 0.18
N ASP B 324 -3.67 26.62 1.08
CA ASP B 324 -3.77 27.15 2.44
C ASP B 324 -3.19 26.18 3.47
N PHE B 325 -2.07 25.56 3.12
CA PHE B 325 -1.36 24.64 4.00
C PHE B 325 0.10 24.46 3.53
N PRO B 326 1.02 24.10 4.45
CA PRO B 326 2.40 23.80 4.10
C PRO B 326 2.58 22.33 3.69
N MSE B 327 3.75 22.01 3.14
CA MSE B 327 4.06 20.65 2.73
C MSE B 327 4.63 19.89 3.92
O MSE B 327 5.62 20.32 4.52
CB MSE B 327 5.08 20.65 1.58
CG MSE B 327 4.66 21.50 0.38
SE MSE B 327 3.04 20.84 -0.56
CE MSE B 327 1.74 21.71 0.53
N LYS B 328 4.04 18.74 4.20
CA LYS B 328 4.41 17.89 5.33
C LYS B 328 5.69 17.11 5.03
N ASP B 329 5.76 16.59 3.80
CA ASP B 329 6.87 15.76 3.35
C ASP B 329 6.78 15.63 1.83
N LEU B 330 7.67 14.87 1.21
CA LEU B 330 7.67 14.75 -0.24
C LEU B 330 6.45 14.00 -0.76
N ILE B 331 5.92 13.04 0.01
CA ILE B 331 4.70 12.34 -0.38
C ILE B 331 3.53 13.30 -0.48
N HIS B 332 3.35 14.09 0.58
CA HIS B 332 2.31 15.11 0.61
C HIS B 332 2.48 16.11 -0.53
N LEU B 333 3.72 16.56 -0.76
CA LEU B 333 4.03 17.47 -1.86
C LEU B 333 3.58 16.85 -3.18
N SER B 334 3.99 15.61 -3.44
CA SER B 334 3.61 14.95 -4.67
C SER B 334 2.08 14.85 -4.87
N HIS B 335 1.35 14.40 -3.87
CA HIS B 335 -0.08 14.35 -4.00
C HIS B 335 -0.70 15.72 -4.23
N THR B 336 -0.19 16.72 -3.50
CA THR B 336 -0.72 18.08 -3.62
C THR B 336 -0.53 18.62 -5.03
N MSE B 337 0.63 18.37 -5.62
CA MSE B 337 0.90 18.99 -6.91
C MSE B 337 0.31 18.14 -8.06
O MSE B 337 0.03 18.66 -9.13
CB MSE B 337 2.40 19.22 -7.11
CG MSE B 337 3.09 20.04 -6.03
SE MSE B 337 2.12 21.71 -5.68
CE MSE B 337 3.45 22.63 -4.52
N LEU B 338 0.17 16.85 -7.84
CA LEU B 338 -0.38 15.99 -8.87
C LEU B 338 -1.88 16.10 -8.98
N HIS B 339 -2.54 16.27 -7.84
CA HIS B 339 -4.00 16.34 -7.84
C HIS B 339 -4.64 17.25 -6.80
N GLY B 340 -4.01 17.40 -5.64
CA GLY B 340 -4.63 18.15 -4.54
C GLY B 340 -5.92 17.52 -4.06
N ASP B 341 -6.77 18.33 -3.43
CA ASP B 341 -8.09 17.85 -2.96
C ASP B 341 -9.23 18.04 -3.95
N GLY B 342 -8.92 18.53 -5.14
CA GLY B 342 -9.91 18.61 -6.21
C GLY B 342 -10.63 19.95 -6.29
N THR B 343 -10.46 20.83 -5.30
CA THR B 343 -11.18 22.09 -5.25
C THR B 343 -10.41 23.29 -5.79
N ASN B 344 -9.09 23.18 -5.84
CA ASN B 344 -8.23 24.36 -6.05
C ASN B 344 -7.25 24.25 -7.21
N ARG B 345 -7.64 23.50 -8.24
CA ARG B 345 -6.91 23.46 -9.52
C ARG B 345 -7.93 23.50 -10.63
N TRP B 346 -7.69 24.32 -11.65
CA TRP B 346 -8.54 24.30 -12.83
C TRP B 346 -7.80 23.41 -13.83
N PHE B 347 -8.11 22.11 -13.83
CA PHE B 347 -7.23 21.12 -14.45
C PHE B 347 -7.09 21.28 -15.97
N ASP B 348 -8.09 21.89 -16.60
CA ASP B 348 -8.12 22.12 -18.05
C ASP B 348 -7.13 23.19 -18.53
N LYS B 349 -6.71 24.08 -17.63
CA LYS B 349 -5.92 25.24 -18.02
C LYS B 349 -4.60 24.77 -18.58
N SER B 350 -4.01 25.52 -19.50
CA SER B 350 -2.71 25.14 -20.06
C SER B 350 -1.74 24.73 -18.95
N PHE B 351 -1.66 25.55 -17.90
CA PHE B 351 -1.01 25.13 -16.68
C PHE B 351 -1.57 25.84 -15.47
N ASN B 352 -1.33 25.21 -14.33
CA ASN B 352 -1.62 25.76 -12.98
C ASN B 352 -0.30 25.96 -12.27
N LEU B 353 -0.07 27.18 -11.77
CA LEU B 353 1.11 27.49 -11.00
C LEU B 353 0.65 27.49 -9.57
N ILE B 354 1.16 26.56 -8.78
CA ILE B 354 0.70 26.33 -7.43
C ILE B 354 1.75 26.84 -6.45
N VAL B 355 1.30 27.59 -5.44
CA VAL B 355 2.18 28.09 -4.37
C VAL B 355 1.52 27.78 -3.03
N ALA B 356 2.21 26.99 -2.22
CA ALA B 356 1.71 26.58 -0.90
C ALA B 356 2.09 27.59 0.17
N GLU B 357 1.63 27.32 1.41
CA GLU B 357 1.80 28.29 2.52
C GLU B 357 3.26 28.49 2.91
N ASP B 358 4.09 27.48 2.67
CA ASP B 358 5.53 27.55 2.93
C ASP B 358 6.33 27.94 1.69
N GLY B 359 5.65 28.44 0.67
CA GLY B 359 6.30 28.89 -0.55
C GLY B 359 6.63 27.80 -1.55
N THR B 360 6.34 26.55 -1.20
CA THR B 360 6.63 25.46 -2.14
C THR B 360 5.79 25.70 -3.38
N ALA B 361 6.43 25.63 -4.55
CA ALA B 361 5.73 25.96 -5.78
C ALA B 361 5.94 24.88 -6.81
N ALA B 362 5.00 24.78 -7.73
CA ALA B 362 5.08 23.80 -8.82
C ALA B 362 4.25 24.25 -9.98
N VAL B 363 4.53 23.64 -11.14
CA VAL B 363 3.72 23.76 -12.33
C VAL B 363 3.07 22.42 -12.57
N HIS B 364 1.75 22.40 -12.49
CA HIS B 364 0.91 21.27 -12.89
C HIS B 364 0.37 21.65 -14.25
N PHE B 365 0.49 20.76 -15.25
CA PHE B 365 0.08 21.16 -16.59
C PHE B 365 -0.78 20.13 -17.31
N GLU B 366 -1.57 20.64 -18.25
CA GLU B 366 -2.49 19.85 -19.07
C GLU B 366 -1.67 19.31 -20.24
N HIS B 367 -1.77 18.02 -20.49
CA HIS B 367 -0.84 17.33 -21.37
C HIS B 367 -1.14 17.52 -22.87
N SER B 368 -2.42 17.72 -23.22
CA SER B 368 -2.85 17.62 -24.62
C SER B 368 -2.27 18.69 -25.57
N TRP B 369 -1.96 19.87 -25.06
CA TRP B 369 -1.63 20.98 -25.93
C TRP B 369 -0.20 20.98 -26.46
N GLY B 370 0.65 20.13 -25.90
CA GLY B 370 2.01 20.04 -26.40
C GLY B 370 2.83 19.02 -25.66
N ASP B 371 4.11 19.02 -25.94
CA ASP B 371 4.99 17.97 -25.47
C ASP B 371 5.78 18.30 -24.21
N GLY B 372 5.48 19.45 -23.64
CA GLY B 372 6.11 19.86 -22.37
C GLY B 372 7.44 20.56 -22.46
N VAL B 373 8.02 20.67 -23.65
CA VAL B 373 9.29 21.37 -23.81
C VAL B 373 9.05 22.85 -23.49
N ALA B 374 7.90 23.37 -23.93
CA ALA B 374 7.54 24.76 -23.66
C ALA B 374 7.38 24.99 -22.15
N VAL B 375 6.78 24.01 -21.47
CA VAL B 375 6.62 24.10 -20.03
C VAL B 375 7.97 24.11 -19.31
N LEU B 376 8.90 23.25 -19.74
CA LEU B 376 10.22 23.24 -19.13
C LEU B 376 11.00 24.55 -19.34
N ARG B 377 10.91 25.13 -20.54
CA ARG B 377 11.59 26.39 -20.83
C ARG B 377 10.99 27.49 -19.96
N PHE B 378 9.67 27.57 -19.92
CA PHE B 378 8.96 28.49 -19.02
C PHE B 378 9.47 28.32 -17.60
N PHE B 379 9.46 27.07 -17.15
CA PHE B 379 9.80 26.73 -15.76
C PHE B 379 11.20 27.20 -15.43
N ASN B 380 12.14 26.88 -16.30
CA ASN B 380 13.53 27.24 -16.09
C ASN B 380 13.75 28.75 -16.09
N GLU B 381 13.14 29.43 -17.05
CA GLU B 381 13.31 30.88 -17.11
C GLU B 381 12.65 31.60 -15.92
N VAL B 382 11.47 31.12 -15.52
CA VAL B 382 10.73 31.71 -14.40
C VAL B 382 11.49 31.49 -13.10
N PHE B 383 12.07 30.31 -12.91
CA PHE B 383 12.88 30.10 -11.72
C PHE B 383 14.07 31.05 -11.67
N ARG B 384 14.80 31.16 -12.77
CA ARG B 384 15.97 32.00 -12.83
C ARG B 384 15.58 33.47 -12.56
N ASP B 385 14.58 33.96 -13.27
CA ASP B 385 14.18 35.36 -13.17
C ASP B 385 13.65 35.68 -11.79
N SER B 386 12.81 34.83 -11.24
CA SER B 386 12.15 35.11 -9.96
C SER B 386 13.10 35.03 -8.79
N THR B 387 14.17 34.25 -8.91
CA THR B 387 15.15 34.13 -7.83
C THR B 387 16.32 35.11 -7.97
N GLN B 388 16.73 35.42 -9.19
CA GLN B 388 17.87 36.32 -9.42
C GLN B 388 17.47 37.80 -9.55
N THR B 389 16.28 38.08 -10.07
CA THR B 389 15.79 39.44 -10.23
C THR B 389 14.32 39.53 -9.79
N PRO B 390 14.04 39.19 -8.52
CA PRO B 390 12.67 39.25 -8.00
C PRO B 390 12.05 40.62 -8.12
N ALA B 391 10.77 40.65 -8.46
CA ALA B 391 10.02 41.90 -8.60
C ALA B 391 9.88 42.66 -7.28
N ILE B 392 9.59 41.90 -6.22
CA ILE B 392 9.38 42.45 -4.88
C ILE B 392 10.20 41.68 -3.86
N THR B 393 10.34 42.28 -2.69
CA THR B 393 11.04 41.67 -1.56
C THR B 393 10.03 41.31 -0.47
N PRO B 394 10.47 40.51 0.51
CA PRO B 394 9.59 40.23 1.65
C PRO B 394 9.19 41.46 2.49
N GLN B 395 9.87 42.58 2.30
CA GLN B 395 9.56 43.83 3.01
C GLN B 395 8.79 44.83 2.16
N SER B 396 8.54 44.50 0.89
CA SER B 396 7.84 45.37 0.01
C SER B 396 6.46 45.69 0.52
N GLN B 397 6.04 46.93 0.32
CA GLN B 397 4.75 47.42 0.77
C GLN B 397 3.74 47.47 -0.38
N PRO B 398 2.63 46.73 -0.23
CA PRO B 398 1.61 46.75 -1.27
C PRO B 398 1.14 48.16 -1.61
N ALA B 399 0.91 48.39 -2.88
CA ALA B 399 0.37 49.66 -3.35
C ALA B 399 -1.04 49.87 -2.84
N ALA B 400 -1.45 51.13 -2.75
CA ALA B 400 -2.82 51.48 -2.44
C ALA B 400 -3.71 51.01 -3.56
N THR B 401 -4.75 50.25 -3.22
CA THR B 401 -5.70 49.73 -4.20
C THR B 401 -7.10 49.74 -3.65
N ASN B 402 -8.05 49.50 -4.55
CA ASN B 402 -9.43 49.22 -4.21
C ASN B 402 -9.72 47.83 -4.75
N SER B 403 -9.86 46.85 -3.87
CA SER B 403 -10.10 45.47 -4.30
C SER B 403 -11.38 45.32 -5.14
N SER B 404 -12.42 46.07 -4.79
CA SER B 404 -13.70 45.95 -5.47
C SER B 404 -13.62 46.44 -6.90
N ALA B 405 -12.75 47.41 -7.15
CA ALA B 405 -12.56 47.95 -8.49
C ALA B 405 -11.61 47.08 -9.32
N SER B 406 -10.79 46.26 -8.64
CA SER B 406 -9.68 45.62 -9.33
C SER B 406 -9.72 44.10 -9.42
N VAL B 407 -10.31 43.44 -8.43
CA VAL B 407 -10.38 41.97 -8.39
C VAL B 407 -11.83 41.52 -8.36
N GLU B 408 -12.23 40.72 -9.35
CA GLU B 408 -13.57 40.17 -9.39
C GLU B 408 -13.56 38.76 -8.83
N THR B 409 -14.47 38.49 -7.90
CA THR B 409 -14.76 37.14 -7.47
C THR B 409 -15.82 36.58 -8.41
N LEU B 410 -15.47 35.54 -9.16
CA LEU B 410 -16.36 35.00 -10.15
C LEU B 410 -17.50 34.30 -9.44
N SER B 411 -18.68 34.38 -10.05
CA SER B 411 -19.85 33.73 -9.51
C SER B 411 -20.49 32.88 -10.59
N PHE B 412 -20.78 31.64 -10.24
CA PHE B 412 -21.45 30.71 -11.14
C PHE B 412 -22.89 30.52 -10.70
N ASN B 413 -23.80 30.50 -11.68
CA ASN B 413 -25.20 30.17 -11.42
C ASN B 413 -25.35 28.68 -11.62
N LEU B 414 -25.55 27.97 -10.50
CA LEU B 414 -25.57 26.51 -10.48
C LEU B 414 -26.97 25.99 -10.25
N SER B 415 -27.49 25.28 -11.25
CA SER B 415 -28.75 24.56 -11.12
C SER B 415 -28.59 23.36 -10.18
N GLY B 416 -29.70 22.70 -9.88
CA GLY B 416 -29.67 21.48 -9.10
C GLY B 416 -28.89 20.40 -9.83
N ALA B 417 -29.01 20.35 -11.16
CA ALA B 417 -28.26 19.38 -11.95
C ALA B 417 -26.77 19.63 -11.80
N LEU B 418 -26.36 20.90 -11.83
CA LEU B 418 -24.92 21.20 -11.71
C LEU B 418 -24.39 20.88 -10.33
N LYS B 419 -25.18 21.16 -9.30
CA LYS B 419 -24.77 20.83 -7.95
C LYS B 419 -24.61 19.32 -7.80
N ALA B 420 -25.53 18.57 -8.38
CA ALA B 420 -25.44 17.11 -8.38
C ALA B 420 -24.20 16.65 -9.14
N GLY B 421 -23.89 17.31 -10.25
CA GLY B 421 -22.68 17.02 -11.03
C GLY B 421 -21.41 17.25 -10.25
N ILE B 422 -21.35 18.36 -9.52
CA ILE B 422 -20.23 18.66 -8.66
C ILE B 422 -20.07 17.60 -7.58
N THR B 423 -21.18 17.22 -6.94
CA THR B 423 -21.16 16.21 -5.89
C THR B 423 -20.67 14.87 -6.47
N ALA B 424 -21.12 14.54 -7.67
CA ALA B 424 -20.72 13.28 -8.33
C ALA B 424 -19.25 13.31 -8.70
N ALA B 425 -18.79 14.46 -9.19
CA ALA B 425 -17.38 14.63 -9.56
C ALA B 425 -16.47 14.52 -8.33
N LYS B 426 -16.89 15.11 -7.21
CA LYS B 426 -16.16 15.00 -5.96
C LYS B 426 -16.03 13.54 -5.50
N GLU B 427 -17.12 12.79 -5.57
CA GLU B 427 -17.13 11.39 -5.17
C GLU B 427 -16.17 10.59 -6.02
N LYS B 428 -16.21 10.83 -7.33
CA LYS B 428 -15.33 10.12 -8.27
C LYS B 428 -13.86 10.45 -7.99
N PHE B 429 -13.59 11.74 -7.84
CA PHE B 429 -12.25 12.21 -7.56
C PHE B 429 -11.69 11.59 -6.27
N ASP B 430 -12.44 11.70 -5.18
CA ASP B 430 -11.98 11.24 -3.89
C ASP B 430 -11.74 9.73 -3.91
N THR B 431 -12.64 8.98 -4.53
CA THR B 431 -12.53 7.53 -4.56
C THR B 431 -11.28 7.13 -5.35
N THR B 432 -11.02 7.83 -6.45
CA THR B 432 -9.85 7.54 -7.29
C THR B 432 -8.55 7.87 -6.58
N VAL B 433 -8.46 9.08 -6.04
CA VAL B 433 -7.23 9.52 -5.36
C VAL B 433 -6.84 8.58 -4.21
N LYS B 434 -7.84 8.03 -3.53
CA LYS B 434 -7.64 7.08 -2.44
C LYS B 434 -6.82 5.85 -2.85
N THR B 435 -6.90 5.48 -4.13
CA THR B 435 -6.22 4.28 -4.65
C THR B 435 -4.79 4.55 -5.07
N LEU B 436 -4.40 5.82 -5.11
CA LEU B 436 -3.08 6.23 -5.55
C LEU B 436 -2.07 6.34 -4.41
N SER B 437 -0.90 5.74 -4.62
CA SER B 437 0.23 5.89 -3.71
C SER B 437 1.40 6.52 -4.45
N ILE B 438 2.23 7.29 -3.74
CA ILE B 438 3.45 7.88 -4.28
C ILE B 438 4.51 7.82 -3.20
N ASP B 439 5.72 7.43 -3.56
CA ASP B 439 6.84 7.51 -2.64
C ASP B 439 8.13 7.60 -3.43
N SER B 440 9.23 7.88 -2.74
CA SER B 440 10.49 8.15 -3.40
C SER B 440 11.66 7.55 -2.68
N ILE B 441 12.76 7.47 -3.41
CA ILE B 441 14.05 7.13 -2.86
C ILE B 441 15.09 8.10 -3.40
N GLN B 442 16.16 8.25 -2.62
CA GLN B 442 17.31 9.00 -2.99
C GLN B 442 18.52 8.09 -2.82
N PHE B 443 19.02 7.58 -3.94
CA PHE B 443 20.17 6.69 -3.94
C PHE B 443 21.43 7.55 -3.92
N GLN B 444 22.25 7.37 -2.89
CA GLN B 444 23.30 8.34 -2.61
C GLN B 444 24.73 7.87 -2.93
N ARG B 445 24.90 6.62 -3.33
CA ARG B 445 26.25 6.12 -3.61
C ARG B 445 26.94 6.79 -4.79
N GLY B 446 26.16 7.23 -5.77
CA GLY B 446 26.71 7.89 -6.95
C GLY B 446 25.65 8.22 -7.97
N GLY B 447 26.09 8.84 -9.06
CA GLY B 447 25.20 9.25 -10.14
C GLY B 447 25.95 9.38 -11.46
N LYS B 448 25.69 10.46 -12.19
CA LYS B 448 26.26 10.68 -13.53
C LYS B 448 27.79 10.66 -13.58
N GLU B 449 28.45 11.27 -12.60
CA GLU B 449 29.91 11.40 -12.61
C GLU B 449 30.54 10.01 -12.63
N PHE B 450 30.14 9.17 -11.69
CA PHE B 450 30.66 7.82 -11.58
C PHE B 450 30.33 7.02 -12.83
N LEU B 451 29.08 7.07 -13.26
CA LEU B 451 28.67 6.24 -14.38
C LEU B 451 29.36 6.65 -15.69
N LYS B 452 29.56 7.95 -15.88
CA LYS B 452 30.26 8.46 -17.05
C LYS B 452 31.72 7.99 -17.03
N LYS B 453 32.33 7.97 -15.85
CA LYS B 453 33.71 7.48 -15.72
C LYS B 453 33.82 6.01 -16.14
N LYS B 454 32.76 5.25 -15.89
CA LYS B 454 32.68 3.84 -16.31
C LYS B 454 32.20 3.68 -17.77
N GLN B 455 32.05 4.78 -18.50
CA GLN B 455 31.72 4.78 -19.93
C GLN B 455 30.31 4.26 -20.21
N LEU B 456 29.41 4.50 -19.27
CA LEU B 456 28.00 4.12 -19.42
C LEU B 456 27.13 5.35 -19.52
N SER B 457 25.98 5.18 -20.17
CA SER B 457 24.97 6.20 -20.22
C SER B 457 24.19 6.17 -18.92
N PRO B 458 24.21 7.28 -18.16
CA PRO B 458 23.42 7.29 -16.92
C PRO B 458 21.94 7.00 -17.10
N ASP B 459 21.34 7.50 -18.18
CA ASP B 459 19.94 7.23 -18.44
C ASP B 459 19.68 5.73 -18.63
N ALA B 460 20.57 5.08 -19.35
CA ALA B 460 20.45 3.64 -19.59
C ALA B 460 20.55 2.84 -18.31
N VAL B 461 21.44 3.27 -17.41
CA VAL B 461 21.64 2.58 -16.15
C VAL B 461 20.39 2.69 -15.25
N ALA B 462 19.79 3.88 -15.20
CA ALA B 462 18.51 4.04 -14.51
C ALA B 462 17.45 3.11 -15.07
N GLN B 463 17.33 3.10 -16.40
CA GLN B 463 16.34 2.27 -17.04
C GLN B 463 16.61 0.79 -16.75
N LEU B 464 17.87 0.38 -16.80
CA LEU B 464 18.23 -0.98 -16.43
C LEU B 464 17.80 -1.31 -15.01
N ALA B 465 18.01 -0.38 -14.07
CA ALA B 465 17.61 -0.62 -12.70
C ALA B 465 16.11 -0.86 -12.58
N PHE B 466 15.29 -0.15 -13.34
CA PHE B 466 13.85 -0.36 -13.25
C PHE B 466 13.49 -1.75 -13.80
N GLN B 467 14.13 -2.15 -14.89
CA GLN B 467 13.89 -3.48 -15.47
C GLN B 467 14.27 -4.55 -14.46
N MSE B 468 15.46 -4.40 -13.88
CA MSE B 468 15.99 -5.36 -12.92
C MSE B 468 15.07 -5.42 -11.67
O MSE B 468 14.75 -6.50 -11.18
CB MSE B 468 17.42 -4.99 -12.54
CG MSE B 468 18.19 -6.09 -11.87
SE MSE B 468 19.94 -5.46 -11.37
CE MSE B 468 20.66 -5.11 -13.09
N ALA B 469 14.61 -4.26 -11.19
CA ALA B 469 13.74 -4.21 -10.02
C ALA B 469 12.41 -4.91 -10.29
N PHE B 470 11.84 -4.68 -11.47
CA PHE B 470 10.57 -5.32 -11.82
C PHE B 470 10.75 -6.84 -11.91
N LEU B 471 11.90 -7.28 -12.43
CA LEU B 471 12.19 -8.73 -12.46
C LEU B 471 12.30 -9.32 -11.05
N ARG B 472 12.99 -8.60 -10.19
CA ARG B 472 13.20 -9.01 -8.81
C ARG B 472 11.86 -9.12 -8.10
N GLN B 473 10.98 -8.15 -8.32
CA GLN B 473 9.70 -8.11 -7.62
C GLN B 473 8.67 -9.07 -8.21
N TYR B 474 8.48 -9.01 -9.52
CA TYR B 474 7.38 -9.71 -10.16
C TYR B 474 7.77 -10.85 -11.08
N GLY B 475 9.07 -11.01 -11.34
CA GLY B 475 9.55 -12.10 -12.18
C GLY B 475 9.13 -12.01 -13.63
N GLN B 476 8.85 -10.80 -14.10
CA GLN B 476 8.40 -10.57 -15.46
C GLN B 476 9.21 -9.47 -16.14
N THR B 477 9.15 -9.48 -17.47
CA THR B 477 9.63 -8.39 -18.33
C THR B 477 8.38 -7.80 -19.00
N VAL B 478 8.17 -6.49 -18.84
CA VAL B 478 6.92 -5.87 -19.27
C VAL B 478 7.13 -4.64 -20.12
N ALA B 479 6.07 -4.23 -20.78
CA ALA B 479 6.10 -3.06 -21.66
C ALA B 479 6.51 -1.81 -20.89
N THR B 480 7.49 -1.11 -21.43
CA THR B 480 8.14 0.02 -20.80
C THR B 480 8.25 1.18 -21.77
N TYR B 481 8.00 2.40 -21.26
CA TYR B 481 7.87 3.60 -22.08
C TYR B 481 8.83 4.66 -21.57
N GLU B 482 9.62 5.22 -22.46
CA GLU B 482 10.38 6.44 -22.20
C GLU B 482 10.22 7.34 -23.43
N SER B 483 9.97 8.62 -23.18
CA SER B 483 9.81 9.62 -24.24
C SER B 483 11.14 10.19 -24.70
N CYS B 484 11.16 10.57 -25.97
CA CYS B 484 12.23 11.34 -26.58
C CYS B 484 11.60 12.44 -27.45
N SER B 485 12.11 13.65 -27.38
CA SER B 485 11.63 14.74 -28.23
C SER B 485 12.09 14.58 -29.67
N THR B 486 11.17 14.78 -30.61
CA THR B 486 11.50 14.93 -32.03
C THR B 486 11.35 16.40 -32.45
N ALA B 487 11.52 17.31 -31.51
CA ALA B 487 11.36 18.73 -31.79
C ALA B 487 12.47 19.34 -32.61
N ALA B 488 13.51 18.58 -32.95
CA ALA B 488 14.50 19.04 -33.94
C ALA B 488 13.90 19.22 -35.34
N PHE B 489 12.68 18.72 -35.54
CA PHE B 489 12.02 18.77 -36.82
C PHE B 489 10.79 19.66 -36.79
N LYS B 490 10.38 20.13 -37.95
CA LYS B 490 9.19 20.99 -38.08
C LYS B 490 7.93 20.28 -37.57
N HIS B 491 7.24 20.90 -36.62
CA HIS B 491 6.09 20.33 -35.94
C HIS B 491 6.42 18.96 -35.34
N GLY B 492 7.67 18.82 -34.88
CA GLY B 492 8.11 17.61 -34.24
C GLY B 492 7.37 17.45 -32.92
N ARG B 493 7.22 16.19 -32.51
CA ARG B 493 6.53 15.87 -31.28
C ARG B 493 7.47 15.04 -30.38
N THR B 494 7.08 13.80 -30.11
CA THR B 494 7.88 12.84 -29.34
C THR B 494 7.90 11.52 -30.07
N GLU B 495 8.86 10.69 -29.68
CA GLU B 495 8.96 9.31 -30.13
C GLU B 495 9.16 8.45 -28.90
N THR B 496 8.76 7.18 -28.95
CA THR B 496 8.97 6.29 -27.82
C THR B 496 10.31 5.57 -27.91
N ILE B 497 11.11 5.69 -26.85
CA ILE B 497 12.25 4.85 -26.60
C ILE B 497 11.72 3.64 -25.82
N ARG B 498 12.07 2.44 -26.27
CA ARG B 498 11.66 1.21 -25.62
C ARG B 498 12.83 0.61 -24.84
N PRO B 499 12.93 0.95 -23.53
CA PRO B 499 14.10 0.51 -22.78
C PRO B 499 14.16 -0.97 -22.45
N ALA B 500 13.03 -1.68 -22.52
CA ALA B 500 13.04 -3.14 -22.25
C ALA B 500 13.56 -3.84 -23.50
N SER B 501 14.80 -4.32 -23.43
CA SER B 501 15.46 -4.90 -24.59
C SER B 501 15.92 -6.31 -24.28
N ILE B 502 16.37 -7.01 -25.31
CA ILE B 502 16.99 -8.31 -25.08
C ILE B 502 18.15 -8.21 -24.08
N PHE B 503 18.86 -7.09 -24.09
CA PHE B 503 20.04 -6.87 -23.27
C PHE B 503 19.66 -6.58 -21.82
N THR B 504 18.68 -5.71 -21.59
CA THR B 504 18.27 -5.47 -20.19
C THR B 504 17.66 -6.73 -19.60
N LYS B 505 16.98 -7.53 -20.41
CA LYS B 505 16.38 -8.77 -19.92
C LYS B 505 17.47 -9.76 -19.52
N ARG B 506 18.44 -9.96 -20.40
CA ARG B 506 19.55 -10.87 -20.12
C ARG B 506 20.37 -10.41 -18.94
N CYS B 507 20.64 -9.11 -18.86
CA CYS B 507 21.43 -8.56 -17.75
C CYS B 507 20.64 -8.69 -16.43
N SER B 508 19.37 -8.36 -16.46
CA SER B 508 18.55 -8.50 -15.26
C SER B 508 18.49 -9.95 -14.80
N GLU B 509 18.33 -10.89 -15.73
CA GLU B 509 18.31 -12.31 -15.38
C GLU B 509 19.62 -12.73 -14.72
N ALA B 510 20.74 -12.22 -15.23
CA ALA B 510 22.05 -12.52 -14.65
C ALA B 510 22.19 -12.05 -13.19
N PHE B 511 21.82 -10.80 -12.94
CA PHE B 511 21.93 -10.22 -11.58
C PHE B 511 20.93 -10.81 -10.59
N VAL B 512 19.71 -11.04 -11.05
CA VAL B 512 18.62 -11.40 -10.16
C VAL B 512 18.56 -12.90 -9.91
N ARG B 513 18.61 -13.70 -10.95
CA ARG B 513 18.41 -15.14 -10.80
C ARG B 513 19.67 -15.95 -10.62
N ASP B 514 20.72 -15.69 -11.41
CA ASP B 514 21.92 -16.53 -11.30
C ASP B 514 23.22 -15.76 -11.21
N PRO B 515 23.33 -14.84 -10.23
CA PRO B 515 24.52 -14.02 -10.16
C PRO B 515 25.83 -14.82 -10.03
N SER B 516 25.77 -16.00 -9.42
CA SER B 516 26.97 -16.84 -9.24
C SER B 516 27.46 -17.52 -10.51
N LYS B 517 26.65 -17.49 -11.57
CA LYS B 517 27.04 -18.09 -12.84
C LYS B 517 27.90 -17.15 -13.69
N HIS B 518 28.10 -15.93 -13.23
CA HIS B 518 28.73 -14.88 -14.03
C HIS B 518 29.88 -14.21 -13.28
N SER B 519 30.98 -13.96 -13.99
CA SER B 519 32.10 -13.19 -13.45
C SER B 519 31.69 -11.73 -13.39
N VAL B 520 32.37 -10.96 -12.54
CA VAL B 520 32.10 -9.53 -12.47
C VAL B 520 32.34 -8.85 -13.82
N GLY B 521 33.38 -9.28 -14.54
CA GLY B 521 33.65 -8.75 -15.88
C GLY B 521 32.52 -9.02 -16.85
N GLU B 522 31.93 -10.21 -16.78
CA GLU B 522 30.77 -10.56 -17.59
C GLU B 522 29.56 -9.69 -17.24
N LEU B 523 29.33 -9.43 -15.96
CA LEU B 523 28.25 -8.51 -15.56
C LEU B 523 28.51 -7.10 -16.08
N GLN B 524 29.76 -6.66 -15.96
CA GLN B 524 30.12 -5.34 -16.46
C GLN B 524 29.84 -5.22 -17.95
N HIS B 525 30.18 -6.27 -18.71
CA HIS B 525 29.98 -6.22 -20.14
C HIS B 525 28.49 -6.17 -20.50
N MSE B 526 27.69 -6.97 -19.80
CA MSE B 526 26.25 -6.97 -20.06
C MSE B 526 25.67 -5.59 -19.81
O MSE B 526 24.79 -5.16 -20.55
CB MSE B 526 25.54 -8.07 -19.27
CG MSE B 526 25.70 -9.45 -19.92
SE MSE B 526 24.64 -10.81 -19.06
CE MSE B 526 25.99 -11.30 -17.77
N MSE B 527 26.17 -4.88 -18.80
CA MSE B 527 25.72 -3.49 -18.55
C MSE B 527 26.15 -2.59 -19.69
O MSE B 527 25.40 -1.73 -20.15
CB MSE B 527 26.21 -2.96 -17.19
CG MSE B 527 25.57 -3.64 -16.04
SE MSE B 527 26.06 -2.88 -14.33
CE MSE B 527 27.73 -3.75 -14.18
N ALA B 528 27.37 -2.80 -20.19
CA ALA B 528 27.84 -2.07 -21.36
C ALA B 528 26.95 -2.29 -22.58
N GLU B 529 26.54 -3.55 -22.79
CA GLU B 529 25.61 -3.87 -23.90
C GLU B 529 24.28 -3.15 -23.77
N CYS B 530 23.72 -3.17 -22.57
CA CYS B 530 22.49 -2.44 -22.29
C CYS B 530 22.65 -0.96 -22.64
N SER B 531 23.72 -0.36 -22.13
CA SER B 531 23.98 1.07 -22.33
C SER B 531 24.16 1.43 -23.82
N LYS B 532 24.92 0.61 -24.53
CA LYS B 532 25.14 0.82 -25.96
C LYS B 532 23.81 0.80 -26.71
N TYR B 533 23.00 -0.23 -26.47
CA TYR B 533 21.76 -0.36 -27.20
C TYR B 533 20.77 0.75 -26.86
N HIS B 534 20.72 1.11 -25.58
CA HIS B 534 19.86 2.20 -25.16
C HIS B 534 20.27 3.50 -25.81
N GLY B 535 21.59 3.71 -25.93
CA GLY B 535 22.08 4.89 -26.63
C GLY B 535 21.65 4.91 -28.08
N GLN B 536 21.73 3.74 -28.74
CA GLN B 536 21.28 3.59 -30.11
C GLN B 536 19.80 3.95 -30.23
N LEU B 537 18.96 3.39 -29.36
CA LEU B 537 17.52 3.65 -29.43
C LEU B 537 17.20 5.12 -29.18
N THR B 538 17.92 5.72 -28.23
CA THR B 538 17.76 7.15 -27.95
C THR B 538 18.09 8.05 -29.15
N LYS B 539 19.23 7.83 -29.79
CA LYS B 539 19.58 8.63 -30.95
C LYS B 539 18.58 8.40 -32.08
N GLU B 540 18.22 7.14 -32.30
CA GLU B 540 17.22 6.81 -33.33
C GLU B 540 15.89 7.52 -33.08
N ALA B 541 15.44 7.49 -31.83
CA ALA B 541 14.18 8.10 -31.48
C ALA B 541 14.19 9.60 -31.76
N ALA B 542 15.30 10.25 -31.43
CA ALA B 542 15.44 11.70 -31.64
C ALA B 542 15.40 12.08 -33.12
N MSE B 543 15.78 11.13 -33.97
CA MSE B 543 15.77 11.29 -35.42
C MSE B 543 14.48 10.78 -36.08
O MSE B 543 14.39 10.71 -37.32
CB MSE B 543 16.98 10.59 -36.02
CG MSE B 543 18.27 11.17 -35.57
SE MSE B 543 18.57 12.92 -36.33
CE MSE B 543 18.59 12.45 -38.25
N GLY B 544 13.48 10.46 -35.27
CA GLY B 544 12.22 9.94 -35.80
C GLY B 544 12.26 8.49 -36.23
N GLN B 545 13.26 7.76 -35.77
CA GLN B 545 13.45 6.37 -36.20
C GLN B 545 13.09 5.37 -35.09
N GLY B 546 12.16 5.72 -34.21
CA GLY B 546 11.46 4.69 -33.44
C GLY B 546 10.45 4.02 -34.35
N PHE B 547 9.68 3.08 -33.80
CA PHE B 547 8.61 2.41 -34.52
C PHE B 547 7.20 2.84 -34.08
N ASP B 548 7.07 3.39 -32.85
CA ASP B 548 5.75 3.59 -32.25
C ASP B 548 4.93 4.64 -33.01
N ARG B 549 5.53 5.79 -33.31
CA ARG B 549 4.78 6.83 -34.01
C ARG B 549 4.37 6.41 -35.41
N HIS B 550 5.25 5.70 -36.10
CA HIS B 550 4.96 5.25 -37.46
C HIS B 550 3.78 4.28 -37.46
N LEU B 551 3.84 3.25 -36.63
CA LEU B 551 2.73 2.33 -36.55
C LEU B 551 1.42 3.00 -36.14
N TYR B 552 1.47 3.97 -35.22
CA TYR B 552 0.27 4.66 -34.82
C TYR B 552 -0.28 5.46 -36.00
N ALA B 553 0.60 6.13 -36.72
CA ALA B 553 0.15 6.97 -37.84
C ALA B 553 -0.51 6.15 -38.93
N LEU B 554 -0.02 4.94 -39.16
CA LEU B 554 -0.61 4.04 -40.14
C LEU B 554 -2.00 3.56 -39.68
N ARG B 555 -2.12 3.23 -38.41
CA ARG B 555 -3.41 2.89 -37.81
C ARG B 555 -4.42 4.02 -37.91
N TYR B 556 -3.97 5.22 -37.57
CA TYR B 556 -4.81 6.40 -37.56
C TYR B 556 -5.34 6.65 -38.97
N LEU B 557 -4.45 6.51 -39.94
CA LEU B 557 -4.81 6.72 -41.34
C LEU B 557 -5.83 5.69 -41.80
N ALA B 558 -5.64 4.43 -41.44
CA ALA B 558 -6.62 3.40 -41.80
C ALA B 558 -8.00 3.75 -41.25
N THR B 559 -8.02 4.16 -40.00
CA THR B 559 -9.28 4.50 -39.36
C THR B 559 -9.88 5.78 -39.96
N ALA B 560 -9.03 6.76 -40.26
CA ALA B 560 -9.49 8.03 -40.84
C ALA B 560 -10.13 7.80 -42.20
N ARG B 561 -9.64 6.81 -42.94
CA ARG B 561 -10.17 6.47 -44.26
C ARG B 561 -11.32 5.45 -44.20
N GLY B 562 -11.72 5.07 -42.99
CA GLY B 562 -12.88 4.21 -42.79
C GLY B 562 -12.61 2.76 -43.10
N LEU B 563 -11.35 2.33 -43.02
CA LEU B 563 -11.00 0.93 -43.26
C LEU B 563 -11.09 0.10 -42.01
N ASN B 564 -11.36 -1.19 -42.16
CA ASN B 564 -11.23 -2.11 -41.05
C ASN B 564 -9.83 -2.03 -40.47
N LEU B 565 -9.74 -2.07 -39.15
CA LEU B 565 -8.45 -2.08 -38.48
C LEU B 565 -7.59 -3.26 -38.97
N PRO B 566 -6.38 -3.00 -39.48
CA PRO B 566 -5.52 -4.12 -39.86
C PRO B 566 -5.24 -5.10 -38.73
N GLU B 567 -5.12 -6.38 -39.09
CA GLU B 567 -4.89 -7.46 -38.13
C GLU B 567 -3.69 -7.24 -37.21
N LEU B 568 -2.64 -6.58 -37.71
CA LEU B 568 -1.48 -6.24 -36.87
C LEU B 568 -1.93 -5.62 -35.56
N TYR B 569 -2.93 -4.76 -35.60
CA TYR B 569 -3.32 -3.98 -34.44
C TYR B 569 -4.33 -4.68 -33.55
N LEU B 570 -4.88 -5.81 -34.03
CA LEU B 570 -5.76 -6.66 -33.22
C LEU B 570 -4.98 -7.73 -32.45
N ASP B 571 -3.71 -7.89 -32.78
CA ASP B 571 -2.78 -8.79 -32.09
C ASP B 571 -2.74 -8.44 -30.63
N PRO B 572 -2.96 -9.42 -29.74
CA PRO B 572 -2.78 -9.10 -28.32
C PRO B 572 -1.41 -8.48 -28.03
N ALA B 573 -0.40 -8.87 -28.79
CA ALA B 573 0.93 -8.35 -28.58
C ALA B 573 1.01 -6.82 -28.83
N TYR B 574 0.23 -6.32 -29.77
CA TYR B 574 0.20 -4.87 -30.02
C TYR B 574 -0.43 -4.14 -28.85
N GLN B 575 -1.53 -4.70 -28.35
CA GLN B 575 -2.21 -4.14 -27.19
C GLN B 575 -1.27 -4.16 -25.97
N GLN B 576 -0.54 -5.27 -25.81
CA GLN B 576 0.38 -5.40 -24.66
C GLN B 576 1.50 -4.38 -24.75
N MSE B 577 2.03 -4.18 -25.94
CA MSE B 577 3.13 -3.23 -26.17
C MSE B 577 2.72 -1.82 -25.79
O MSE B 577 3.54 -0.99 -25.39
CB MSE B 577 3.60 -3.29 -27.62
CG MSE B 577 4.64 -2.27 -28.03
SE MSE B 577 6.36 -2.49 -27.19
CE MSE B 577 6.88 -4.10 -28.10
N ASN B 578 1.43 -1.55 -25.88
CA ASN B 578 0.92 -0.22 -25.64
C ASN B 578 0.16 -0.09 -24.32
N HIS B 579 0.38 -1.08 -23.46
CA HIS B 579 -0.11 -1.11 -22.09
C HIS B 579 1.10 -0.98 -21.18
N ASN B 580 1.53 0.25 -20.94
CA ASN B 580 2.85 0.52 -20.40
C ASN B 580 2.88 0.44 -18.88
N ILE B 581 3.17 -0.75 -18.40
CA ILE B 581 3.24 -1.03 -16.98
C ILE B 581 4.35 -0.21 -16.33
N LEU B 582 5.50 -0.07 -17.03
CA LEU B 582 6.59 0.78 -16.60
C LEU B 582 6.62 2.02 -17.47
N SER B 583 6.05 3.10 -16.95
CA SER B 583 6.03 4.36 -17.68
C SER B 583 6.97 5.28 -16.94
N THR B 584 7.94 5.83 -17.67
CA THR B 584 9.05 6.55 -17.06
C THR B 584 9.21 7.93 -17.67
N SER B 585 9.78 8.83 -16.89
CA SER B 585 10.06 10.20 -17.37
C SER B 585 11.15 10.82 -16.53
N THR B 586 11.96 11.68 -17.15
CA THR B 586 13.04 12.37 -16.44
C THR B 586 13.14 13.82 -16.88
N LEU B 587 13.81 14.61 -16.05
CA LEU B 587 14.08 16.02 -16.28
C LEU B 587 15.48 16.27 -15.75
N ASN B 588 16.27 17.07 -16.48
CA ASN B 588 17.55 17.55 -16.02
C ASN B 588 17.49 19.07 -15.97
N SER B 589 17.35 19.61 -14.77
CA SER B 589 17.28 21.05 -14.56
C SER B 589 17.61 21.46 -13.13
N PRO B 590 18.43 22.53 -12.97
CA PRO B 590 18.69 23.06 -11.63
C PRO B 590 17.48 23.72 -10.97
N ALA B 591 16.43 23.99 -11.74
CA ALA B 591 15.21 24.58 -11.21
C ALA B 591 14.25 23.55 -10.58
N VAL B 592 14.38 22.28 -10.95
CA VAL B 592 13.41 21.25 -10.58
C VAL B 592 13.88 20.51 -9.35
N SER B 593 13.04 20.51 -8.33
CA SER B 593 13.27 19.73 -7.11
C SER B 593 12.92 18.29 -7.38
N LEU B 594 11.70 18.08 -7.88
CA LEU B 594 11.22 16.78 -8.30
C LEU B 594 9.99 16.93 -9.17
N GLY B 595 9.61 15.86 -9.85
CA GLY B 595 8.40 15.83 -10.63
C GLY B 595 7.65 14.55 -10.31
N GLY B 596 6.50 14.39 -10.93
CA GLY B 596 5.68 13.21 -10.70
C GLY B 596 4.54 13.08 -11.66
N PHE B 597 4.07 11.85 -11.80
CA PHE B 597 2.91 11.56 -12.60
C PHE B 597 2.36 10.21 -12.15
N ALA B 598 1.07 9.99 -12.36
CA ALA B 598 0.44 8.73 -12.00
C ALA B 598 0.71 7.66 -13.06
N PRO B 599 0.48 6.40 -12.70
CA PRO B 599 0.62 5.35 -13.71
C PRO B 599 -0.32 5.60 -14.89
N VAL B 600 0.04 5.08 -16.06
CA VAL B 600 -0.82 5.26 -17.24
C VAL B 600 -1.80 4.11 -17.45
N VAL B 601 -1.63 3.04 -16.67
CA VAL B 601 -2.54 1.92 -16.66
C VAL B 601 -2.79 1.49 -15.23
N PRO B 602 -3.91 0.79 -14.98
CA PRO B 602 -4.25 0.48 -13.59
C PRO B 602 -3.23 -0.36 -12.83
N ASP B 603 -2.54 -1.24 -13.55
CA ASP B 603 -1.52 -2.11 -12.95
C ASP B 603 -0.12 -1.61 -13.28
N GLY B 604 0.04 -0.30 -13.41
CA GLY B 604 1.32 0.25 -13.73
C GLY B 604 1.97 1.01 -12.59
N PHE B 605 3.20 1.38 -12.86
CA PHE B 605 4.00 2.34 -12.08
C PHE B 605 4.24 3.58 -12.93
N GLY B 606 4.23 4.72 -12.27
CA GLY B 606 4.66 5.99 -12.87
C GLY B 606 5.98 6.38 -12.25
N ILE B 607 7.05 6.24 -13.04
CA ILE B 607 8.41 6.41 -12.55
C ILE B 607 9.03 7.74 -13.03
N ALA B 608 9.07 8.71 -12.12
CA ALA B 608 9.76 9.96 -12.37
C ALA B 608 11.15 9.83 -11.77
N TYR B 609 12.18 10.05 -12.56
CA TYR B 609 13.52 9.86 -12.07
C TYR B 609 14.45 10.96 -12.55
N ALA B 610 15.58 11.09 -11.87
CA ALA B 610 16.63 12.00 -12.29
C ALA B 610 17.96 11.48 -11.80
N VAL B 611 18.93 11.41 -12.71
CA VAL B 611 20.28 11.06 -12.35
C VAL B 611 21.07 12.36 -12.20
N HIS B 612 21.40 12.67 -10.95
CA HIS B 612 22.18 13.87 -10.64
C HIS B 612 23.65 13.50 -10.67
N ASP B 613 24.52 14.48 -10.46
CA ASP B 613 25.96 14.21 -10.52
C ASP B 613 26.41 13.16 -9.51
N ASP B 614 25.85 13.19 -8.31
CA ASP B 614 26.32 12.38 -7.19
C ASP B 614 25.26 11.46 -6.58
N TRP B 615 24.06 11.45 -7.15
CA TRP B 615 22.96 10.68 -6.59
C TRP B 615 21.85 10.51 -7.62
N ILE B 616 20.91 9.61 -7.32
CA ILE B 616 19.80 9.30 -8.22
C ILE B 616 18.50 9.35 -7.43
N GLY B 617 17.51 10.09 -7.94
CA GLY B 617 16.19 10.21 -7.30
C GLY B 617 15.12 9.53 -8.13
N CYS B 618 14.15 8.93 -7.44
CA CYS B 618 13.06 8.23 -8.08
C CYS B 618 11.80 8.53 -7.28
N ASN B 619 10.75 8.99 -7.95
CA ASN B 619 9.44 9.27 -7.35
C ASN B 619 8.47 8.38 -8.13
N VAL B 620 7.99 7.32 -7.48
CA VAL B 620 7.18 6.28 -8.11
C VAL B 620 5.76 6.28 -7.57
N SER B 621 4.81 6.33 -8.49
CA SER B 621 3.39 6.24 -8.20
C SER B 621 2.86 4.87 -8.57
N SER B 622 1.77 4.47 -7.93
CA SER B 622 1.12 3.20 -8.19
C SER B 622 -0.32 3.28 -7.73
N TYR B 623 -1.14 2.38 -8.24
CA TYR B 623 -2.50 2.20 -7.76
C TYR B 623 -2.50 0.93 -6.92
N SER B 624 -3.68 0.51 -6.48
CA SER B 624 -3.78 -0.64 -5.57
C SER B 624 -3.18 -1.94 -6.12
N GLY B 625 -3.15 -2.10 -7.44
CA GLY B 625 -2.68 -3.34 -8.07
C GLY B 625 -1.18 -3.60 -8.10
N ARG B 626 -0.39 -2.59 -7.74
CA ARG B 626 1.07 -2.74 -7.66
C ARG B 626 1.58 -2.24 -6.32
N ASN B 627 2.74 -2.74 -5.92
CA ASN B 627 3.31 -2.43 -4.60
C ASN B 627 4.53 -1.55 -4.81
N ALA B 628 4.35 -0.25 -4.65
CA ALA B 628 5.44 0.71 -4.88
C ALA B 628 6.50 0.68 -3.79
N ARG B 629 6.11 0.33 -2.57
CA ARG B 629 7.07 0.21 -1.46
C ARG B 629 8.12 -0.83 -1.80
N GLU B 630 7.68 -2.02 -2.17
CA GLU B 630 8.59 -3.09 -2.52
C GLU B 630 9.35 -2.74 -3.78
N PHE B 631 8.67 -2.17 -4.78
CA PHE B 631 9.37 -1.77 -5.99
C PHE B 631 10.54 -0.81 -5.72
N LEU B 632 10.30 0.20 -4.88
CA LEU B 632 11.34 1.16 -4.54
C LEU B 632 12.48 0.49 -3.78
N HIS B 633 12.18 -0.44 -2.87
CA HIS B 633 13.22 -1.19 -2.22
C HIS B 633 14.03 -1.96 -3.26
N CYS B 634 13.33 -2.57 -4.23
CA CYS B 634 14.03 -3.31 -5.29
C CYS B 634 14.91 -2.40 -6.15
N VAL B 635 14.44 -1.19 -6.45
CA VAL B 635 15.23 -0.27 -7.26
C VAL B 635 16.50 0.10 -6.50
N GLN B 636 16.36 0.37 -5.20
CA GLN B 636 17.51 0.66 -4.36
C GLN B 636 18.52 -0.51 -4.37
N LYS B 637 18.03 -1.73 -4.17
CA LYS B 637 18.90 -2.91 -4.14
C LYS B 637 19.56 -3.12 -5.51
N CYS B 638 18.80 -2.98 -6.58
CA CYS B 638 19.37 -3.12 -7.92
C CYS B 638 20.48 -2.10 -8.22
N LEU B 639 20.26 -0.83 -7.83
CA LEU B 639 21.28 0.21 -8.01
C LEU B 639 22.52 -0.12 -7.17
N GLU B 640 22.32 -0.62 -5.95
CA GLU B 640 23.42 -1.06 -5.12
C GLU B 640 24.25 -2.15 -5.80
N ASP B 641 23.57 -3.13 -6.38
CA ASP B 641 24.23 -4.23 -7.11
C ASP B 641 24.95 -3.76 -8.37
N ILE B 642 24.29 -2.87 -9.12
CA ILE B 642 24.91 -2.30 -10.31
C ILE B 642 26.20 -1.58 -9.93
N PHE B 643 26.13 -0.73 -8.91
CA PHE B 643 27.32 0.01 -8.50
C PHE B 643 28.38 -0.92 -7.92
N ASP B 644 27.97 -1.93 -7.16
CA ASP B 644 28.91 -2.93 -6.64
C ASP B 644 29.63 -3.60 -7.80
N ALA B 645 28.88 -4.01 -8.82
CA ALA B 645 29.50 -4.69 -9.97
C ALA B 645 30.46 -3.78 -10.72
N LEU B 646 30.09 -2.52 -10.90
CA LEU B 646 30.95 -1.55 -11.56
C LEU B 646 32.22 -1.24 -10.79
N GLU B 647 32.16 -1.40 -9.47
CA GLU B 647 33.31 -1.21 -8.58
C GLU B 647 34.19 -2.46 -8.52
N GLY B 648 33.75 -3.53 -9.19
CA GLY B 648 34.48 -4.78 -9.26
C GLY B 648 34.20 -5.73 -8.12
N LYS B 649 33.18 -5.43 -7.33
CA LYS B 649 32.82 -6.27 -6.19
C LYS B 649 31.93 -7.42 -6.61
N ALA B 650 32.04 -8.53 -5.88
CA ALA B 650 31.11 -9.64 -6.03
C ALA B 650 29.75 -9.17 -5.56
N ILE B 651 28.71 -9.61 -6.24
CA ILE B 651 27.33 -9.24 -5.90
C ILE B 651 26.93 -9.83 -4.56
N LYS B 652 26.32 -8.98 -3.71
CA LYS B 652 25.82 -9.41 -2.40
C LYS B 652 24.48 -10.10 -2.59
N1A COA C . -0.03 -51.20 31.27
C2A COA C . -1.32 -50.92 31.65
N3A COA C . -2.40 -51.26 30.84
C4A COA C . -2.16 -51.89 29.66
C5A COA C . -0.86 -52.20 29.25
C6A COA C . 0.22 -51.86 30.06
N6A COA C . 1.48 -52.19 29.71
N7A COA C . -0.92 -52.82 28.05
C8A COA C . -2.23 -52.89 27.69
N9A COA C . -3.00 -52.33 28.67
C1B COA C . -4.47 -52.22 28.69
C2B COA C . -5.07 -51.71 27.40
O2B COA C . -5.20 -50.30 27.40
C3B COA C . -6.44 -52.38 27.42
O3B COA C . -7.32 -51.57 28.16
P3B COA C . -8.92 -51.58 27.97
O7A COA C . -9.27 -51.42 26.52
O8A COA C . -9.46 -52.90 28.49
O9A COA C . -9.50 -50.42 28.77
C4B COA C . -6.21 -53.70 28.15
O4B COA C . -5.01 -53.51 28.90
C5B COA C . -6.02 -54.87 27.20
O5B COA C . -5.06 -54.53 26.22
P1A COA C . -4.76 -55.49 24.97
O1A COA C . -6.00 -55.59 24.10
O2A COA C . -3.58 -55.01 24.17
O3A COA C . -4.45 -56.93 25.64
P2A COA C . -3.00 -57.30 26.25
O4A COA C . -2.19 -56.05 26.52
O5A COA C . -3.13 -58.14 27.49
O6A COA C . -2.29 -58.14 25.07
C1 PLM D . -7.81 -10.04 3.01
C2 PLM D . -9.02 -10.71 3.63
C3 PLM D . -9.75 -9.78 4.61
C4 PLM D . -10.28 -10.50 5.85
C5 PLM D . -9.48 -10.12 7.10
C6 PLM D . -10.10 -10.69 8.37
C7 PLM D . -9.34 -10.16 9.57
C8 PLM D . -8.11 -10.99 9.78
C9 PLM D . -7.13 -10.37 10.75
CA PLM D . -7.53 -10.62 12.20
CB PLM D . -7.48 -12.10 12.52
CC PLM D . -7.81 -12.58 13.94
CD PLM D . -6.70 -13.58 14.36
CE PLM D . -7.07 -14.90 15.01
CF PLM D . -5.76 -15.55 15.47
CG PLM D . -5.15 -14.83 16.67
C1 BOG E . 20.44 24.74 -48.82
O1 BOG E . 20.94 25.17 -47.56
C2 BOG E . 20.12 23.26 -48.74
O2 BOG E . 21.35 22.51 -48.66
C3 BOG E . 19.31 22.75 -49.93
O3 BOG E . 18.81 21.44 -49.64
C4 BOG E . 18.13 23.69 -50.21
O4 BOG E . 17.48 23.27 -51.42
C5 BOG E . 18.62 25.13 -50.32
O5 BOG E . 19.26 25.49 -49.10
C6 BOG E . 17.47 26.10 -50.57
O6 BOG E . 16.57 26.08 -49.45
C1' BOG E . 22.20 25.84 -47.56
C2' BOG E . 22.04 27.21 -46.88
C3' BOG E . 23.32 27.64 -46.18
C4' BOG E . 23.10 28.85 -45.28
C5' BOG E . 24.30 29.06 -44.36
C6' BOG E . 24.06 30.17 -43.36
C7' BOG E . 25.36 30.82 -42.88
C8' BOG E . 25.42 31.06 -41.38
N1A COA F . -30.80 24.24 -26.05
C2A COA F . -30.61 22.88 -26.18
N3A COA F . -30.77 22.06 -25.08
C4A COA F . -31.11 22.60 -23.90
C5A COA F . -31.29 23.97 -23.74
C6A COA F . -31.13 24.80 -24.84
N6A COA F . -31.28 26.12 -24.72
N7A COA F . -31.62 24.22 -22.44
C8A COA F . -31.64 23.04 -21.78
N9A COA F . -31.33 22.04 -22.66
C1B COA F . -31.32 20.60 -22.41
C2B COA F . -30.71 20.24 -21.06
O2B COA F . -29.30 20.16 -21.12
C3B COA F . -31.39 18.90 -20.82
O3B COA F . -30.72 17.90 -21.53
P3B COA F . -30.71 16.40 -20.99
O7A COA F . -30.07 16.38 -19.62
O8A COA F . -32.13 15.89 -20.89
O9A COA F . -29.90 15.55 -21.95
C4B COA F . -32.78 19.10 -21.40
O4B COA F . -32.66 20.10 -22.39
C5B COA F . -33.80 19.53 -20.35
O5B COA F . -33.53 20.84 -19.94
P1A COA F . -33.78 21.36 -18.42
O1A COA F . -34.62 22.62 -18.49
O2A COA F . -34.41 20.31 -17.56
O3A COA F . -32.30 21.72 -17.90
C1 PLM G . 5.23 13.70 -18.52
C2 PLM G . 5.78 15.09 -18.74
C3 PLM G . 7.16 15.23 -18.11
C4 PLM G . 7.37 16.51 -17.27
C5 PLM G . 6.61 16.56 -15.94
C6 PLM G . 6.73 15.31 -15.09
C7 PLM G . 8.15 15.16 -14.60
C8 PLM G . 8.45 13.74 -14.17
C9 PLM G . 9.95 13.58 -14.10
CA PLM G . 10.51 14.38 -12.95
CB PLM G . 12.00 14.21 -12.81
CC PLM G . 12.48 14.88 -11.55
CD PLM G . 12.01 14.09 -10.36
CE PLM G . 12.88 12.89 -10.10
CF PLM G . 12.39 12.23 -8.83
CG PLM G . 13.05 12.85 -7.61
#